data_1W2Q
#
_entry.id   1W2Q
#
_cell.length_a   1.000
_cell.length_b   1.000
_cell.length_c   1.000
_cell.angle_alpha   90.00
_cell.angle_beta   90.00
_cell.angle_gamma   90.00
#
_symmetry.space_group_name_H-M   'P 1'
#
_entity_poly.entity_id   1
_entity_poly.type   'polypeptide(L)'
_entity_poly.pdbx_seq_one_letter_code
;GPMRRERGRQGDSSSCERQVDRVNLKPCEQHIMQRIMGEQEQYDSYDIRSTRSSDQQQRCCDELNEMENTQGCMCEALQQ
IMENQCDRLQDRQMVQQFKRELMSLPQQCNFRAPQRCDLDVSGGRCS
;
_entity_poly.pdbx_strand_id   A
#
# COMPACT_ATOMS: atom_id res chain seq x y z
N GLY A 1 -31.00 -16.66 28.13
CA GLY A 1 -30.84 -16.52 26.66
C GLY A 1 -30.02 -17.69 26.11
N PRO A 2 -30.70 -18.72 25.61
CA PRO A 2 -30.06 -19.92 25.05
C PRO A 2 -29.35 -19.61 23.72
N MET A 3 -28.33 -20.35 23.40
CA MET A 3 -27.60 -20.10 22.12
C MET A 3 -28.57 -20.27 20.95
N ARG A 4 -29.57 -21.09 21.10
CA ARG A 4 -30.55 -21.29 19.99
C ARG A 4 -31.02 -19.94 19.48
N ARG A 5 -31.10 -18.96 20.34
CA ARG A 5 -31.56 -17.62 19.88
C ARG A 5 -30.67 -17.13 18.74
N GLU A 6 -31.22 -16.39 17.81
CA GLU A 6 -30.41 -15.88 16.67
C GLU A 6 -29.26 -15.02 17.21
N ARG A 7 -28.17 -14.98 16.52
CA ARG A 7 -27.02 -14.15 16.99
C ARG A 7 -27.49 -12.72 17.24
N GLY A 8 -28.33 -12.21 16.37
CA GLY A 8 -28.83 -10.81 16.57
C GLY A 8 -27.93 -9.84 15.80
N ARG A 9 -27.11 -10.34 14.92
CA ARG A 9 -26.21 -9.45 14.15
C ARG A 9 -26.49 -9.62 12.65
N GLN A 10 -26.71 -8.54 11.95
CA GLN A 10 -26.99 -8.64 10.50
C GLN A 10 -26.45 -7.40 9.78
N GLY A 11 -26.22 -7.49 8.50
CA GLY A 11 -25.69 -6.32 7.75
C GLY A 11 -24.17 -6.44 7.62
N ASP A 12 -23.59 -7.49 8.15
CA ASP A 12 -22.12 -7.67 8.06
C ASP A 12 -21.77 -8.44 6.78
N SER A 13 -22.74 -8.66 5.93
CA SER A 13 -22.47 -9.41 4.67
C SER A 13 -21.62 -8.54 3.73
N SER A 14 -21.62 -7.25 3.94
CA SER A 14 -20.81 -6.37 3.05
C SER A 14 -19.89 -5.50 3.92
N SER A 15 -18.74 -5.16 3.41
CA SER A 15 -17.79 -4.32 4.19
C SER A 15 -16.72 -3.75 3.25
N CYS A 16 -16.33 -2.52 3.48
CA CYS A 16 -15.30 -1.91 2.59
C CYS A 16 -14.18 -2.92 2.33
N GLU A 17 -13.89 -3.77 3.28
CA GLU A 17 -12.81 -4.78 3.08
C GLU A 17 -12.99 -5.44 1.71
N ARG A 18 -14.20 -5.77 1.35
CA ARG A 18 -14.43 -6.41 0.03
C ARG A 18 -13.84 -5.53 -1.07
N GLN A 19 -13.76 -4.25 -0.83
CA GLN A 19 -13.19 -3.34 -1.86
C GLN A 19 -11.67 -3.53 -1.92
N VAL A 20 -11.09 -4.05 -0.88
CA VAL A 20 -9.62 -4.26 -0.87
C VAL A 20 -9.26 -5.38 -1.86
N ASP A 21 -10.12 -6.36 -2.00
CA ASP A 21 -9.83 -7.46 -2.94
C ASP A 21 -9.63 -6.89 -4.36
N ARG A 22 -10.25 -5.77 -4.64
CA ARG A 22 -10.11 -5.16 -5.99
C ARG A 22 -8.74 -4.48 -6.09
N VAL A 23 -8.07 -4.30 -4.98
CA VAL A 23 -6.73 -3.65 -5.02
C VAL A 23 -5.83 -4.37 -6.04
N ASN A 24 -5.19 -5.42 -5.63
CA ASN A 24 -4.30 -6.17 -6.56
C ASN A 24 -3.23 -5.22 -7.09
N LEU A 25 -2.45 -4.66 -6.22
CA LEU A 25 -1.37 -3.71 -6.66
C LEU A 25 -0.01 -4.40 -6.53
N LYS A 26 0.23 -5.43 -7.30
CA LYS A 26 1.54 -6.13 -7.22
C LYS A 26 2.66 -5.22 -7.72
N PRO A 27 2.40 -4.43 -8.79
CA PRO A 27 3.40 -3.52 -9.36
C PRO A 27 3.73 -2.37 -8.40
N CYS A 28 2.79 -1.97 -7.61
CA CYS A 28 3.06 -0.85 -6.65
C CYS A 28 3.98 -1.37 -5.54
N GLU A 29 3.58 -2.42 -4.88
CA GLU A 29 4.45 -2.97 -3.80
C GLU A 29 5.83 -3.27 -4.37
N GLN A 30 5.89 -3.67 -5.62
CA GLN A 30 7.21 -3.97 -6.25
C GLN A 30 7.98 -2.67 -6.47
N HIS A 31 7.28 -1.57 -6.56
CA HIS A 31 7.97 -0.27 -6.77
C HIS A 31 8.51 0.22 -5.43
N ILE A 32 7.95 -0.25 -4.36
CA ILE A 32 8.43 0.19 -3.01
C ILE A 32 9.45 -0.82 -2.48
N MET A 33 9.14 -2.09 -2.57
CA MET A 33 10.09 -3.12 -2.07
C MET A 33 11.36 -3.10 -2.94
N GLN A 34 11.20 -2.92 -4.23
CA GLN A 34 12.39 -2.90 -5.12
C GLN A 34 13.23 -1.65 -4.85
N ARG A 35 12.59 -0.54 -4.59
CA ARG A 35 13.37 0.70 -4.33
C ARG A 35 14.25 0.52 -3.10
N ILE A 36 13.69 0.05 -2.02
CA ILE A 36 14.50 -0.15 -0.79
C ILE A 36 15.59 -1.20 -1.04
N MET A 37 15.53 -1.88 -2.14
CA MET A 37 16.57 -2.91 -2.43
C MET A 37 17.95 -2.27 -2.39
N GLY A 38 18.07 -1.08 -2.90
CA GLY A 38 19.39 -0.38 -2.89
C GLY A 38 20.34 -1.07 -3.88
N GLU A 39 20.71 -2.29 -3.60
CA GLU A 39 21.63 -3.02 -4.52
C GLU A 39 20.87 -3.43 -5.79
N GLN A 40 19.59 -3.65 -5.69
CA GLN A 40 18.81 -4.05 -6.89
C GLN A 40 18.78 -2.89 -7.89
N GLU A 41 18.85 -1.68 -7.42
CA GLU A 41 18.82 -0.52 -8.35
C GLU A 41 20.24 0.01 -8.54
N GLN A 42 20.39 1.21 -9.05
CA GLN A 42 21.74 1.77 -9.25
C GLN A 42 22.48 0.95 -10.31
N TYR A 43 21.79 0.51 -11.33
CA TYR A 43 22.45 -0.29 -12.39
C TYR A 43 21.79 -0.01 -13.74
N ASP A 44 22.46 -0.32 -14.82
CA ASP A 44 21.86 -0.06 -16.17
C ASP A 44 21.24 1.34 -16.19
N SER A 45 21.94 2.32 -15.69
CA SER A 45 21.38 3.70 -15.69
C SER A 45 20.94 4.07 -17.10
N TYR A 46 19.90 4.86 -17.22
CA TYR A 46 19.41 5.26 -18.57
C TYR A 46 19.39 6.78 -18.68
N ASP A 47 19.65 7.31 -19.84
CA ASP A 47 19.64 8.78 -20.01
C ASP A 47 18.24 9.32 -19.72
N ILE A 48 18.14 10.49 -19.14
CA ILE A 48 16.81 11.06 -18.84
C ILE A 48 15.97 11.12 -20.12
N ARG A 49 16.59 11.42 -21.22
CA ARG A 49 15.84 11.50 -22.51
C ARG A 49 15.04 10.21 -22.71
N SER A 50 15.59 9.09 -22.31
CA SER A 50 14.87 7.80 -22.48
C SER A 50 13.92 7.59 -21.31
N THR A 51 12.84 6.89 -21.53
CA THR A 51 11.87 6.64 -20.42
C THR A 51 12.44 5.59 -19.46
N ARG A 52 11.93 5.53 -18.27
CA ARG A 52 12.44 4.52 -17.30
C ARG A 52 11.28 3.64 -16.82
N SER A 53 11.52 2.37 -16.65
CA SER A 53 10.44 1.47 -16.18
C SER A 53 9.88 1.97 -14.84
N SER A 54 10.71 2.56 -14.03
CA SER A 54 10.23 3.07 -12.72
C SER A 54 9.16 4.14 -12.95
N ASP A 55 9.26 4.87 -14.02
CA ASP A 55 8.25 5.93 -14.31
C ASP A 55 6.88 5.28 -14.49
N GLN A 56 6.84 4.03 -14.83
CA GLN A 56 5.53 3.35 -15.03
C GLN A 56 4.90 3.05 -13.66
N GLN A 57 5.71 2.89 -12.66
CA GLN A 57 5.17 2.59 -11.30
C GLN A 57 4.38 3.80 -10.79
N GLN A 58 4.90 4.98 -10.98
CA GLN A 58 4.18 6.20 -10.50
C GLN A 58 2.71 6.11 -10.91
N ARG A 59 2.44 5.65 -12.10
CA ARG A 59 1.02 5.54 -12.55
C ARG A 59 0.21 4.86 -11.46
N CYS A 60 0.80 3.93 -10.75
CA CYS A 60 0.05 3.24 -9.67
C CYS A 60 -0.74 4.27 -8.87
N CYS A 61 -0.10 4.94 -7.96
CA CYS A 61 -0.81 5.97 -7.14
C CYS A 61 -1.73 6.78 -8.06
N ASP A 62 -1.23 7.24 -9.16
CA ASP A 62 -2.08 8.02 -10.10
C ASP A 62 -3.37 7.26 -10.38
N GLU A 63 -3.30 5.96 -10.41
CA GLU A 63 -4.53 5.15 -10.67
C GLU A 63 -5.42 5.22 -9.45
N LEU A 64 -4.88 4.98 -8.28
CA LEU A 64 -5.72 5.05 -7.05
C LEU A 64 -6.22 6.47 -6.84
N ASN A 65 -5.72 7.40 -7.63
CA ASN A 65 -6.18 8.81 -7.47
C ASN A 65 -7.54 8.98 -8.15
N GLU A 66 -7.71 8.44 -9.33
CA GLU A 66 -9.01 8.57 -10.03
C GLU A 66 -9.39 7.27 -10.73
N MET A 67 -8.52 6.29 -10.69
CA MET A 67 -8.83 4.99 -11.36
C MET A 67 -9.70 4.15 -10.44
N GLU A 68 -9.14 3.62 -9.39
CA GLU A 68 -9.93 2.78 -8.45
C GLU A 68 -10.78 3.68 -7.54
N ASN A 69 -10.69 4.97 -7.72
CA ASN A 69 -11.48 5.89 -6.86
C ASN A 69 -11.44 5.41 -5.40
N THR A 70 -10.26 5.25 -4.87
CA THR A 70 -10.16 4.78 -3.45
C THR A 70 -10.67 5.87 -2.51
N GLN A 71 -10.80 5.57 -1.25
CA GLN A 71 -11.30 6.59 -0.29
C GLN A 71 -10.57 6.44 1.05
N GLY A 72 -11.24 6.72 2.14
CA GLY A 72 -10.59 6.59 3.47
C GLY A 72 -10.17 5.13 3.69
N CYS A 73 -10.67 4.24 2.90
CA CYS A 73 -10.31 2.80 3.07
C CYS A 73 -8.87 2.58 2.59
N MET A 74 -8.24 3.62 2.09
CA MET A 74 -6.83 3.47 1.62
C MET A 74 -6.03 2.65 2.65
N CYS A 75 -6.16 2.97 3.90
CA CYS A 75 -5.41 2.21 4.94
C CYS A 75 -5.54 0.72 4.65
N GLU A 76 -6.74 0.24 4.48
CA GLU A 76 -6.93 -1.21 4.19
C GLU A 76 -6.26 -1.55 2.86
N ALA A 77 -6.07 -0.57 2.02
CA ALA A 77 -5.41 -0.82 0.71
C ALA A 77 -3.91 -0.92 0.92
N LEU A 78 -3.32 0.06 1.55
CA LEU A 78 -1.85 0.01 1.79
C LEU A 78 -1.54 -1.20 2.68
N GLN A 79 -2.31 -1.39 3.71
CA GLN A 79 -2.07 -2.54 4.62
C GLN A 79 -2.13 -3.84 3.81
N GLN A 80 -3.03 -3.92 2.87
CA GLN A 80 -3.13 -5.14 2.03
C GLN A 80 -1.81 -5.35 1.28
N ILE A 81 -1.32 -4.33 0.65
CA ILE A 81 -0.03 -4.46 -0.09
C ILE A 81 1.01 -5.11 0.82
N MET A 82 1.36 -4.46 1.89
CA MET A 82 2.36 -5.05 2.82
C MET A 82 2.00 -6.51 3.08
N GLU A 83 0.77 -6.78 3.41
CA GLU A 83 0.35 -8.18 3.67
C GLU A 83 0.43 -8.96 2.36
N ASN A 84 0.41 -8.28 1.25
CA ASN A 84 0.49 -8.99 -0.06
C ASN A 84 1.90 -9.51 -0.27
N GLN A 85 2.87 -8.94 0.39
CA GLN A 85 4.28 -9.41 0.23
C GLN A 85 5.12 -8.97 1.43
N CYS A 86 4.64 -9.19 2.62
CA CYS A 86 5.42 -8.78 3.83
C CYS A 86 5.85 -10.03 4.61
N ASP A 87 5.39 -11.18 4.21
CA ASP A 87 5.77 -12.43 4.92
C ASP A 87 7.29 -12.49 5.09
N ARG A 88 8.02 -11.77 4.29
CA ARG A 88 9.50 -11.78 4.39
C ARG A 88 10.00 -10.44 4.93
N LEU A 89 9.11 -9.60 5.38
CA LEU A 89 9.54 -8.27 5.91
C LEU A 89 10.30 -8.48 7.22
N GLN A 90 9.76 -9.24 8.13
CA GLN A 90 10.47 -9.47 9.42
C GLN A 90 11.85 -10.06 9.15
N ASP A 91 12.00 -10.79 8.08
CA ASP A 91 13.33 -11.40 7.77
C ASP A 91 14.41 -10.32 7.85
N ARG A 92 14.13 -9.14 7.37
CA ARG A 92 15.15 -8.04 7.41
C ARG A 92 14.49 -6.75 7.90
N GLN A 93 15.23 -5.67 7.93
CA GLN A 93 14.65 -4.39 8.41
C GLN A 93 13.88 -3.72 7.26
N MET A 94 13.75 -4.39 6.15
CA MET A 94 13.01 -3.79 5.00
C MET A 94 11.76 -3.08 5.51
N VAL A 95 11.20 -3.54 6.60
CA VAL A 95 9.98 -2.88 7.15
C VAL A 95 10.27 -1.41 7.44
N GLN A 96 11.49 -1.08 7.76
CA GLN A 96 11.82 0.34 8.04
C GLN A 96 11.80 1.14 6.75
N GLN A 97 12.89 1.15 6.02
CA GLN A 97 12.92 1.91 4.74
C GLN A 97 11.60 1.73 4.01
N PHE A 98 11.16 0.51 3.82
CA PHE A 98 9.87 0.29 3.12
C PHE A 98 8.79 1.14 3.77
N LYS A 99 8.82 1.26 5.07
CA LYS A 99 7.80 2.08 5.77
C LYS A 99 7.95 3.54 5.32
N ARG A 100 9.17 4.02 5.26
CA ARG A 100 9.39 5.42 4.83
C ARG A 100 8.88 5.58 3.40
N GLU A 101 9.29 4.73 2.50
CA GLU A 101 8.80 4.83 1.11
C GLU A 101 7.31 4.53 1.09
N LEU A 102 6.90 3.51 1.79
CA LEU A 102 5.45 3.16 1.83
C LEU A 102 4.67 4.36 2.36
N MET A 103 5.30 5.19 3.14
CA MET A 103 4.59 6.39 3.69
C MET A 103 4.44 7.43 2.59
N SER A 104 5.32 7.43 1.63
CA SER A 104 5.22 8.42 0.52
C SER A 104 4.18 7.95 -0.51
N LEU A 105 4.04 6.67 -0.67
CA LEU A 105 3.05 6.15 -1.65
C LEU A 105 1.69 6.84 -1.44
N PRO A 106 1.21 6.86 -0.19
CA PRO A 106 -0.08 7.49 0.14
C PRO A 106 0.02 9.02 -0.03
N GLN A 107 1.19 9.51 -0.31
CA GLN A 107 1.35 10.98 -0.50
C GLN A 107 1.24 11.30 -1.99
N GLN A 108 1.88 10.52 -2.83
CA GLN A 108 1.81 10.78 -4.29
C GLN A 108 0.35 10.99 -4.70
N CYS A 109 -0.58 10.50 -3.92
CA CYS A 109 -2.01 10.68 -4.27
C CYS A 109 -2.63 11.72 -3.35
N ASN A 110 -2.09 11.89 -2.17
CA ASN A 110 -2.65 12.90 -1.23
C ASN A 110 -3.94 12.36 -0.61
N PHE A 111 -3.95 11.10 -0.24
CA PHE A 111 -5.17 10.51 0.37
C PHE A 111 -5.41 11.13 1.75
N ARG A 112 -4.42 11.78 2.30
CA ARG A 112 -4.59 12.40 3.64
C ARG A 112 -5.94 13.10 3.71
N ALA A 113 -6.49 13.23 4.88
CA ALA A 113 -7.81 13.90 5.02
C ALA A 113 -8.38 13.64 6.42
N PRO A 114 -8.59 12.37 6.76
CA PRO A 114 -9.13 11.98 8.07
C PRO A 114 -8.12 12.20 9.19
N GLN A 115 -8.56 12.68 10.33
CA GLN A 115 -7.62 12.92 11.46
C GLN A 115 -6.83 11.65 11.74
N ARG A 116 -7.48 10.52 11.76
CA ARG A 116 -6.76 9.24 12.04
C ARG A 116 -7.15 8.21 10.98
N CYS A 117 -6.22 7.38 10.58
CA CYS A 117 -6.53 6.35 9.55
C CYS A 117 -6.36 4.96 10.16
N ASP A 118 -5.27 4.73 10.86
CA ASP A 118 -5.04 3.40 11.47
C ASP A 118 -5.78 3.32 12.81
N LEU A 119 -6.32 2.17 13.13
CA LEU A 119 -7.07 2.02 14.41
C LEU A 119 -6.23 1.18 15.38
N ASP A 120 -6.11 1.61 16.60
CA ASP A 120 -5.32 0.82 17.59
C ASP A 120 -6.04 -0.48 17.91
N VAL A 121 -7.34 -0.49 17.81
CA VAL A 121 -8.11 -1.73 18.10
C VAL A 121 -7.73 -2.82 17.09
N SER A 122 -7.52 -2.44 15.86
CA SER A 122 -7.15 -3.46 14.82
C SER A 122 -5.72 -3.20 14.35
N GLY A 123 -5.03 -4.22 13.92
CA GLY A 123 -3.63 -4.04 13.46
C GLY A 123 -3.17 -5.29 12.71
N GLY A 124 -1.93 -5.34 12.30
CA GLY A 124 -1.42 -6.54 11.58
C GLY A 124 -0.14 -7.04 12.25
N ARG A 125 0.28 -8.23 11.93
CA ARG A 125 1.53 -8.77 12.55
C ARG A 125 2.74 -8.02 11.99
N CYS A 126 2.75 -7.74 10.72
CA CYS A 126 3.90 -7.01 10.12
C CYS A 126 4.11 -5.69 10.86
N SER A 127 3.13 -5.25 11.59
CA SER A 127 3.27 -3.97 12.34
C SER A 127 2.34 -3.97 13.56
N GLY A 1 -21.04 -16.13 23.82
CA GLY A 1 -21.35 -14.67 23.84
C GLY A 1 -20.18 -13.90 24.45
N PRO A 2 -19.11 -13.71 23.68
CA PRO A 2 -17.92 -12.99 24.14
C PRO A 2 -18.19 -11.49 24.31
N MET A 3 -17.42 -10.83 25.14
CA MET A 3 -17.64 -9.37 25.34
C MET A 3 -17.64 -8.66 23.99
N ARG A 4 -16.84 -9.11 23.06
CA ARG A 4 -16.81 -8.47 21.72
C ARG A 4 -18.17 -8.62 21.04
N ARG A 5 -18.60 -7.64 20.31
CA ARG A 5 -19.92 -7.74 19.62
C ARG A 5 -19.87 -8.86 18.59
N GLU A 6 -20.96 -9.54 18.38
CA GLU A 6 -20.98 -10.65 17.39
C GLU A 6 -20.52 -10.13 16.03
N ARG A 7 -20.83 -8.89 15.72
CA ARG A 7 -20.42 -8.33 14.41
C ARG A 7 -19.55 -7.08 14.64
N GLY A 8 -18.54 -6.89 13.85
CA GLY A 8 -17.67 -5.70 14.03
C GLY A 8 -18.16 -4.56 13.12
N ARG A 9 -19.32 -4.71 12.54
CA ARG A 9 -19.86 -3.64 11.65
C ARG A 9 -21.21 -3.17 12.17
N GLN A 10 -21.53 -1.92 11.98
CA GLN A 10 -22.84 -1.41 12.47
C GLN A 10 -23.97 -2.22 11.85
N GLY A 11 -23.85 -2.55 10.59
CA GLY A 11 -24.93 -3.35 9.93
C GLY A 11 -24.31 -4.24 8.85
N ASP A 12 -25.09 -5.12 8.28
CA ASP A 12 -24.54 -6.02 7.23
C ASP A 12 -24.29 -5.21 5.95
N SER A 13 -24.84 -4.03 5.87
CA SER A 13 -24.64 -3.20 4.64
C SER A 13 -23.16 -2.83 4.53
N SER A 14 -22.47 -2.73 5.64
CA SER A 14 -21.03 -2.36 5.59
C SER A 14 -20.24 -3.46 4.87
N SER A 15 -19.19 -3.10 4.19
CA SER A 15 -18.38 -4.12 3.47
C SER A 15 -17.22 -3.44 2.75
N CYS A 16 -16.70 -2.39 3.31
CA CYS A 16 -15.56 -1.68 2.65
C CYS A 16 -14.44 -2.68 2.38
N GLU A 17 -14.23 -3.62 3.27
CA GLU A 17 -13.15 -4.62 3.06
C GLU A 17 -13.30 -5.26 1.68
N ARG A 18 -14.51 -5.46 1.24
CA ARG A 18 -14.72 -6.07 -0.11
C ARG A 18 -14.01 -5.23 -1.17
N GLN A 19 -13.75 -3.99 -0.88
CA GLN A 19 -13.07 -3.12 -1.87
C GLN A 19 -11.57 -3.43 -1.87
N VAL A 20 -11.06 -3.91 -0.76
CA VAL A 20 -9.61 -4.23 -0.70
C VAL A 20 -9.32 -5.45 -1.57
N ASP A 21 -10.21 -6.40 -1.59
CA ASP A 21 -9.98 -7.62 -2.43
C ASP A 21 -9.78 -7.21 -3.88
N ARG A 22 -10.25 -6.05 -4.25
CA ARG A 22 -10.08 -5.58 -5.66
C ARG A 22 -9.06 -4.45 -5.70
N VAL A 23 -8.43 -4.16 -4.59
CA VAL A 23 -7.42 -3.07 -4.57
C VAL A 23 -6.35 -3.33 -5.63
N ASN A 24 -5.94 -4.56 -5.77
CA ASN A 24 -4.90 -4.89 -6.78
C ASN A 24 -3.85 -3.78 -6.83
N LEU A 25 -2.98 -3.74 -5.86
CA LEU A 25 -1.93 -2.67 -5.85
C LEU A 25 -0.54 -3.31 -5.88
N LYS A 26 -0.35 -4.29 -6.72
CA LYS A 26 0.99 -4.95 -6.80
C LYS A 26 2.02 -4.00 -7.43
N PRO A 27 1.59 -3.15 -8.39
CA PRO A 27 2.51 -2.21 -9.05
C PRO A 27 3.03 -1.17 -8.07
N CYS A 28 2.26 -0.83 -7.07
CA CYS A 28 2.73 0.17 -6.08
C CYS A 28 3.72 -0.52 -5.15
N GLU A 29 3.37 -1.67 -4.63
CA GLU A 29 4.30 -2.41 -3.74
C GLU A 29 5.66 -2.54 -4.44
N GLN A 30 5.64 -2.77 -5.72
CA GLN A 30 6.92 -2.92 -6.46
C GLN A 30 7.65 -1.57 -6.49
N HIS A 31 6.92 -0.48 -6.42
CA HIS A 31 7.58 0.84 -6.43
C HIS A 31 8.22 1.09 -5.07
N ILE A 32 7.76 0.40 -4.07
CA ILE A 32 8.35 0.58 -2.71
C ILE A 32 9.32 -0.55 -2.41
N MET A 33 8.93 -1.77 -2.65
CA MET A 33 9.83 -2.92 -2.38
C MET A 33 11.06 -2.81 -3.27
N GLN A 34 10.86 -2.50 -4.53
CA GLN A 34 12.02 -2.38 -5.47
C GLN A 34 12.89 -1.19 -5.05
N ARG A 35 12.29 -0.09 -4.69
CA ARG A 35 13.10 1.10 -4.28
C ARG A 35 13.92 0.77 -3.04
N ILE A 36 13.32 0.11 -2.08
CA ILE A 36 14.07 -0.22 -0.84
C ILE A 36 15.07 -1.36 -1.12
N MET A 37 15.09 -1.86 -2.33
CA MET A 37 16.04 -2.97 -2.64
C MET A 37 17.48 -2.49 -2.38
N GLY A 38 17.71 -1.21 -2.50
CA GLY A 38 19.08 -0.69 -2.26
C GLY A 38 20.05 -1.29 -3.28
N GLU A 39 21.22 -1.68 -2.84
CA GLU A 39 22.21 -2.28 -3.78
C GLU A 39 21.88 -3.75 -4.01
N GLN A 40 21.02 -4.30 -3.20
CA GLN A 40 20.66 -5.74 -3.37
C GLN A 40 19.24 -5.84 -3.92
N GLU A 41 19.03 -6.66 -4.91
CA GLU A 41 17.66 -6.81 -5.48
C GLU A 41 17.03 -8.11 -4.99
N GLN A 42 15.73 -8.21 -5.05
CA GLN A 42 15.06 -9.47 -4.58
C GLN A 42 15.55 -10.64 -5.44
N TYR A 43 15.74 -10.43 -6.71
CA TYR A 43 16.21 -11.54 -7.59
C TYR A 43 17.46 -11.08 -8.35
N ASP A 44 18.45 -11.93 -8.43
CA ASP A 44 19.69 -11.55 -9.16
C ASP A 44 19.67 -12.18 -10.55
N SER A 45 19.56 -11.36 -11.57
CA SER A 45 19.55 -11.91 -12.95
C SER A 45 20.75 -11.37 -13.74
N TYR A 46 21.40 -12.21 -14.49
CA TYR A 46 22.58 -11.74 -15.27
C TYR A 46 22.10 -10.83 -16.41
N ASP A 47 20.94 -11.11 -16.96
CA ASP A 47 20.43 -10.26 -18.06
C ASP A 47 19.75 -9.01 -17.48
N ILE A 48 20.21 -7.85 -17.84
CA ILE A 48 19.60 -6.60 -17.30
C ILE A 48 19.12 -5.73 -18.45
N ARG A 49 18.26 -4.80 -18.18
CA ARG A 49 17.75 -3.91 -19.27
C ARG A 49 18.16 -2.46 -18.98
N SER A 50 18.61 -1.75 -19.98
CA SER A 50 19.02 -0.34 -19.76
C SER A 50 17.79 0.50 -19.40
N THR A 51 16.64 0.10 -19.84
CA THR A 51 15.40 0.87 -19.53
C THR A 51 14.90 0.50 -18.13
N ARG A 52 14.54 1.47 -17.34
CA ARG A 52 14.05 1.16 -15.97
C ARG A 52 12.52 1.13 -15.97
N SER A 53 11.93 0.22 -15.25
CA SER A 53 10.45 0.14 -15.21
C SER A 53 9.91 1.12 -14.17
N SER A 54 10.75 1.98 -13.65
CA SER A 54 10.29 2.97 -12.65
C SER A 54 9.16 3.83 -13.23
N ASP A 55 9.24 4.14 -14.50
CA ASP A 55 8.19 4.97 -15.13
C ASP A 55 6.85 4.22 -15.08
N GLN A 56 6.90 2.91 -15.07
CA GLN A 56 5.64 2.13 -15.02
C GLN A 56 5.05 2.19 -13.61
N GLN A 57 5.89 2.29 -12.61
CA GLN A 57 5.39 2.35 -11.21
C GLN A 57 4.49 3.58 -11.06
N GLN A 58 4.88 4.69 -11.62
CA GLN A 58 4.04 5.92 -11.50
C GLN A 58 2.62 5.61 -11.98
N ARG A 59 2.46 4.59 -12.78
CA ARG A 59 1.11 4.24 -13.28
C ARG A 59 0.20 3.90 -12.10
N CYS A 60 0.67 3.09 -11.20
CA CYS A 60 -0.16 2.73 -10.02
C CYS A 60 -0.83 3.98 -9.47
N CYS A 61 -0.11 4.78 -8.74
CA CYS A 61 -0.70 6.03 -8.18
C CYS A 61 -1.54 6.72 -9.25
N ASP A 62 -1.06 6.74 -10.46
CA ASP A 62 -1.82 7.41 -11.56
C ASP A 62 -3.20 6.77 -11.67
N GLU A 63 -3.29 5.49 -11.48
CA GLU A 63 -4.62 4.80 -11.56
C GLU A 63 -5.50 5.30 -10.43
N LEU A 64 -4.98 5.35 -9.23
CA LEU A 64 -5.79 5.83 -8.07
C LEU A 64 -6.14 7.30 -8.28
N ASN A 65 -5.58 7.92 -9.29
CA ASN A 65 -5.88 9.36 -9.55
C ASN A 65 -7.20 9.46 -10.31
N GLU A 66 -7.55 8.44 -11.06
CA GLU A 66 -8.82 8.47 -11.84
C GLU A 66 -9.90 7.70 -11.07
N MET A 67 -9.51 6.69 -10.34
CA MET A 67 -10.52 5.90 -9.57
C MET A 67 -10.85 6.63 -8.27
N GLU A 68 -11.28 7.85 -8.37
CA GLU A 68 -11.62 8.61 -7.14
C GLU A 68 -12.41 7.72 -6.18
N ASN A 69 -13.11 6.75 -6.70
CA ASN A 69 -13.90 5.84 -5.82
C ASN A 69 -12.95 5.13 -4.84
N THR A 70 -11.72 4.95 -5.22
CA THR A 70 -10.76 4.27 -4.31
C THR A 70 -10.66 5.03 -2.99
N GLN A 71 -11.12 6.26 -2.97
CA GLN A 71 -11.04 7.06 -1.71
C GLN A 71 -11.73 6.29 -0.58
N GLY A 72 -11.08 6.16 0.55
CA GLY A 72 -11.70 5.42 1.69
C GLY A 72 -11.03 4.05 1.83
N CYS A 73 -10.84 3.61 3.04
CA CYS A 73 -10.19 2.28 3.26
C CYS A 73 -8.77 2.30 2.68
N MET A 74 -8.23 3.47 2.45
CA MET A 74 -6.85 3.55 1.89
C MET A 74 -5.91 2.67 2.71
N CYS A 75 -5.99 2.73 4.01
CA CYS A 75 -5.11 1.89 4.86
C CYS A 75 -5.36 0.42 4.55
N GLU A 76 -6.59 0.05 4.32
CA GLU A 76 -6.89 -1.38 4.02
C GLU A 76 -6.24 -1.76 2.70
N ALA A 77 -5.98 -0.80 1.86
CA ALA A 77 -5.32 -1.10 0.55
C ALA A 77 -3.82 -1.26 0.78
N LEU A 78 -3.18 -0.26 1.30
CA LEU A 78 -1.72 -0.38 1.56
C LEU A 78 -1.48 -1.55 2.50
N GLN A 79 -2.24 -1.62 3.57
CA GLN A 79 -2.08 -2.75 4.53
C GLN A 79 -2.17 -4.07 3.77
N GLN A 80 -3.08 -4.16 2.84
CA GLN A 80 -3.22 -5.43 2.07
C GLN A 80 -1.92 -5.70 1.31
N ILE A 81 -1.36 -4.68 0.71
CA ILE A 81 -0.09 -4.87 -0.04
C ILE A 81 0.92 -5.58 0.86
N MET A 82 1.31 -4.94 1.93
CA MET A 82 2.29 -5.58 2.85
C MET A 82 1.87 -7.03 3.10
N GLU A 83 0.63 -7.24 3.47
CA GLU A 83 0.16 -8.63 3.71
C GLU A 83 0.17 -9.40 2.40
N ASN A 84 0.19 -8.71 1.30
CA ASN A 84 0.22 -9.40 -0.03
C ASN A 84 1.62 -9.95 -0.28
N GLN A 85 2.61 -9.43 0.40
CA GLN A 85 4.00 -9.93 0.19
C GLN A 85 4.95 -9.28 1.20
N CYS A 86 4.64 -9.35 2.46
CA CYS A 86 5.55 -8.75 3.48
C CYS A 86 6.16 -9.86 4.34
N ASP A 87 5.99 -11.10 3.95
CA ASP A 87 6.56 -12.22 4.74
C ASP A 87 8.01 -11.90 5.11
N ARG A 88 8.74 -11.30 4.22
CA ARG A 88 10.16 -10.97 4.52
C ARG A 88 10.24 -9.57 5.15
N LEU A 89 9.18 -8.82 5.07
CA LEU A 89 9.20 -7.45 5.67
C LEU A 89 9.41 -7.56 7.18
N GLN A 90 8.99 -8.65 7.77
CA GLN A 90 9.17 -8.81 9.24
C GLN A 90 10.67 -8.74 9.58
N ASP A 91 11.51 -9.07 8.65
CA ASP A 91 12.97 -9.02 8.93
C ASP A 91 13.40 -7.56 9.11
N ARG A 92 14.31 -7.31 10.01
CA ARG A 92 14.78 -5.91 10.24
C ARG A 92 15.14 -5.27 8.90
N GLN A 93 15.42 -6.07 7.90
CA GLN A 93 15.78 -5.50 6.57
C GLN A 93 14.50 -5.13 5.81
N MET A 94 14.49 -4.01 5.15
CA MET A 94 13.28 -3.59 4.39
C MET A 94 12.22 -3.08 5.36
N VAL A 95 12.51 -3.07 6.63
CA VAL A 95 11.51 -2.57 7.62
C VAL A 95 11.47 -1.03 7.57
N GLN A 96 12.26 -0.39 8.39
CA GLN A 96 12.27 1.10 8.41
C GLN A 96 12.30 1.61 6.97
N GLN A 97 13.15 1.05 6.15
CA GLN A 97 13.23 1.51 4.74
C GLN A 97 11.83 1.42 4.09
N PHE A 98 11.29 0.24 4.01
CA PHE A 98 9.94 0.10 3.39
C PHE A 98 8.96 1.02 4.12
N LYS A 99 9.08 1.12 5.41
CA LYS A 99 8.16 2.01 6.18
C LYS A 99 8.31 3.44 5.69
N ARG A 100 9.53 3.86 5.48
CA ARG A 100 9.75 5.25 4.99
C ARG A 100 9.10 5.42 3.62
N GLU A 101 9.43 4.56 2.70
CA GLU A 101 8.82 4.66 1.34
C GLU A 101 7.33 4.37 1.46
N LEU A 102 6.96 3.41 2.26
CA LEU A 102 5.51 3.08 2.43
C LEU A 102 4.79 4.30 2.99
N MET A 103 5.46 5.09 3.80
CA MET A 103 4.82 6.30 4.37
C MET A 103 4.62 7.34 3.28
N SER A 104 5.52 7.39 2.33
CA SER A 104 5.38 8.38 1.23
C SER A 104 4.39 7.86 0.18
N LEU A 105 4.31 6.56 0.03
CA LEU A 105 3.37 5.99 -0.97
C LEU A 105 2.02 6.72 -0.89
N PRO A 106 1.45 6.85 0.32
CA PRO A 106 0.17 7.53 0.51
C PRO A 106 0.30 9.03 0.25
N GLN A 107 1.48 9.48 -0.03
CA GLN A 107 1.69 10.93 -0.31
C GLN A 107 1.85 11.13 -1.81
N GLN A 108 2.64 10.31 -2.45
CA GLN A 108 2.84 10.45 -3.92
C GLN A 108 1.49 10.67 -4.60
N CYS A 109 0.42 10.22 -4.01
CA CYS A 109 -0.91 10.39 -4.64
C CYS A 109 -1.60 11.63 -4.04
N ASN A 110 -1.06 12.16 -2.99
CA ASN A 110 -1.68 13.36 -2.35
C ASN A 110 -3.05 12.99 -1.77
N PHE A 111 -3.13 11.87 -1.11
CA PHE A 111 -4.43 11.45 -0.51
C PHE A 111 -4.65 12.20 0.81
N ARG A 112 -3.81 13.14 1.11
CA ARG A 112 -3.97 13.90 2.39
C ARG A 112 -5.45 14.20 2.63
N ALA A 113 -5.98 13.79 3.75
CA ALA A 113 -7.41 14.06 4.04
C ALA A 113 -7.54 14.76 5.39
N PRO A 114 -8.76 15.19 5.74
CA PRO A 114 -9.03 15.87 7.02
C PRO A 114 -8.90 14.92 8.21
N GLN A 115 -9.03 13.65 7.98
CA GLN A 115 -8.92 12.68 9.10
C GLN A 115 -7.68 11.79 8.88
N ARG A 116 -7.20 11.16 9.93
CA ARG A 116 -6.01 10.28 9.78
C ARG A 116 -6.38 8.85 10.15
N CYS A 117 -5.61 7.89 9.72
CA CYS A 117 -5.91 6.48 10.05
C CYS A 117 -5.68 6.23 11.54
N ASP A 118 -6.72 6.14 12.32
CA ASP A 118 -6.56 5.92 13.78
C ASP A 118 -5.84 4.59 14.01
N LEU A 119 -5.85 3.72 13.03
CA LEU A 119 -5.17 2.40 13.20
C LEU A 119 -3.65 2.59 13.05
N ASP A 120 -3.24 3.51 12.22
CA ASP A 120 -1.78 3.72 12.03
C ASP A 120 -1.10 3.85 13.40
N VAL A 121 -1.82 4.32 14.38
CA VAL A 121 -1.22 4.48 15.74
C VAL A 121 -0.84 3.10 16.29
N SER A 122 -1.62 2.09 15.98
CA SER A 122 -1.31 0.72 16.49
C SER A 122 -1.01 -0.20 15.30
N GLY A 123 -0.17 -1.17 15.50
CA GLY A 123 0.16 -2.11 14.39
C GLY A 123 -0.89 -3.22 14.32
N GLY A 124 -0.74 -4.14 13.40
CA GLY A 124 -1.74 -5.24 13.29
C GLY A 124 -1.09 -6.44 12.57
N ARG A 125 -1.78 -7.01 11.62
CA ARG A 125 -1.21 -8.17 10.89
C ARG A 125 0.08 -7.75 10.20
N CYS A 126 1.08 -8.60 10.21
CA CYS A 126 2.38 -8.25 9.56
C CYS A 126 2.78 -6.82 9.97
N SER A 127 2.33 -6.38 11.11
CA SER A 127 2.70 -5.00 11.56
C SER A 127 2.72 -4.95 13.08
N GLY A 1 -15.46 -12.96 31.38
CA GLY A 1 -14.87 -13.30 30.05
C GLY A 1 -14.66 -12.01 29.25
N PRO A 2 -13.76 -11.13 29.73
CA PRO A 2 -13.46 -9.86 29.06
C PRO A 2 -12.69 -10.08 27.74
N MET A 3 -12.93 -9.25 26.76
CA MET A 3 -12.22 -9.41 25.47
C MET A 3 -10.90 -8.63 25.50
N ARG A 4 -9.93 -9.12 26.24
CA ARG A 4 -8.63 -8.41 26.32
C ARG A 4 -8.06 -8.23 24.92
N ARG A 5 -8.28 -9.18 24.05
CA ARG A 5 -7.74 -9.07 22.67
C ARG A 5 -8.91 -9.01 21.67
N GLU A 6 -8.77 -8.26 20.62
CA GLU A 6 -9.86 -8.15 19.62
C GLU A 6 -10.24 -9.56 19.13
N ARG A 7 -11.50 -9.83 18.98
CA ARG A 7 -11.93 -11.17 18.51
C ARG A 7 -12.90 -11.01 17.34
N GLY A 8 -12.92 -11.97 16.44
CA GLY A 8 -13.84 -11.88 15.27
C GLY A 8 -15.23 -12.40 15.67
N ARG A 9 -15.44 -12.64 16.94
CA ARG A 9 -16.76 -13.14 17.38
C ARG A 9 -17.85 -12.13 17.01
N GLN A 10 -17.54 -10.87 17.07
CA GLN A 10 -18.56 -9.84 16.71
C GLN A 10 -19.00 -10.03 15.26
N GLY A 11 -18.10 -10.44 14.41
CA GLY A 11 -18.46 -10.65 12.98
C GLY A 11 -18.78 -9.30 12.33
N ASP A 12 -18.17 -8.25 12.79
CA ASP A 12 -18.43 -6.90 12.20
C ASP A 12 -17.80 -6.82 10.82
N SER A 13 -18.51 -6.31 9.85
CA SER A 13 -17.95 -6.21 8.48
C SER A 13 -18.47 -4.94 7.80
N SER A 14 -17.75 -4.41 6.86
CA SER A 14 -18.20 -3.17 6.17
C SER A 14 -18.17 -3.39 4.65
N SER A 15 -19.16 -2.91 3.95
CA SER A 15 -19.18 -3.10 2.48
C SER A 15 -17.89 -2.56 1.87
N CYS A 16 -17.30 -1.57 2.50
CA CYS A 16 -16.03 -1.00 1.96
C CYS A 16 -15.01 -2.11 1.78
N GLU A 17 -14.96 -3.04 2.70
CA GLU A 17 -13.98 -4.15 2.59
C GLU A 17 -14.11 -4.81 1.21
N ARG A 18 -15.31 -4.91 0.70
CA ARG A 18 -15.50 -5.54 -0.63
C ARG A 18 -14.62 -4.83 -1.66
N GLN A 19 -14.32 -3.58 -1.42
CA GLN A 19 -13.45 -2.84 -2.39
C GLN A 19 -12.03 -3.37 -2.31
N VAL A 20 -11.66 -3.93 -1.19
CA VAL A 20 -10.27 -4.47 -1.04
C VAL A 20 -10.07 -5.63 -2.01
N ASP A 21 -11.04 -6.47 -2.16
CA ASP A 21 -10.89 -7.63 -3.10
C ASP A 21 -10.51 -7.11 -4.49
N ARG A 22 -10.69 -5.84 -4.74
CA ARG A 22 -10.35 -5.28 -6.08
C ARG A 22 -9.04 -4.50 -5.98
N VAL A 23 -8.30 -4.67 -4.91
CA VAL A 23 -7.02 -3.94 -4.75
C VAL A 23 -5.97 -4.54 -5.69
N ASN A 24 -5.36 -5.62 -5.29
CA ASN A 24 -4.33 -6.26 -6.15
C ASN A 24 -3.34 -5.20 -6.63
N LEU A 25 -2.41 -4.82 -5.80
CA LEU A 25 -1.42 -3.80 -6.20
C LEU A 25 -0.01 -4.38 -6.14
N LYS A 26 0.28 -5.39 -6.93
CA LYS A 26 1.63 -5.99 -6.91
C LYS A 26 2.65 -5.00 -7.47
N PRO A 27 2.28 -4.22 -8.51
CA PRO A 27 3.19 -3.24 -9.11
C PRO A 27 3.51 -2.10 -8.15
N CYS A 28 2.60 -1.77 -7.29
CA CYS A 28 2.86 -0.68 -6.31
C CYS A 28 3.89 -1.18 -5.29
N GLU A 29 3.62 -2.29 -4.66
CA GLU A 29 4.58 -2.84 -3.66
C GLU A 29 5.95 -2.97 -4.33
N GLN A 30 5.98 -3.29 -5.59
CA GLN A 30 7.28 -3.44 -6.29
C GLN A 30 7.93 -2.07 -6.46
N HIS A 31 7.16 -1.02 -6.48
CA HIS A 31 7.75 0.34 -6.65
C HIS A 31 8.30 0.80 -5.31
N ILE A 32 7.82 0.22 -4.24
CA ILE A 32 8.32 0.61 -2.89
C ILE A 32 9.46 -0.33 -2.50
N MET A 33 9.35 -1.58 -2.83
CA MET A 33 10.43 -2.54 -2.50
C MET A 33 11.67 -2.22 -3.34
N GLN A 34 11.46 -1.81 -4.55
CA GLN A 34 12.62 -1.48 -5.44
C GLN A 34 13.29 -0.19 -4.96
N ARG A 35 12.53 0.84 -4.66
CA ARG A 35 13.13 2.10 -4.19
C ARG A 35 14.04 1.84 -2.98
N ILE A 36 13.51 1.21 -1.97
CA ILE A 36 14.33 0.92 -0.76
C ILE A 36 15.63 0.22 -1.17
N MET A 37 15.67 -0.33 -2.36
CA MET A 37 16.91 -1.02 -2.81
C MET A 37 18.12 -0.13 -2.54
N GLY A 38 17.91 1.16 -2.45
CA GLY A 38 19.05 2.08 -2.18
C GLY A 38 20.06 1.98 -3.33
N GLU A 39 21.29 2.33 -3.08
CA GLU A 39 22.33 2.26 -4.14
C GLU A 39 22.54 0.80 -4.54
N GLN A 40 21.99 -0.12 -3.79
CA GLN A 40 22.17 -1.56 -4.12
C GLN A 40 23.65 -1.92 -4.05
N GLU A 41 24.43 -1.55 -5.03
CA GLU A 41 25.87 -1.87 -5.00
C GLU A 41 26.69 -0.58 -5.16
N GLN A 42 27.95 -0.62 -4.80
CA GLN A 42 28.80 0.60 -4.91
C GLN A 42 28.67 1.17 -6.33
N TYR A 43 28.96 0.38 -7.33
CA TYR A 43 28.86 0.88 -8.72
C TYR A 43 27.60 0.31 -9.39
N ASP A 44 26.85 1.13 -10.08
CA ASP A 44 25.62 0.63 -10.74
C ASP A 44 25.40 1.42 -12.04
N SER A 45 26.17 1.15 -13.05
CA SER A 45 26.01 1.89 -14.34
C SER A 45 24.60 1.67 -14.87
N TYR A 46 23.96 0.60 -14.50
CA TYR A 46 22.58 0.34 -14.99
C TYR A 46 21.82 -0.51 -13.97
N ASP A 47 20.52 -0.47 -14.01
CA ASP A 47 19.72 -1.28 -13.04
C ASP A 47 19.84 -2.76 -13.40
N ILE A 48 20.32 -3.56 -12.48
CA ILE A 48 20.46 -5.02 -12.77
C ILE A 48 19.16 -5.55 -13.35
N ARG A 49 18.05 -5.27 -12.71
CA ARG A 49 16.74 -5.76 -13.23
C ARG A 49 15.77 -4.60 -13.36
N SER A 50 15.14 -4.46 -14.50
CA SER A 50 14.17 -3.34 -14.68
C SER A 50 13.01 -3.81 -15.55
N THR A 51 11.91 -3.11 -15.52
CA THR A 51 10.73 -3.53 -16.34
C THR A 51 10.81 -2.86 -17.71
N ARG A 52 9.96 -3.24 -18.62
CA ARG A 52 9.98 -2.63 -19.98
C ARG A 52 9.88 -1.11 -19.86
N SER A 53 9.13 -0.63 -18.89
CA SER A 53 9.00 0.84 -18.72
C SER A 53 8.83 1.17 -17.24
N SER A 54 9.65 2.04 -16.72
CA SER A 54 9.53 2.40 -15.28
C SER A 54 8.25 3.20 -15.05
N ASP A 55 7.67 3.72 -16.10
CA ASP A 55 6.41 4.51 -15.95
C ASP A 55 5.32 3.61 -15.35
N GLN A 56 5.43 2.33 -15.53
CA GLN A 56 4.41 1.40 -14.97
C GLN A 56 4.21 1.70 -13.49
N GLN A 57 5.27 1.74 -12.73
CA GLN A 57 5.13 2.03 -11.27
C GLN A 57 4.34 3.33 -11.07
N GLN A 58 4.73 4.37 -11.75
CA GLN A 58 4.00 5.66 -11.59
C GLN A 58 2.51 5.45 -11.88
N ARG A 59 2.19 4.55 -12.76
CA ARG A 59 0.75 4.30 -13.08
C ARG A 59 0.02 3.90 -11.80
N CYS A 60 0.66 3.16 -10.94
CA CYS A 60 0.00 2.74 -9.67
C CYS A 60 -0.76 3.92 -9.08
N CYS A 61 -0.07 4.77 -8.36
CA CYS A 61 -0.75 5.95 -7.76
C CYS A 61 -1.69 6.57 -8.80
N ASP A 62 -1.22 6.71 -10.01
CA ASP A 62 -2.10 7.29 -11.07
C ASP A 62 -3.43 6.56 -11.08
N GLU A 63 -3.42 5.29 -10.80
CA GLU A 63 -4.70 4.51 -10.77
C GLU A 63 -5.51 4.95 -9.56
N LEU A 64 -4.90 5.01 -8.41
CA LEU A 64 -5.64 5.44 -7.19
C LEU A 64 -6.15 6.88 -7.39
N ASN A 65 -5.64 7.55 -8.40
CA ASN A 65 -6.09 8.95 -8.65
C ASN A 65 -7.51 8.92 -9.21
N GLU A 66 -7.86 7.89 -9.93
CA GLU A 66 -9.23 7.82 -10.50
C GLU A 66 -10.13 7.00 -9.57
N MET A 67 -9.61 5.96 -8.98
CA MET A 67 -10.44 5.13 -8.06
C MET A 67 -10.52 5.82 -6.68
N GLU A 68 -10.95 7.05 -6.66
CA GLU A 68 -11.04 7.78 -5.36
C GLU A 68 -11.72 6.86 -4.33
N ASN A 69 -12.57 5.98 -4.77
CA ASN A 69 -13.26 5.07 -3.81
C ASN A 69 -12.24 4.48 -2.85
N THR A 70 -11.01 4.38 -3.26
CA THR A 70 -9.96 3.81 -2.36
C THR A 70 -9.89 4.64 -1.08
N GLN A 71 -10.38 5.85 -1.11
CA GLN A 71 -10.34 6.71 0.10
C GLN A 71 -11.30 6.15 1.15
N GLY A 72 -12.07 5.15 0.79
CA GLY A 72 -13.03 4.56 1.78
C GLY A 72 -12.26 3.70 2.78
N CYS A 73 -11.27 2.97 2.31
CA CYS A 73 -10.50 2.11 3.24
C CYS A 73 -9.02 2.12 2.82
N MET A 74 -8.45 3.28 2.67
CA MET A 74 -7.02 3.36 2.26
C MET A 74 -6.18 2.44 3.17
N CYS A 75 -6.39 2.52 4.45
CA CYS A 75 -5.61 1.65 5.38
C CYS A 75 -5.76 0.19 4.96
N GLU A 76 -6.95 -0.22 4.59
CA GLU A 76 -7.15 -1.64 4.16
C GLU A 76 -6.34 -1.90 2.90
N ALA A 77 -6.08 -0.89 2.12
CA ALA A 77 -5.30 -1.07 0.87
C ALA A 77 -3.81 -1.14 1.22
N LEU A 78 -3.31 -0.15 1.89
CA LEU A 78 -1.86 -0.17 2.27
C LEU A 78 -1.59 -1.41 3.13
N GLN A 79 -2.41 -1.63 4.12
CA GLN A 79 -2.20 -2.83 4.98
C GLN A 79 -2.22 -4.09 4.13
N GLN A 80 -3.08 -4.15 3.15
CA GLN A 80 -3.14 -5.35 2.28
C GLN A 80 -1.80 -5.53 1.58
N ILE A 81 -1.28 -4.48 0.99
CA ILE A 81 0.03 -4.60 0.29
C ILE A 81 1.04 -5.28 1.22
N MET A 82 1.27 -4.71 2.38
CA MET A 82 2.23 -5.33 3.33
C MET A 82 1.93 -6.83 3.45
N GLU A 83 0.71 -7.17 3.72
CA GLU A 83 0.35 -8.62 3.85
C GLU A 83 0.43 -9.29 2.48
N ASN A 84 0.65 -8.52 1.45
CA ASN A 84 0.74 -9.12 0.09
C ASN A 84 2.20 -9.43 -0.23
N GLN A 85 3.13 -8.83 0.48
CA GLN A 85 4.57 -9.11 0.21
C GLN A 85 5.40 -8.81 1.46
N CYS A 86 4.84 -9.03 2.62
CA CYS A 86 5.62 -8.76 3.87
C CYS A 86 6.07 -10.09 4.47
N ASP A 87 5.35 -11.15 4.22
CA ASP A 87 5.75 -12.47 4.79
C ASP A 87 7.24 -12.70 4.52
N ARG A 88 7.72 -12.29 3.37
CA ARG A 88 9.17 -12.48 3.05
C ARG A 88 9.91 -11.19 3.31
N LEU A 89 9.27 -10.24 3.95
CA LEU A 89 9.95 -8.94 4.23
C LEU A 89 11.30 -9.20 4.91
N GLN A 90 11.38 -10.23 5.71
CA GLN A 90 12.67 -10.54 6.39
C GLN A 90 13.06 -9.35 7.29
N ASP A 91 12.73 -9.42 8.55
CA ASP A 91 13.09 -8.30 9.47
C ASP A 91 14.52 -7.83 9.17
N ARG A 92 14.67 -6.83 8.36
CA ARG A 92 16.03 -6.33 8.03
C ARG A 92 15.95 -4.84 7.67
N GLN A 93 16.68 -4.42 6.67
CA GLN A 93 16.64 -2.98 6.27
C GLN A 93 15.32 -2.68 5.56
N MET A 94 14.92 -3.54 4.65
CA MET A 94 13.64 -3.30 3.92
C MET A 94 12.56 -2.83 4.90
N VAL A 95 12.25 -3.62 5.88
CA VAL A 95 11.20 -3.22 6.86
C VAL A 95 11.35 -1.73 7.20
N GLN A 96 12.56 -1.25 7.20
CA GLN A 96 12.78 0.20 7.51
C GLN A 96 12.54 1.02 6.25
N GLN A 97 13.47 1.00 5.33
CA GLN A 97 13.30 1.78 4.08
C GLN A 97 11.89 1.58 3.54
N PHE A 98 11.39 0.37 3.60
CA PHE A 98 10.02 0.11 3.09
C PHE A 98 9.01 0.91 3.93
N LYS A 99 9.11 0.80 5.22
CA LYS A 99 8.15 1.55 6.09
C LYS A 99 8.27 3.04 5.80
N ARG A 100 9.47 3.52 5.63
CA ARG A 100 9.65 4.98 5.33
C ARG A 100 9.08 5.28 3.95
N GLU A 101 9.46 4.51 2.96
CA GLU A 101 8.92 4.74 1.60
C GLU A 101 7.42 4.44 1.61
N LEU A 102 7.02 3.41 2.30
CA LEU A 102 5.57 3.07 2.36
C LEU A 102 4.80 4.27 2.89
N MET A 103 5.42 5.06 3.73
CA MET A 103 4.72 6.25 4.28
C MET A 103 4.60 7.32 3.19
N SER A 104 5.54 7.34 2.27
CA SER A 104 5.48 8.35 1.18
C SER A 104 4.53 7.86 0.07
N LEU A 105 4.49 6.58 -0.17
CA LEU A 105 3.59 6.05 -1.23
C LEU A 105 2.23 6.73 -1.14
N PRO A 106 1.63 6.78 0.06
CA PRO A 106 0.32 7.41 0.27
C PRO A 106 0.40 8.93 0.05
N GLN A 107 1.57 9.43 -0.20
CA GLN A 107 1.72 10.89 -0.42
C GLN A 107 1.78 11.15 -1.93
N GLN A 108 2.56 10.40 -2.64
CA GLN A 108 2.66 10.60 -4.12
C GLN A 108 1.26 10.49 -4.74
N CYS A 109 0.33 9.93 -4.02
CA CYS A 109 -1.06 9.80 -4.57
C CYS A 109 -1.84 11.08 -4.27
N ASN A 110 -1.29 11.98 -3.51
CA ASN A 110 -2.01 13.24 -3.18
C ASN A 110 -3.30 12.90 -2.44
N PHE A 111 -3.27 11.89 -1.62
CA PHE A 111 -4.50 11.52 -0.86
C PHE A 111 -4.67 12.47 0.34
N ARG A 112 -4.67 13.75 0.09
CA ARG A 112 -4.83 14.72 1.21
C ARG A 112 -6.29 14.77 1.64
N ALA A 113 -7.17 14.15 0.89
CA ALA A 113 -8.62 14.17 1.25
C ALA A 113 -8.77 13.72 2.71
N PRO A 114 -8.36 12.49 3.01
CA PRO A 114 -8.45 11.93 4.37
C PRO A 114 -7.46 12.61 5.33
N GLN A 115 -7.94 13.10 6.44
CA GLN A 115 -7.03 13.76 7.41
C GLN A 115 -6.03 12.74 7.95
N ARG A 116 -6.50 11.59 8.35
CA ARG A 116 -5.56 10.56 8.89
C ARG A 116 -6.28 9.20 8.94
N CYS A 117 -5.61 8.18 9.40
CA CYS A 117 -6.25 6.84 9.46
C CYS A 117 -6.56 6.49 10.93
N ASP A 118 -7.38 5.51 11.16
CA ASP A 118 -7.71 5.12 12.56
C ASP A 118 -6.46 4.56 13.24
N LEU A 119 -6.27 4.86 14.50
CA LEU A 119 -5.07 4.35 15.22
C LEU A 119 -5.11 2.82 15.23
N ASP A 120 -6.28 2.24 15.18
CA ASP A 120 -6.37 0.75 15.19
C ASP A 120 -5.53 0.18 14.05
N VAL A 121 -5.50 0.85 12.93
CA VAL A 121 -4.69 0.34 11.78
C VAL A 121 -3.20 0.46 12.11
N SER A 122 -2.86 1.36 12.99
CA SER A 122 -1.42 1.53 13.35
C SER A 122 -0.96 0.33 14.18
N GLY A 123 0.33 0.13 14.27
CA GLY A 123 0.84 -1.03 15.06
C GLY A 123 0.79 -2.30 14.20
N GLY A 124 1.07 -2.17 12.93
CA GLY A 124 1.04 -3.36 12.04
C GLY A 124 2.01 -4.42 12.57
N ARG A 125 1.72 -5.68 12.35
CA ARG A 125 2.63 -6.75 12.84
C ARG A 125 3.96 -6.66 12.11
N CYS A 126 3.94 -6.40 10.83
CA CYS A 126 5.21 -6.30 10.07
C CYS A 126 6.12 -5.24 10.69
N SER A 127 5.55 -4.37 11.48
CA SER A 127 6.38 -3.30 12.13
C SER A 127 5.57 -2.64 13.24
N GLY A 1 -24.27 -3.41 19.19
CA GLY A 1 -23.62 -4.58 19.87
C GLY A 1 -23.88 -5.84 19.07
N PRO A 2 -24.24 -6.94 19.76
CA PRO A 2 -24.52 -8.23 19.12
C PRO A 2 -25.81 -8.19 18.31
N MET A 3 -25.88 -8.93 17.25
CA MET A 3 -27.12 -8.95 16.41
C MET A 3 -27.88 -10.26 16.64
N ARG A 4 -29.18 -10.22 16.59
CA ARG A 4 -29.97 -11.46 16.80
C ARG A 4 -29.58 -12.50 15.74
N ARG A 5 -29.29 -12.06 14.54
CA ARG A 5 -28.91 -13.02 13.47
C ARG A 5 -27.56 -12.61 12.88
N GLU A 6 -26.63 -13.53 12.81
CA GLU A 6 -25.29 -13.19 12.24
C GLU A 6 -25.44 -12.86 10.76
N ARG A 7 -26.31 -13.54 10.06
CA ARG A 7 -26.50 -13.27 8.62
C ARG A 7 -26.74 -11.78 8.40
N GLY A 8 -27.54 -11.18 9.24
CA GLY A 8 -27.83 -9.73 9.10
C GLY A 8 -28.79 -9.51 7.93
N ARG A 9 -28.77 -8.34 7.34
CA ARG A 9 -29.69 -8.08 6.19
C ARG A 9 -28.86 -7.64 4.98
N GLN A 10 -29.33 -7.92 3.79
CA GLN A 10 -28.58 -7.53 2.57
C GLN A 10 -29.25 -6.32 1.92
N GLY A 11 -28.49 -5.46 1.28
CA GLY A 11 -29.10 -4.28 0.62
C GLY A 11 -28.01 -3.53 -0.17
N ASP A 12 -28.32 -2.37 -0.67
CA ASP A 12 -27.32 -1.60 -1.45
C ASP A 12 -26.10 -1.32 -0.57
N SER A 13 -26.30 -1.16 0.71
CA SER A 13 -25.15 -0.88 1.62
C SER A 13 -24.03 -1.90 1.34
N SER A 14 -22.80 -1.51 1.55
CA SER A 14 -21.68 -2.46 1.30
C SER A 14 -20.53 -2.15 2.26
N SER A 15 -19.53 -2.98 2.29
CA SER A 15 -18.39 -2.75 3.21
C SER A 15 -17.17 -2.31 2.40
N CYS A 16 -16.40 -1.40 2.91
CA CYS A 16 -15.19 -0.93 2.16
C CYS A 16 -14.30 -2.13 1.83
N GLU A 17 -14.27 -3.12 2.68
CA GLU A 17 -13.43 -4.31 2.40
C GLU A 17 -13.63 -4.76 0.95
N ARG A 18 -14.79 -4.52 0.41
CA ARG A 18 -15.04 -4.94 -1.01
C ARG A 18 -14.06 -4.22 -1.92
N GLN A 19 -13.58 -3.07 -1.53
CA GLN A 19 -12.62 -2.33 -2.38
C GLN A 19 -11.29 -3.08 -2.41
N VAL A 20 -10.98 -3.79 -1.36
CA VAL A 20 -9.69 -4.55 -1.32
C VAL A 20 -9.66 -5.55 -2.47
N ASP A 21 -10.80 -6.12 -2.82
CA ASP A 21 -10.84 -7.09 -3.93
C ASP A 21 -10.29 -6.42 -5.21
N ARG A 22 -10.22 -5.12 -5.22
CA ARG A 22 -9.70 -4.42 -6.42
C ARG A 22 -8.28 -3.90 -6.14
N VAL A 23 -7.76 -4.15 -4.97
CA VAL A 23 -6.39 -3.68 -4.66
C VAL A 23 -5.42 -4.13 -5.74
N ASN A 24 -4.82 -5.29 -5.59
CA ASN A 24 -3.87 -5.78 -6.61
C ASN A 24 -2.79 -4.73 -6.85
N LEU A 25 -2.21 -4.22 -5.81
CA LEU A 25 -1.15 -3.18 -5.97
C LEU A 25 0.23 -3.83 -5.83
N LYS A 26 0.43 -4.97 -6.45
CA LYS A 26 1.75 -5.64 -6.36
C LYS A 26 2.84 -4.73 -6.92
N PRO A 27 2.56 -4.05 -8.05
CA PRO A 27 3.54 -3.15 -8.68
C PRO A 27 3.80 -1.91 -7.81
N CYS A 28 2.81 -1.40 -7.14
CA CYS A 28 3.01 -0.20 -6.28
C CYS A 28 4.07 -0.54 -5.22
N GLU A 29 3.89 -1.63 -4.51
CA GLU A 29 4.88 -2.00 -3.46
C GLU A 29 6.19 -2.42 -4.14
N GLN A 30 6.10 -3.13 -5.22
CA GLN A 30 7.33 -3.57 -5.93
C GLN A 30 8.15 -2.34 -6.32
N HIS A 31 7.50 -1.21 -6.49
CA HIS A 31 8.25 0.02 -6.85
C HIS A 31 8.90 0.58 -5.59
N ILE A 32 8.20 0.58 -4.49
CA ILE A 32 8.78 1.10 -3.23
C ILE A 32 9.92 0.17 -2.79
N MET A 33 9.75 -1.11 -2.96
CA MET A 33 10.82 -2.06 -2.56
C MET A 33 12.05 -1.83 -3.44
N GLN A 34 11.85 -1.50 -4.68
CA GLN A 34 13.01 -1.26 -5.59
C GLN A 34 13.80 -0.05 -5.09
N ARG A 35 13.12 1.02 -4.75
CA ARG A 35 13.84 2.23 -4.26
C ARG A 35 14.58 1.90 -2.96
N ILE A 36 13.86 1.62 -1.91
CA ILE A 36 14.52 1.30 -0.62
C ILE A 36 15.65 0.29 -0.86
N MET A 37 15.54 -0.49 -1.91
CA MET A 37 16.60 -1.49 -2.19
C MET A 37 17.75 -0.81 -2.95
N GLY A 38 17.49 0.31 -3.56
CA GLY A 38 18.56 1.02 -4.31
C GLY A 38 19.51 1.70 -3.32
N GLU A 39 19.12 1.79 -2.07
CA GLU A 39 20.00 2.44 -1.06
C GLU A 39 21.16 1.51 -0.73
N GLN A 40 20.96 0.23 -0.85
CA GLN A 40 22.06 -0.73 -0.54
C GLN A 40 23.14 -0.63 -1.60
N GLU A 41 24.39 -0.59 -1.20
CA GLU A 41 25.49 -0.48 -2.19
C GLU A 41 25.63 -1.80 -2.94
N GLN A 42 25.09 -2.87 -2.39
CA GLN A 42 25.20 -4.18 -3.08
C GLN A 42 24.90 -4.01 -4.56
N TYR A 43 23.95 -3.18 -4.90
CA TYR A 43 23.61 -2.97 -6.33
C TYR A 43 23.88 -1.51 -6.71
N ASP A 44 24.45 -1.27 -7.86
CA ASP A 44 24.75 0.12 -8.28
C ASP A 44 23.48 0.75 -8.87
N SER A 45 23.17 1.96 -8.48
CA SER A 45 21.95 2.63 -9.01
C SER A 45 22.08 2.79 -10.53
N TYR A 46 23.28 2.98 -11.01
CA TYR A 46 23.47 3.15 -12.48
C TYR A 46 23.04 1.86 -13.20
N ASP A 47 23.30 0.72 -12.61
CA ASP A 47 22.91 -0.56 -13.25
C ASP A 47 21.40 -0.54 -13.56
N ILE A 48 20.62 0.02 -12.68
CA ILE A 48 19.15 0.07 -12.92
C ILE A 48 18.86 0.91 -14.15
N ARG A 49 19.67 1.89 -14.42
CA ARG A 49 19.44 2.75 -15.62
C ARG A 49 19.31 1.87 -16.86
N SER A 50 19.98 0.76 -16.89
CA SER A 50 19.89 -0.14 -18.07
C SER A 50 18.42 -0.42 -18.39
N THR A 51 17.60 -0.55 -17.38
CA THR A 51 16.15 -0.82 -17.62
C THR A 51 15.32 0.26 -16.94
N ARG A 52 14.12 0.47 -17.41
CA ARG A 52 13.25 1.51 -16.79
C ARG A 52 11.84 0.95 -16.59
N SER A 53 11.23 1.24 -15.48
CA SER A 53 9.84 0.73 -15.23
C SER A 53 9.08 1.74 -14.36
N SER A 54 9.57 2.94 -14.26
CA SER A 54 8.86 3.96 -13.43
C SER A 54 7.48 4.22 -14.02
N ASP A 55 7.33 4.07 -15.30
CA ASP A 55 6.01 4.30 -15.94
C ASP A 55 4.97 3.39 -15.30
N GLN A 56 5.38 2.25 -14.83
CA GLN A 56 4.41 1.31 -14.20
C GLN A 56 3.90 1.92 -12.89
N GLN A 57 4.80 2.31 -12.01
CA GLN A 57 4.36 2.91 -10.72
C GLN A 57 3.41 4.07 -11.00
N GLN A 58 3.60 4.77 -12.09
CA GLN A 58 2.71 5.91 -12.41
C GLN A 58 1.28 5.40 -12.58
N ARG A 59 1.11 4.21 -13.08
CA ARG A 59 -0.26 3.66 -13.28
C ARG A 59 -0.90 3.39 -11.91
N CYS A 60 -0.19 2.75 -11.04
CA CYS A 60 -0.77 2.46 -9.69
C CYS A 60 -1.53 3.69 -9.20
N CYS A 61 -0.84 4.62 -8.60
CA CYS A 61 -1.53 5.85 -8.11
C CYS A 61 -2.51 6.33 -9.18
N ASP A 62 -2.13 6.26 -10.42
CA ASP A 62 -3.04 6.71 -11.50
C ASP A 62 -4.37 5.95 -11.40
N GLU A 63 -4.32 4.70 -11.06
CA GLU A 63 -5.58 3.91 -10.94
C GLU A 63 -6.38 4.44 -9.76
N LEU A 64 -5.76 4.55 -8.61
CA LEU A 64 -6.49 5.06 -7.42
C LEU A 64 -6.97 6.49 -7.69
N ASN A 65 -6.48 7.09 -8.74
CA ASN A 65 -6.92 8.48 -9.07
C ASN A 65 -8.33 8.44 -9.64
N GLU A 66 -8.68 7.37 -10.32
CA GLU A 66 -10.04 7.26 -10.90
C GLU A 66 -11.00 6.70 -9.85
N MET A 67 -10.58 5.70 -9.12
CA MET A 67 -11.46 5.11 -8.08
C MET A 67 -11.41 5.98 -6.82
N GLU A 68 -11.67 7.25 -6.95
CA GLU A 68 -11.62 8.15 -5.77
C GLU A 68 -12.38 7.51 -4.60
N ASN A 69 -13.30 6.63 -4.89
CA ASN A 69 -14.08 5.97 -3.81
C ASN A 69 -13.13 5.12 -2.94
N THR A 70 -12.03 4.69 -3.50
CA THR A 70 -11.07 3.87 -2.71
C THR A 70 -10.25 4.77 -1.80
N GLN A 71 -10.38 6.06 -1.94
CA GLN A 71 -9.60 7.00 -1.08
C GLN A 71 -10.18 6.99 0.33
N GLY A 72 -11.26 6.28 0.54
CA GLY A 72 -11.86 6.24 1.90
C GLY A 72 -11.22 5.11 2.71
N CYS A 73 -10.37 4.33 2.10
CA CYS A 73 -9.72 3.21 2.84
C CYS A 73 -8.29 3.04 2.34
N MET A 74 -7.67 4.10 1.90
CA MET A 74 -6.27 4.00 1.40
C MET A 74 -5.43 3.21 2.42
N CYS A 75 -5.54 3.55 3.67
CA CYS A 75 -4.75 2.83 4.71
C CYS A 75 -5.01 1.34 4.60
N GLU A 76 -6.24 0.95 4.43
CA GLU A 76 -6.56 -0.50 4.31
C GLU A 76 -5.92 -1.06 3.05
N ALA A 77 -5.59 -0.21 2.10
CA ALA A 77 -4.95 -0.69 0.85
C ALA A 77 -3.48 -0.99 1.12
N LEU A 78 -2.76 -0.04 1.66
CA LEU A 78 -1.32 -0.28 1.96
C LEU A 78 -1.20 -1.48 2.91
N GLN A 79 -2.07 -1.55 3.87
CA GLN A 79 -2.01 -2.69 4.83
C GLN A 79 -2.13 -4.02 4.06
N GLN A 80 -3.07 -4.08 3.15
CA GLN A 80 -3.24 -5.33 2.36
C GLN A 80 -1.97 -5.61 1.57
N ILE A 81 -1.44 -4.62 0.90
CA ILE A 81 -0.19 -4.83 0.12
C ILE A 81 0.87 -5.48 1.00
N MET A 82 1.17 -4.87 2.12
CA MET A 82 2.19 -5.46 3.03
C MET A 82 1.85 -6.92 3.31
N GLU A 83 0.62 -7.19 3.66
CA GLU A 83 0.22 -8.60 3.95
C GLU A 83 0.20 -9.39 2.64
N ASN A 84 0.30 -8.72 1.53
CA ASN A 84 0.29 -9.43 0.22
C ASN A 84 1.71 -9.91 -0.10
N GLN A 85 2.70 -9.26 0.43
CA GLN A 85 4.10 -9.69 0.15
C GLN A 85 5.06 -9.13 1.20
N CYS A 86 4.68 -9.16 2.45
CA CYS A 86 5.57 -8.61 3.51
C CYS A 86 6.55 -9.70 3.96
N ASP A 87 6.47 -10.86 3.37
CA ASP A 87 7.39 -11.97 3.76
C ASP A 87 8.83 -11.47 3.71
N ARG A 88 9.08 -10.42 2.99
CA ARG A 88 10.47 -9.89 2.90
C ARG A 88 10.73 -8.94 4.08
N LEU A 89 9.68 -8.45 4.70
CA LEU A 89 9.87 -7.53 5.84
C LEU A 89 10.45 -8.30 7.03
N GLN A 90 10.40 -9.60 6.98
CA GLN A 90 10.94 -10.41 8.10
C GLN A 90 12.27 -9.82 8.56
N ASP A 91 13.03 -9.27 7.65
CA ASP A 91 14.35 -8.67 8.02
C ASP A 91 14.11 -7.28 8.62
N ARG A 92 14.70 -7.00 9.76
CA ARG A 92 14.52 -5.66 10.38
C ARG A 92 15.04 -4.59 9.43
N GLN A 93 15.78 -4.98 8.43
CA GLN A 93 16.32 -3.97 7.48
C GLN A 93 15.22 -3.53 6.51
N MET A 94 14.66 -4.44 5.78
CA MET A 94 13.58 -4.06 4.82
C MET A 94 12.38 -3.48 5.58
N VAL A 95 11.87 -4.21 6.53
CA VAL A 95 10.71 -3.69 7.31
C VAL A 95 10.91 -2.21 7.61
N GLN A 96 12.14 -1.78 7.72
CA GLN A 96 12.41 -0.34 8.02
C GLN A 96 12.20 0.50 6.76
N GLN A 97 13.20 0.58 5.93
CA GLN A 97 13.08 1.39 4.68
C GLN A 97 11.69 1.18 4.07
N PHE A 98 11.23 -0.03 3.98
CA PHE A 98 9.88 -0.28 3.41
C PHE A 98 8.85 0.51 4.22
N LYS A 99 8.95 0.47 5.51
CA LYS A 99 7.97 1.22 6.36
C LYS A 99 8.14 2.71 6.08
N ARG A 100 9.35 3.16 5.92
CA ARG A 100 9.57 4.61 5.64
C ARG A 100 9.02 4.93 4.26
N GLU A 101 9.39 4.18 3.26
CA GLU A 101 8.86 4.44 1.90
C GLU A 101 7.35 4.21 1.91
N LEU A 102 6.91 3.18 2.59
CA LEU A 102 5.46 2.90 2.65
C LEU A 102 4.73 4.14 3.16
N MET A 103 5.37 4.92 4.00
CA MET A 103 4.72 6.14 4.52
C MET A 103 4.50 7.13 3.38
N SER A 104 5.43 7.22 2.47
CA SER A 104 5.28 8.17 1.32
C SER A 104 4.37 7.54 0.27
N LEU A 105 4.37 6.24 0.17
CA LEU A 105 3.51 5.57 -0.84
C LEU A 105 2.13 6.23 -0.88
N PRO A 106 1.49 6.41 0.28
CA PRO A 106 0.17 7.04 0.36
C PRO A 106 0.23 8.51 -0.03
N GLN A 107 1.42 9.02 -0.25
CA GLN A 107 1.56 10.45 -0.64
C GLN A 107 1.67 10.54 -2.17
N GLN A 108 2.48 9.69 -2.75
CA GLN A 108 2.65 9.73 -4.24
C GLN A 108 1.28 9.96 -4.90
N CYS A 109 0.23 9.51 -4.28
CA CYS A 109 -1.12 9.70 -4.89
C CYS A 109 -1.62 11.12 -4.60
N ASN A 110 -1.35 11.63 -3.43
CA ASN A 110 -1.80 13.01 -3.10
C ASN A 110 -3.29 13.00 -2.80
N PHE A 111 -3.80 11.90 -2.33
CA PHE A 111 -5.26 11.82 -2.01
C PHE A 111 -5.52 12.47 -0.66
N ARG A 112 -5.72 11.70 0.37
CA ARG A 112 -5.98 12.28 1.72
C ARG A 112 -4.66 12.70 2.35
N ALA A 113 -4.71 13.56 3.34
CA ALA A 113 -3.46 14.00 4.01
C ALA A 113 -2.77 12.80 4.66
N PRO A 114 -1.47 12.94 4.96
CA PRO A 114 -0.68 11.88 5.59
C PRO A 114 -1.08 11.67 7.06
N GLN A 115 -2.24 11.11 7.29
CA GLN A 115 -2.69 10.88 8.68
C GLN A 115 -2.83 9.38 8.94
N ARG A 116 -2.57 8.94 10.14
CA ARG A 116 -2.68 7.49 10.44
C ARG A 116 -4.15 7.07 10.41
N CYS A 117 -4.43 5.85 10.05
CA CYS A 117 -5.84 5.38 10.00
C CYS A 117 -6.21 4.75 11.35
N ASP A 118 -6.95 5.47 12.15
CA ASP A 118 -7.35 4.91 13.48
C ASP A 118 -8.29 3.72 13.28
N LEU A 119 -8.99 3.69 12.18
CA LEU A 119 -9.92 2.56 11.93
C LEU A 119 -9.17 1.23 12.06
N ASP A 120 -7.98 1.15 11.52
CA ASP A 120 -7.20 -0.11 11.62
C ASP A 120 -8.12 -1.30 11.30
N VAL A 121 -8.87 -1.22 10.25
CA VAL A 121 -9.78 -2.34 9.88
C VAL A 121 -8.96 -3.60 9.66
N SER A 122 -7.84 -3.48 8.99
CA SER A 122 -6.99 -4.68 8.73
C SER A 122 -5.59 -4.46 9.32
N GLY A 123 -4.95 -5.50 9.74
CA GLY A 123 -3.59 -5.35 10.32
C GLY A 123 -3.00 -6.73 10.64
N GLY A 124 -1.80 -6.77 11.16
CA GLY A 124 -1.18 -8.08 11.49
C GLY A 124 0.29 -7.88 11.85
N ARG A 125 1.01 -8.95 12.02
CA ARG A 125 2.46 -8.82 12.38
C ARG A 125 3.17 -7.97 11.32
N CYS A 126 2.84 -8.17 10.07
CA CYS A 126 3.50 -7.38 9.00
C CYS A 126 3.23 -5.89 9.22
N SER A 127 2.17 -5.56 9.91
CA SER A 127 1.86 -4.13 10.16
C SER A 127 0.74 -4.02 11.20
N GLY A 1 -3.81 -24.34 5.55
CA GLY A 1 -5.29 -24.36 5.39
C GLY A 1 -5.81 -22.92 5.48
N PRO A 2 -5.58 -22.12 4.44
CA PRO A 2 -6.03 -20.72 4.38
C PRO A 2 -7.54 -20.63 4.23
N MET A 3 -8.18 -21.68 3.79
CA MET A 3 -9.66 -21.64 3.62
C MET A 3 -10.32 -21.31 4.96
N ARG A 4 -9.78 -21.79 6.04
CA ARG A 4 -10.37 -21.49 7.37
C ARG A 4 -10.42 -19.98 7.58
N ARG A 5 -9.43 -19.27 7.11
CA ARG A 5 -9.42 -17.79 7.29
C ARG A 5 -10.67 -17.19 6.62
N GLU A 6 -11.15 -17.81 5.57
CA GLU A 6 -12.36 -17.27 4.89
C GLU A 6 -13.53 -17.25 5.86
N ARG A 7 -13.56 -18.17 6.80
CA ARG A 7 -14.69 -18.19 7.77
C ARG A 7 -14.82 -16.81 8.43
N GLY A 8 -13.71 -16.19 8.75
CA GLY A 8 -13.78 -14.85 9.39
C GLY A 8 -14.57 -13.89 8.48
N ARG A 9 -14.49 -14.08 7.20
CA ARG A 9 -15.24 -13.18 6.27
C ARG A 9 -16.72 -13.19 6.64
N GLN A 10 -17.22 -14.32 7.08
CA GLN A 10 -18.66 -14.39 7.44
C GLN A 10 -18.98 -13.32 8.48
N GLY A 11 -18.06 -13.03 9.35
CA GLY A 11 -18.30 -12.00 10.39
C GLY A 11 -18.78 -10.70 9.72
N ASP A 12 -18.26 -10.41 8.56
CA ASP A 12 -18.69 -9.16 7.86
C ASP A 12 -18.48 -7.96 8.78
N SER A 13 -17.34 -7.86 9.40
CA SER A 13 -17.07 -6.71 10.31
C SER A 13 -17.26 -5.41 9.55
N SER A 14 -16.86 -5.37 8.31
CA SER A 14 -17.01 -4.13 7.50
C SER A 14 -17.13 -4.49 6.01
N SER A 15 -18.08 -3.91 5.33
CA SER A 15 -18.25 -4.23 3.88
C SER A 15 -17.14 -3.54 3.08
N CYS A 16 -16.63 -2.44 3.57
CA CYS A 16 -15.55 -1.72 2.83
C CYS A 16 -14.35 -2.65 2.67
N GLU A 17 -14.21 -3.62 3.53
CA GLU A 17 -13.06 -4.56 3.43
C GLU A 17 -13.14 -5.31 2.10
N ARG A 18 -14.28 -5.86 1.78
CA ARG A 18 -14.42 -6.60 0.50
C ARG A 18 -13.92 -5.74 -0.66
N GLN A 19 -13.85 -4.45 -0.46
CA GLN A 19 -13.38 -3.56 -1.56
C GLN A 19 -11.84 -3.63 -1.64
N VAL A 20 -11.20 -4.10 -0.60
CA VAL A 20 -9.72 -4.20 -0.63
C VAL A 20 -9.30 -5.39 -1.49
N ASP A 21 -10.10 -6.42 -1.51
CA ASP A 21 -9.75 -7.62 -2.33
C ASP A 21 -9.48 -7.18 -3.77
N ARG A 22 -10.13 -6.15 -4.23
CA ARG A 22 -9.90 -5.67 -5.62
C ARG A 22 -8.60 -4.87 -5.68
N VAL A 23 -8.12 -4.42 -4.56
CA VAL A 23 -6.85 -3.64 -4.54
C VAL A 23 -5.83 -4.29 -5.47
N ASN A 24 -5.14 -5.29 -4.98
CA ASN A 24 -4.12 -5.97 -5.84
C ASN A 24 -3.17 -4.93 -6.43
N LEU A 25 -2.27 -4.42 -5.64
CA LEU A 25 -1.31 -3.40 -6.16
C LEU A 25 0.10 -3.99 -6.19
N LYS A 26 0.33 -4.95 -7.05
CA LYS A 26 1.68 -5.57 -7.12
C LYS A 26 2.70 -4.56 -7.67
N PRO A 27 2.31 -3.72 -8.63
CA PRO A 27 3.22 -2.72 -9.23
C PRO A 27 3.62 -1.63 -8.21
N CYS A 28 2.69 -1.20 -7.40
CA CYS A 28 3.03 -0.15 -6.39
C CYS A 28 4.01 -0.76 -5.39
N GLU A 29 3.64 -1.83 -4.75
CA GLU A 29 4.55 -2.48 -3.77
C GLU A 29 5.90 -2.69 -4.43
N GLN A 30 5.91 -2.98 -5.70
CA GLN A 30 7.19 -3.22 -6.41
C GLN A 30 7.96 -1.91 -6.55
N HIS A 31 7.28 -0.79 -6.51
CA HIS A 31 7.98 0.52 -6.64
C HIS A 31 8.58 0.86 -5.27
N ILE A 32 8.06 0.27 -4.24
CA ILE A 32 8.60 0.54 -2.88
C ILE A 32 9.67 -0.49 -2.54
N MET A 33 9.37 -1.75 -2.68
CA MET A 33 10.38 -2.80 -2.37
C MET A 33 11.57 -2.64 -3.31
N GLN A 34 11.33 -2.33 -4.54
CA GLN A 34 12.45 -2.15 -5.50
C GLN A 34 13.32 -0.97 -5.08
N ARG A 35 12.72 0.12 -4.72
CA ARG A 35 13.51 1.32 -4.29
C ARG A 35 14.28 1.00 -3.02
N ILE A 36 13.60 0.57 -1.99
CA ILE A 36 14.30 0.24 -0.71
C ILE A 36 15.24 -0.95 -0.91
N MET A 37 15.09 -1.66 -2.00
CA MET A 37 15.98 -2.84 -2.23
C MET A 37 16.99 -2.50 -3.32
N GLY A 38 16.72 -1.49 -4.12
CA GLY A 38 17.68 -1.12 -5.20
C GLY A 38 18.95 -0.56 -4.56
N GLU A 39 18.85 -0.04 -3.37
CA GLU A 39 20.07 0.52 -2.70
C GLU A 39 21.07 -0.61 -2.45
N GLN A 40 20.60 -1.82 -2.34
CA GLN A 40 21.53 -2.97 -2.09
C GLN A 40 22.45 -3.14 -3.31
N GLU A 41 21.95 -2.85 -4.48
CA GLU A 41 22.79 -3.01 -5.70
C GLU A 41 24.06 -2.14 -5.56
N GLN A 42 25.18 -2.65 -5.99
CA GLN A 42 26.44 -1.86 -5.87
C GLN A 42 26.32 -0.59 -6.72
N TYR A 43 25.68 -0.69 -7.85
CA TYR A 43 25.54 0.51 -8.73
C TYR A 43 24.05 0.85 -8.89
N ASP A 44 23.74 2.07 -9.24
CA ASP A 44 22.32 2.46 -9.41
C ASP A 44 22.23 3.96 -9.69
N SER A 45 22.95 4.75 -8.96
CA SER A 45 22.91 6.23 -9.17
C SER A 45 23.13 6.52 -10.65
N TYR A 46 23.95 5.75 -11.31
CA TYR A 46 24.21 5.99 -12.76
C TYR A 46 22.91 5.84 -13.54
N ASP A 47 22.13 4.85 -13.23
CA ASP A 47 20.84 4.66 -13.95
C ASP A 47 19.67 5.10 -13.06
N ILE A 48 18.92 6.07 -13.49
CA ILE A 48 17.77 6.54 -12.66
C ILE A 48 16.80 5.38 -12.43
N ARG A 49 16.52 4.62 -13.46
CA ARG A 49 15.59 3.48 -13.30
C ARG A 49 16.17 2.24 -13.99
N SER A 50 15.95 1.08 -13.43
CA SER A 50 16.50 -0.16 -14.04
C SER A 50 16.02 -0.25 -15.50
N THR A 51 14.79 0.09 -15.76
CA THR A 51 14.27 0.02 -17.15
C THR A 51 13.28 1.17 -17.38
N ARG A 52 13.10 1.55 -18.62
CA ARG A 52 12.15 2.66 -18.91
C ARG A 52 10.74 2.27 -18.47
N SER A 53 10.41 1.01 -18.55
CA SER A 53 9.06 0.56 -18.14
C SER A 53 8.83 0.90 -16.66
N SER A 54 9.89 1.10 -15.93
CA SER A 54 9.75 1.44 -14.49
C SER A 54 8.83 2.65 -14.33
N ASP A 55 8.86 3.56 -15.27
CA ASP A 55 7.99 4.76 -15.19
C ASP A 55 6.53 4.33 -15.17
N GLN A 56 6.22 3.19 -15.73
CA GLN A 56 4.81 2.72 -15.74
C GLN A 56 4.33 2.50 -14.31
N GLN A 57 5.19 2.05 -13.45
CA GLN A 57 4.79 1.82 -12.03
C GLN A 57 4.03 3.03 -11.51
N GLN A 58 4.53 4.22 -11.75
CA GLN A 58 3.83 5.43 -11.26
C GLN A 58 2.34 5.35 -11.63
N ARG A 59 2.04 4.88 -12.81
CA ARG A 59 0.60 4.78 -13.21
C ARG A 59 -0.19 4.06 -12.13
N CYS A 60 0.44 3.18 -11.41
CA CYS A 60 -0.28 2.45 -10.33
C CYS A 60 -1.10 3.45 -9.51
N CYS A 61 -0.50 4.03 -8.51
CA CYS A 61 -1.25 5.03 -7.67
C CYS A 61 -2.06 5.94 -8.59
N ASP A 62 -1.50 6.32 -9.70
CA ASP A 62 -2.25 7.22 -10.64
C ASP A 62 -3.53 6.53 -11.09
N GLU A 63 -3.49 5.24 -11.28
CA GLU A 63 -4.71 4.52 -11.71
C GLU A 63 -5.77 4.61 -10.61
N LEU A 64 -5.40 4.31 -9.40
CA LEU A 64 -6.38 4.38 -8.28
C LEU A 64 -6.75 5.84 -8.01
N ASN A 65 -6.17 6.76 -8.73
CA ASN A 65 -6.50 8.20 -8.51
C ASN A 65 -7.41 8.70 -9.63
N GLU A 66 -7.59 7.91 -10.66
CA GLU A 66 -8.47 8.36 -11.79
C GLU A 66 -9.23 7.16 -12.35
N MET A 67 -8.64 5.99 -12.31
CA MET A 67 -9.35 4.79 -12.86
C MET A 67 -10.42 4.34 -11.87
N GLU A 68 -10.03 3.70 -10.81
CA GLU A 68 -11.03 3.23 -9.81
C GLU A 68 -11.49 4.42 -8.94
N ASN A 69 -11.02 5.60 -9.24
CA ASN A 69 -11.43 6.78 -8.42
C ASN A 69 -11.31 6.44 -6.93
N THR A 70 -10.47 5.50 -6.59
CA THR A 70 -10.31 5.12 -5.16
C THR A 70 -10.30 6.38 -4.29
N GLN A 71 -10.59 6.25 -3.02
CA GLN A 71 -10.59 7.44 -2.13
C GLN A 71 -10.89 6.99 -0.69
N GLY A 72 -11.71 5.99 -0.53
CA GLY A 72 -12.04 5.52 0.85
C GLY A 72 -11.38 4.17 1.10
N CYS A 73 -11.21 3.80 2.34
CA CYS A 73 -10.57 2.50 2.65
C CYS A 73 -9.11 2.52 2.19
N MET A 74 -8.62 3.65 1.80
CA MET A 74 -7.21 3.74 1.34
C MET A 74 -6.32 2.94 2.28
N CYS A 75 -6.36 3.23 3.56
CA CYS A 75 -5.51 2.48 4.52
C CYS A 75 -5.65 0.98 4.25
N GLU A 76 -6.85 0.48 4.17
CA GLU A 76 -7.04 -0.96 3.90
C GLU A 76 -6.35 -1.32 2.58
N ALA A 77 -6.09 -0.35 1.76
CA ALA A 77 -5.42 -0.64 0.46
C ALA A 77 -3.92 -0.83 0.71
N LEU A 78 -3.27 0.16 1.24
CA LEU A 78 -1.81 0.02 1.52
C LEU A 78 -1.59 -1.22 2.38
N GLN A 79 -2.38 -1.39 3.40
CA GLN A 79 -2.21 -2.58 4.28
C GLN A 79 -2.27 -3.84 3.42
N GLN A 80 -3.21 -3.92 2.52
CA GLN A 80 -3.31 -5.12 1.65
C GLN A 80 -1.96 -5.34 0.94
N ILE A 81 -1.42 -4.30 0.37
CA ILE A 81 -0.12 -4.43 -0.33
C ILE A 81 0.86 -5.18 0.57
N MET A 82 1.18 -4.62 1.71
CA MET A 82 2.12 -5.29 2.63
C MET A 82 1.73 -6.76 2.77
N GLU A 83 0.49 -7.03 3.08
CA GLU A 83 0.04 -8.43 3.22
C GLU A 83 0.08 -9.12 1.85
N ASN A 84 0.20 -8.36 0.80
CA ASN A 84 0.25 -8.96 -0.56
C ASN A 84 1.67 -9.46 -0.84
N GLN A 85 2.64 -8.94 -0.14
CA GLN A 85 4.04 -9.40 -0.37
C GLN A 85 4.96 -8.84 0.72
N CYS A 86 4.57 -8.95 1.95
CA CYS A 86 5.43 -8.42 3.05
C CYS A 86 6.32 -9.55 3.59
N ASP A 87 6.06 -10.76 3.18
CA ASP A 87 6.88 -11.90 3.67
C ASP A 87 8.36 -11.53 3.60
N ARG A 88 8.80 -10.99 2.48
CA ARG A 88 10.24 -10.61 2.36
C ARG A 88 10.58 -9.52 3.36
N LEU A 89 9.58 -8.93 3.97
CA LEU A 89 9.85 -7.85 4.97
C LEU A 89 10.67 -8.43 6.13
N GLN A 90 10.72 -9.73 6.24
CA GLN A 90 11.50 -10.35 7.35
C GLN A 90 12.86 -9.66 7.47
N ASP A 91 13.34 -9.09 6.40
CA ASP A 91 14.66 -8.40 6.43
C ASP A 91 14.57 -7.18 7.35
N ARG A 92 15.60 -6.91 8.10
CA ARG A 92 15.57 -5.73 9.01
C ARG A 92 15.66 -4.45 8.18
N GLN A 93 16.08 -4.55 6.95
CA GLN A 93 16.20 -3.34 6.09
C GLN A 93 14.81 -2.94 5.58
N MET A 94 14.09 -3.87 5.01
CA MET A 94 12.73 -3.54 4.50
C MET A 94 11.87 -2.97 5.63
N VAL A 95 11.98 -3.53 6.80
CA VAL A 95 11.16 -3.03 7.95
C VAL A 95 11.10 -1.50 7.92
N GLN A 96 12.01 -0.85 8.60
CA GLN A 96 11.99 0.64 8.60
C GLN A 96 12.06 1.16 7.17
N GLN A 97 13.05 0.76 6.42
CA GLN A 97 13.17 1.23 5.02
C GLN A 97 11.81 1.15 4.34
N PHE A 98 11.31 -0.04 4.09
CA PHE A 98 9.99 -0.17 3.42
C PHE A 98 8.96 0.66 4.19
N LYS A 99 9.04 0.68 5.49
CA LYS A 99 8.08 1.48 6.29
C LYS A 99 8.29 2.97 6.00
N ARG A 100 9.51 3.35 5.75
CA ARG A 100 9.78 4.79 5.44
C ARG A 100 9.18 5.14 4.08
N GLU A 101 9.49 4.37 3.07
CA GLU A 101 8.90 4.65 1.73
C GLU A 101 7.39 4.53 1.81
N LEU A 102 6.91 3.58 2.56
CA LEU A 102 5.43 3.40 2.69
C LEU A 102 4.81 4.71 3.20
N MET A 103 5.47 5.39 4.09
CA MET A 103 4.91 6.67 4.61
C MET A 103 4.80 7.67 3.46
N SER A 104 5.69 7.58 2.51
CA SER A 104 5.63 8.53 1.35
C SER A 104 4.61 8.04 0.34
N LEU A 105 4.43 6.74 0.24
CA LEU A 105 3.44 6.19 -0.73
C LEU A 105 2.16 7.02 -0.70
N PRO A 106 1.60 7.27 0.50
CA PRO A 106 0.37 8.05 0.66
C PRO A 106 0.60 9.51 0.27
N GLN A 107 1.82 9.87 -0.01
CA GLN A 107 2.13 11.27 -0.40
C GLN A 107 2.28 11.34 -1.92
N GLN A 108 3.05 10.45 -2.49
CA GLN A 108 3.24 10.47 -3.96
C GLN A 108 1.88 10.55 -4.65
N CYS A 109 0.86 10.02 -4.03
CA CYS A 109 -0.50 10.06 -4.65
C CYS A 109 -1.53 10.46 -3.59
N ASN A 110 -1.11 11.19 -2.59
CA ASN A 110 -2.06 11.62 -1.53
C ASN A 110 -2.99 10.46 -1.16
N PHE A 111 -2.44 9.29 -0.98
CA PHE A 111 -3.28 8.11 -0.62
C PHE A 111 -3.78 8.27 0.81
N ARG A 112 -3.35 9.30 1.49
CA ARG A 112 -3.80 9.49 2.90
C ARG A 112 -5.32 9.37 2.97
N ALA A 113 -5.85 9.00 4.10
CA ALA A 113 -7.32 8.85 4.24
C ALA A 113 -7.78 9.43 5.57
N PRO A 114 -9.10 9.68 5.71
CA PRO A 114 -9.67 10.23 6.94
C PRO A 114 -9.66 9.20 8.08
N GLN A 115 -9.39 7.97 7.77
CA GLN A 115 -9.35 6.92 8.83
C GLN A 115 -7.90 6.58 9.16
N ARG A 116 -7.64 6.16 10.37
CA ARG A 116 -6.24 5.81 10.75
C ARG A 116 -6.17 4.32 11.12
N CYS A 117 -5.04 3.70 10.92
CA CYS A 117 -4.91 2.26 11.26
C CYS A 117 -3.87 2.09 12.37
N ASP A 118 -3.92 1.00 13.08
CA ASP A 118 -2.93 0.77 14.18
C ASP A 118 -1.57 0.44 13.57
N LEU A 119 -0.50 0.85 14.21
CA LEU A 119 0.85 0.57 13.67
C LEU A 119 1.21 -0.90 13.96
N ASP A 120 0.57 -1.51 14.90
CA ASP A 120 0.87 -2.92 15.22
C ASP A 120 0.43 -3.82 14.06
N VAL A 121 -0.61 -3.43 13.36
CA VAL A 121 -1.08 -4.26 12.22
C VAL A 121 0.06 -4.47 11.23
N SER A 122 0.77 -3.43 10.90
CA SER A 122 1.91 -3.58 9.94
C SER A 122 2.92 -4.59 10.50
N GLY A 123 3.10 -4.62 11.79
CA GLY A 123 4.07 -5.57 12.39
C GLY A 123 3.37 -6.89 12.70
N GLY A 124 2.18 -7.08 12.19
CA GLY A 124 1.45 -8.34 12.45
C GLY A 124 2.23 -9.52 11.88
N ARG A 125 1.60 -10.35 11.09
CA ARG A 125 2.32 -11.51 10.49
C ARG A 125 3.46 -11.02 9.61
N CYS A 126 3.29 -9.88 8.99
CA CYS A 126 4.37 -9.34 8.11
C CYS A 126 5.62 -9.07 8.97
N SER A 127 5.46 -8.89 10.24
CA SER A 127 6.63 -8.62 11.12
C SER A 127 7.30 -7.31 10.69
N GLY A 1 -19.76 -0.32 13.61
CA GLY A 1 -19.73 0.55 14.82
C GLY A 1 -21.04 0.41 15.58
N PRO A 2 -21.09 0.93 16.82
CA PRO A 2 -22.29 0.86 17.67
C PRO A 2 -23.42 1.75 17.13
N MET A 3 -23.10 2.67 16.27
CA MET A 3 -24.15 3.57 15.72
C MET A 3 -24.60 3.04 14.35
N ARG A 4 -25.87 3.16 14.06
CA ARG A 4 -26.38 2.68 12.74
C ARG A 4 -27.03 3.84 11.98
N ARG A 5 -27.06 3.76 10.68
CA ARG A 5 -27.69 4.85 9.89
C ARG A 5 -29.14 5.05 10.34
N GLU A 6 -29.64 6.25 10.24
CA GLU A 6 -31.05 6.51 10.67
C GLU A 6 -32.00 5.65 9.84
N ARG A 7 -31.67 5.41 8.60
CA ARG A 7 -32.55 4.57 7.75
C ARG A 7 -31.78 3.36 7.23
N GLY A 8 -32.45 2.27 7.01
CA GLY A 8 -31.74 1.05 6.50
C GLY A 8 -31.61 1.14 4.98
N ARG A 9 -31.11 0.11 4.36
CA ARG A 9 -30.96 0.13 2.88
C ARG A 9 -31.75 -1.03 2.27
N GLN A 10 -32.36 -0.80 1.14
CA GLN A 10 -33.15 -1.90 0.49
C GLN A 10 -32.22 -3.05 0.14
N GLY A 11 -31.02 -2.76 -0.27
CA GLY A 11 -30.07 -3.85 -0.64
C GLY A 11 -29.27 -4.25 0.61
N ASP A 12 -28.39 -5.22 0.48
CA ASP A 12 -27.59 -5.66 1.64
C ASP A 12 -26.39 -4.74 1.81
N SER A 13 -26.18 -4.21 2.99
CA SER A 13 -25.03 -3.30 3.22
C SER A 13 -23.73 -4.03 2.87
N SER A 14 -22.72 -3.31 2.46
CA SER A 14 -21.44 -3.97 2.10
C SER A 14 -20.29 -3.24 2.82
N SER A 15 -19.26 -3.96 3.17
CA SER A 15 -18.10 -3.32 3.87
C SER A 15 -17.09 -2.82 2.84
N CYS A 16 -16.45 -1.71 3.11
CA CYS A 16 -15.46 -1.17 2.15
C CYS A 16 -14.31 -2.18 1.98
N GLU A 17 -14.09 -2.99 2.98
CA GLU A 17 -12.99 -3.99 2.87
C GLU A 17 -13.10 -4.75 1.55
N ARG A 18 -14.29 -5.11 1.17
CA ARG A 18 -14.47 -5.86 -0.11
C ARG A 18 -13.92 -5.02 -1.27
N GLN A 19 -13.86 -3.72 -1.09
CA GLN A 19 -13.33 -2.86 -2.18
C GLN A 19 -11.81 -2.90 -2.18
N VAL A 20 -11.21 -3.23 -1.07
CA VAL A 20 -9.72 -3.30 -1.01
C VAL A 20 -9.24 -4.55 -1.73
N ASP A 21 -9.98 -5.62 -1.65
CA ASP A 21 -9.57 -6.88 -2.34
C ASP A 21 -9.27 -6.58 -3.81
N ARG A 22 -9.94 -5.62 -4.38
CA ARG A 22 -9.71 -5.27 -5.81
C ARG A 22 -8.34 -4.58 -5.95
N VAL A 23 -7.81 -4.10 -4.86
CA VAL A 23 -6.48 -3.42 -4.93
C VAL A 23 -5.52 -4.24 -5.80
N ASN A 24 -4.85 -5.18 -5.21
CA ASN A 24 -3.90 -6.02 -5.99
C ASN A 24 -2.83 -5.13 -6.63
N LEU A 25 -1.84 -4.73 -5.86
CA LEU A 25 -0.77 -3.87 -6.43
C LEU A 25 0.59 -4.54 -6.26
N LYS A 26 0.84 -5.60 -6.98
CA LYS A 26 2.15 -6.30 -6.86
C LYS A 26 3.26 -5.43 -7.43
N PRO A 27 3.00 -4.73 -8.55
CA PRO A 27 4.01 -3.88 -9.19
C PRO A 27 4.33 -2.65 -8.33
N CYS A 28 3.38 -2.18 -7.58
CA CYS A 28 3.64 -0.99 -6.72
C CYS A 28 4.52 -1.41 -5.55
N GLU A 29 4.22 -2.52 -4.93
CA GLU A 29 5.05 -2.98 -3.78
C GLU A 29 6.43 -3.40 -4.30
N GLN A 30 6.49 -3.94 -5.48
CA GLN A 30 7.81 -4.36 -6.05
C GLN A 30 8.58 -3.11 -6.48
N HIS A 31 7.92 -2.00 -6.65
CA HIS A 31 8.63 -0.77 -7.05
C HIS A 31 9.31 -0.16 -5.82
N ILE A 32 8.65 -0.19 -4.70
CA ILE A 32 9.25 0.36 -3.47
C ILE A 32 10.24 -0.66 -2.89
N MET A 33 9.86 -1.91 -2.85
CA MET A 33 10.77 -2.95 -2.30
C MET A 33 12.06 -2.98 -3.12
N GLN A 34 11.94 -2.84 -4.42
CA GLN A 34 13.17 -2.86 -5.27
C GLN A 34 14.01 -1.62 -4.98
N ARG A 35 13.38 -0.51 -4.74
CA ARG A 35 14.14 0.74 -4.44
C ARG A 35 14.86 0.58 -3.11
N ILE A 36 14.13 0.43 -2.04
CA ILE A 36 14.79 0.27 -0.70
C ILE A 36 15.91 -0.76 -0.81
N MET A 37 15.68 -1.82 -1.53
CA MET A 37 16.73 -2.86 -1.68
C MET A 37 17.81 -2.36 -2.64
N GLY A 38 17.41 -1.90 -3.80
CA GLY A 38 18.39 -1.39 -4.79
C GLY A 38 19.62 -2.30 -4.80
N GLU A 39 20.79 -1.74 -4.94
CA GLU A 39 22.02 -2.59 -4.97
C GLU A 39 22.40 -2.98 -3.54
N GLN A 40 21.95 -2.24 -2.57
CA GLN A 40 22.28 -2.58 -1.16
C GLN A 40 21.12 -2.17 -0.25
N GLU A 41 21.00 -2.79 0.90
CA GLU A 41 19.89 -2.43 1.83
C GLU A 41 19.89 -0.92 2.05
N GLN A 42 21.03 -0.30 1.98
CA GLN A 42 21.09 1.17 2.19
C GLN A 42 20.24 1.88 1.13
N TYR A 43 19.71 3.03 1.45
CA TYR A 43 18.86 3.76 0.46
C TYR A 43 19.69 4.03 -0.80
N ASP A 44 20.95 4.31 -0.65
CA ASP A 44 21.81 4.58 -1.84
C ASP A 44 21.29 5.82 -2.56
N SER A 45 21.12 6.91 -1.85
CA SER A 45 20.61 8.15 -2.50
C SER A 45 21.54 8.55 -3.64
N TYR A 46 22.80 8.19 -3.54
CA TYR A 46 23.76 8.56 -4.63
C TYR A 46 23.21 8.09 -5.98
N ASP A 47 22.62 6.93 -6.01
CA ASP A 47 22.06 6.42 -7.30
C ASP A 47 20.83 7.27 -7.69
N ILE A 48 21.05 8.39 -8.30
CA ILE A 48 19.89 9.25 -8.70
C ILE A 48 19.08 8.53 -9.77
N ARG A 49 19.73 7.78 -10.63
CA ARG A 49 18.99 7.06 -11.70
C ARG A 49 17.95 6.14 -11.06
N SER A 50 16.83 5.95 -11.71
CA SER A 50 15.78 5.05 -11.14
C SER A 50 15.44 3.96 -12.15
N THR A 51 14.94 2.85 -11.69
CA THR A 51 14.58 1.74 -12.62
C THR A 51 13.26 2.07 -13.31
N ARG A 52 13.18 1.84 -14.59
CA ARG A 52 11.91 2.14 -15.32
C ARG A 52 10.75 1.45 -14.62
N SER A 53 10.97 0.27 -14.10
CA SER A 53 9.87 -0.45 -13.40
C SER A 53 9.19 0.49 -12.42
N SER A 54 9.93 1.37 -11.81
CA SER A 54 9.32 2.32 -10.84
C SER A 54 8.21 3.12 -11.53
N ASP A 55 8.33 3.35 -12.80
CA ASP A 55 7.28 4.12 -13.53
C ASP A 55 5.91 3.54 -13.19
N GLN A 56 5.85 2.26 -12.92
CA GLN A 56 4.54 1.64 -12.58
C GLN A 56 3.95 2.31 -11.33
N GLN A 57 4.78 2.58 -10.36
CA GLN A 57 4.29 3.24 -9.11
C GLN A 57 3.38 4.41 -9.48
N GLN A 58 3.71 5.13 -10.51
CA GLN A 58 2.86 6.28 -10.92
C GLN A 58 1.48 5.79 -11.34
N ARG A 59 1.40 4.61 -11.88
CA ARG A 59 0.08 4.08 -12.32
C ARG A 59 -0.83 3.92 -11.10
N CYS A 60 -0.30 3.47 -10.00
CA CYS A 60 -1.14 3.30 -8.78
C CYS A 60 -1.88 4.61 -8.50
N CYS A 61 -1.20 5.58 -7.98
CA CYS A 61 -1.87 6.88 -7.68
C CYS A 61 -2.69 7.32 -8.88
N ASP A 62 -2.22 7.03 -10.07
CA ASP A 62 -2.99 7.43 -11.29
C ASP A 62 -4.38 6.80 -11.23
N GLU A 63 -4.47 5.58 -10.77
CA GLU A 63 -5.79 4.91 -10.68
C GLU A 63 -6.62 5.60 -9.60
N LEU A 64 -6.03 5.87 -8.47
CA LEU A 64 -6.78 6.55 -7.38
C LEU A 64 -7.20 7.94 -7.85
N ASN A 65 -6.65 8.39 -8.96
CA ASN A 65 -7.03 9.74 -9.47
C ASN A 65 -8.42 9.67 -10.10
N GLU A 66 -8.82 8.53 -10.57
CA GLU A 66 -10.16 8.40 -11.20
C GLU A 66 -11.12 7.73 -10.21
N MET A 67 -10.63 6.84 -9.39
CA MET A 67 -11.52 6.15 -8.41
C MET A 67 -11.77 7.07 -7.22
N GLU A 68 -12.25 8.26 -7.47
CA GLU A 68 -12.51 9.21 -6.34
C GLU A 68 -13.19 8.46 -5.20
N ASN A 69 -13.95 7.43 -5.51
CA ASN A 69 -14.64 6.67 -4.44
C ASN A 69 -13.63 6.23 -3.38
N THR A 70 -12.37 6.18 -3.73
CA THR A 70 -11.34 5.76 -2.75
C THR A 70 -11.26 6.79 -1.62
N GLN A 71 -11.12 6.34 -0.40
CA GLN A 71 -11.03 7.29 0.74
C GLN A 71 -10.24 6.66 1.88
N GLY A 72 -10.62 6.91 3.10
CA GLY A 72 -9.89 6.31 4.25
C GLY A 72 -9.55 4.85 3.95
N CYS A 73 -10.40 4.18 3.22
CA CYS A 73 -10.14 2.75 2.89
C CYS A 73 -8.70 2.62 2.38
N MET A 74 -8.14 3.67 1.86
CA MET A 74 -6.74 3.60 1.35
C MET A 74 -5.87 2.85 2.36
N CYS A 75 -5.99 3.18 3.62
CA CYS A 75 -5.17 2.49 4.65
C CYS A 75 -5.29 0.98 4.45
N GLU A 76 -6.48 0.48 4.29
CA GLU A 76 -6.66 -0.98 4.09
C GLU A 76 -5.98 -1.38 2.77
N ALA A 77 -5.80 -0.45 1.88
CA ALA A 77 -5.14 -0.77 0.59
C ALA A 77 -3.62 -0.91 0.81
N LEU A 78 -3.02 0.08 1.42
CA LEU A 78 -1.56 0.00 1.68
C LEU A 78 -1.29 -1.21 2.58
N GLN A 79 -2.10 -1.40 3.58
CA GLN A 79 -1.89 -2.56 4.50
C GLN A 79 -1.90 -3.85 3.67
N GLN A 80 -2.77 -3.95 2.71
CA GLN A 80 -2.82 -5.18 1.88
C GLN A 80 -1.48 -5.38 1.19
N ILE A 81 -1.00 -4.38 0.50
CA ILE A 81 0.31 -4.52 -0.19
C ILE A 81 1.33 -5.15 0.76
N MET A 82 1.60 -4.52 1.87
CA MET A 82 2.57 -5.09 2.84
C MET A 82 2.25 -6.56 3.07
N GLU A 83 1.02 -6.88 3.38
CA GLU A 83 0.66 -8.30 3.60
C GLU A 83 0.76 -9.05 2.27
N ASN A 84 0.81 -8.35 1.18
CA ASN A 84 0.92 -9.00 -0.15
C ASN A 84 2.34 -9.56 -0.32
N GLN A 85 3.30 -8.96 0.33
CA GLN A 85 4.71 -9.46 0.19
C GLN A 85 5.53 -9.05 1.41
N CYS A 86 5.08 -9.38 2.60
CA CYS A 86 5.85 -9.01 3.82
C CYS A 86 6.02 -10.25 4.71
N ASP A 87 6.20 -11.39 4.10
CA ASP A 87 6.36 -12.63 4.92
C ASP A 87 7.71 -12.60 5.62
N ARG A 88 8.67 -11.91 5.06
CA ARG A 88 10.02 -11.85 5.70
C ARG A 88 10.44 -10.39 5.86
N LEU A 89 9.52 -9.48 5.72
CA LEU A 89 9.87 -8.03 5.88
C LEU A 89 10.31 -7.76 7.31
N GLN A 90 9.59 -8.28 8.27
CA GLN A 90 9.96 -8.05 9.69
C GLN A 90 11.31 -8.71 9.99
N ASP A 91 11.60 -9.81 9.34
CA ASP A 91 12.90 -10.49 9.58
C ASP A 91 14.05 -9.59 9.11
N ARG A 92 13.79 -8.73 8.17
CA ARG A 92 14.87 -7.83 7.67
C ARG A 92 14.53 -6.38 8.01
N GLN A 93 15.53 -5.55 8.16
CA GLN A 93 15.26 -4.11 8.48
C GLN A 93 14.39 -3.49 7.39
N MET A 94 14.30 -4.14 6.26
CA MET A 94 13.47 -3.59 5.14
C MET A 94 12.13 -3.12 5.70
N VAL A 95 11.66 -3.75 6.74
CA VAL A 95 10.34 -3.34 7.33
C VAL A 95 10.35 -1.84 7.62
N GLN A 96 11.47 -1.32 8.03
CA GLN A 96 11.56 0.14 8.34
C GLN A 96 11.54 0.93 7.03
N GLN A 97 12.65 0.97 6.34
CA GLN A 97 12.71 1.73 5.05
C GLN A 97 11.44 1.47 4.26
N PHE A 98 11.08 0.22 4.07
CA PHE A 98 9.84 -0.08 3.29
C PHE A 98 8.66 0.69 3.89
N LYS A 99 8.59 0.75 5.19
CA LYS A 99 7.46 1.49 5.84
C LYS A 99 7.65 2.99 5.57
N ARG A 100 8.87 3.43 5.45
CA ARG A 100 9.11 4.88 5.19
C ARG A 100 8.66 5.20 3.76
N GLU A 101 9.08 4.42 2.80
CA GLU A 101 8.66 4.69 1.40
C GLU A 101 7.15 4.47 1.29
N LEU A 102 6.66 3.43 1.90
CA LEU A 102 5.19 3.16 1.83
C LEU A 102 4.44 4.36 2.39
N MET A 103 4.97 5.01 3.39
CA MET A 103 4.27 6.20 3.96
C MET A 103 4.16 7.29 2.89
N SER A 104 5.08 7.32 1.97
CA SER A 104 5.04 8.34 0.90
C SER A 104 4.08 7.90 -0.21
N LEU A 105 3.98 6.62 -0.44
CA LEU A 105 3.07 6.12 -1.51
C LEU A 105 1.71 6.85 -1.42
N PRO A 106 1.13 6.90 -0.22
CA PRO A 106 -0.16 7.58 -0.02
C PRO A 106 -0.04 9.09 -0.22
N GLN A 107 1.17 9.56 -0.41
CA GLN A 107 1.38 11.01 -0.62
C GLN A 107 1.41 11.29 -2.12
N GLN A 108 2.15 10.51 -2.86
CA GLN A 108 2.22 10.74 -4.33
C GLN A 108 0.80 10.79 -4.91
N CYS A 109 -0.15 10.25 -4.20
CA CYS A 109 -1.56 10.27 -4.69
C CYS A 109 -2.17 11.65 -4.46
N ASN A 110 -1.53 12.48 -3.68
CA ASN A 110 -2.07 13.83 -3.41
C ASN A 110 -3.21 13.73 -2.38
N PHE A 111 -3.26 12.64 -1.66
CA PHE A 111 -4.35 12.48 -0.65
C PHE A 111 -3.98 13.24 0.63
N ARG A 112 -3.70 14.50 0.52
CA ARG A 112 -3.33 15.30 1.73
C ARG A 112 -4.48 15.26 2.74
N ALA A 113 -5.70 15.15 2.27
CA ALA A 113 -6.86 15.12 3.20
C ALA A 113 -6.50 14.31 4.45
N PRO A 114 -6.11 15.00 5.53
CA PRO A 114 -5.74 14.37 6.80
C PRO A 114 -6.97 13.84 7.54
N GLN A 115 -6.76 13.17 8.65
CA GLN A 115 -7.92 12.63 9.43
C GLN A 115 -8.53 11.45 8.68
N ARG A 116 -8.90 11.62 7.45
CA ARG A 116 -9.52 10.50 6.67
C ARG A 116 -8.80 9.19 7.02
N CYS A 117 -7.51 9.24 7.24
CA CYS A 117 -6.77 8.01 7.58
C CYS A 117 -5.61 8.34 8.52
N ASP A 118 -5.90 8.65 9.75
CA ASP A 118 -4.81 9.00 10.71
C ASP A 118 -4.65 7.86 11.72
N LEU A 119 -5.33 6.76 11.50
CA LEU A 119 -5.21 5.61 12.45
C LEU A 119 -4.04 4.72 12.02
N ASP A 120 -3.49 3.97 12.93
CA ASP A 120 -2.35 3.07 12.57
C ASP A 120 -2.90 1.72 12.14
N VAL A 121 -4.18 1.62 11.87
CA VAL A 121 -4.75 0.33 11.44
C VAL A 121 -3.93 -0.25 10.29
N SER A 122 -3.42 0.59 9.42
CA SER A 122 -2.60 0.08 8.29
C SER A 122 -1.57 -0.92 8.82
N GLY A 123 -1.00 -0.66 9.96
CA GLY A 123 0.01 -1.59 10.53
C GLY A 123 -0.60 -3.00 10.64
N GLY A 124 0.21 -4.02 10.54
CA GLY A 124 -0.32 -5.41 10.64
C GLY A 124 0.83 -6.37 10.93
N ARG A 125 0.72 -7.60 10.49
CA ARG A 125 1.81 -8.58 10.75
C ARG A 125 3.10 -8.11 10.09
N CYS A 126 2.99 -7.51 8.93
CA CYS A 126 4.22 -7.02 8.23
C CYS A 126 5.08 -6.22 9.20
N SER A 127 4.47 -5.59 10.17
CA SER A 127 5.26 -4.78 11.15
C SER A 127 6.07 -3.72 10.41
N GLY A 1 -21.14 13.20 15.04
CA GLY A 1 -20.96 14.61 14.62
C GLY A 1 -22.17 15.44 15.06
N PRO A 2 -22.12 16.76 14.83
CA PRO A 2 -23.21 17.67 15.20
C PRO A 2 -24.45 17.46 14.32
N MET A 3 -24.27 16.88 13.15
CA MET A 3 -25.44 16.65 12.25
C MET A 3 -25.95 15.23 12.44
N ARG A 4 -27.24 15.06 12.56
CA ARG A 4 -27.80 13.68 12.75
C ARG A 4 -28.89 13.44 11.71
N ARG A 5 -29.13 12.21 11.37
CA ARG A 5 -30.20 11.90 10.37
C ARG A 5 -31.27 11.04 11.01
N GLU A 6 -32.49 11.13 10.54
CA GLU A 6 -33.58 10.32 11.13
C GLU A 6 -33.18 8.84 11.11
N ARG A 7 -32.49 8.41 10.09
CA ARG A 7 -32.07 6.99 10.01
C ARG A 7 -31.01 6.71 11.08
N GLY A 8 -31.02 5.53 11.64
CA GLY A 8 -30.00 5.20 12.68
C GLY A 8 -28.73 4.69 12.01
N ARG A 9 -27.80 4.20 12.79
CA ARG A 9 -26.53 3.68 12.20
C ARG A 9 -26.45 2.16 12.39
N GLN A 10 -26.22 1.43 11.32
CA GLN A 10 -26.14 -0.04 11.44
C GLN A 10 -24.97 -0.42 12.36
N GLY A 11 -23.91 0.36 12.34
CA GLY A 11 -22.75 0.05 13.21
C GLY A 11 -21.74 -0.83 12.44
N ASP A 12 -22.11 -1.25 11.26
CA ASP A 12 -21.17 -2.10 10.46
C ASP A 12 -20.16 -1.21 9.74
N SER A 13 -18.90 -1.54 9.84
CA SER A 13 -17.86 -0.72 9.16
C SER A 13 -18.19 -0.59 7.67
N SER A 14 -17.63 0.38 7.01
CA SER A 14 -17.92 0.57 5.56
C SER A 14 -17.64 -0.74 4.82
N SER A 15 -18.39 -1.01 3.78
CA SER A 15 -18.17 -2.28 3.01
C SER A 15 -16.93 -2.13 2.14
N CYS A 16 -16.35 -0.95 2.08
CA CYS A 16 -15.14 -0.76 1.24
C CYS A 16 -14.14 -1.87 1.51
N GLU A 17 -14.09 -2.36 2.72
CA GLU A 17 -13.13 -3.46 3.04
C GLU A 17 -13.18 -4.51 1.94
N ARG A 18 -14.35 -4.94 1.56
CA ARG A 18 -14.45 -5.97 0.48
C ARG A 18 -13.83 -5.42 -0.80
N GLN A 19 -13.76 -4.12 -0.94
CA GLN A 19 -13.17 -3.53 -2.16
C GLN A 19 -11.64 -3.59 -2.07
N VAL A 20 -11.12 -3.79 -0.89
CA VAL A 20 -9.64 -3.86 -0.73
C VAL A 20 -9.15 -5.23 -1.21
N ASP A 21 -9.88 -6.27 -0.90
CA ASP A 21 -9.45 -7.63 -1.34
C ASP A 21 -9.22 -7.62 -2.85
N ARG A 22 -9.80 -6.68 -3.55
CA ARG A 22 -9.59 -6.61 -5.02
C ARG A 22 -8.39 -5.71 -5.32
N VAL A 23 -7.84 -5.08 -4.32
CA VAL A 23 -6.67 -4.19 -4.57
C VAL A 23 -5.63 -4.93 -5.41
N ASN A 24 -5.09 -5.98 -4.90
CA ASN A 24 -4.07 -6.75 -5.68
C ASN A 24 -3.07 -5.77 -6.29
N LEU A 25 -2.29 -5.11 -5.48
CA LEU A 25 -1.30 -4.15 -6.01
C LEU A 25 0.11 -4.72 -5.86
N LYS A 26 0.39 -5.81 -6.52
CA LYS A 26 1.74 -6.43 -6.43
C LYS A 26 2.79 -5.51 -7.06
N PRO A 27 2.46 -4.88 -8.20
CA PRO A 27 3.39 -3.97 -8.89
C PRO A 27 3.65 -2.70 -8.09
N CYS A 28 2.68 -2.24 -7.36
CA CYS A 28 2.88 -1.00 -6.55
C CYS A 28 3.88 -1.30 -5.44
N GLU A 29 3.65 -2.36 -4.70
CA GLU A 29 4.59 -2.72 -3.61
C GLU A 29 5.97 -3.03 -4.20
N GLN A 30 5.98 -3.59 -5.39
CA GLN A 30 7.28 -3.91 -6.04
C GLN A 30 8.01 -2.61 -6.40
N HIS A 31 7.28 -1.54 -6.49
CA HIS A 31 7.94 -0.24 -6.83
C HIS A 31 8.60 0.32 -5.57
N ILE A 32 7.91 0.23 -4.46
CA ILE A 32 8.48 0.74 -3.20
C ILE A 32 9.57 -0.24 -2.71
N MET A 33 9.30 -1.51 -2.80
CA MET A 33 10.30 -2.51 -2.34
C MET A 33 11.55 -2.43 -3.23
N GLN A 34 11.35 -2.29 -4.52
CA GLN A 34 12.53 -2.21 -5.44
C GLN A 34 13.35 -0.96 -5.11
N ARG A 35 12.71 0.11 -4.75
CA ARG A 35 13.47 1.36 -4.42
C ARG A 35 14.22 1.15 -3.11
N ILE A 36 13.57 0.61 -2.11
CA ILE A 36 14.24 0.39 -0.81
C ILE A 36 15.31 -0.69 -0.96
N MET A 37 15.33 -1.36 -2.09
CA MET A 37 16.34 -2.43 -2.30
C MET A 37 17.71 -1.96 -1.78
N GLY A 38 18.03 -0.71 -1.99
CA GLY A 38 19.33 -0.19 -1.51
C GLY A 38 20.48 -0.90 -2.23
N GLU A 39 20.66 -2.16 -1.95
CA GLU A 39 21.76 -2.92 -2.62
C GLU A 39 21.78 -2.58 -4.11
N GLN A 40 20.65 -2.23 -4.66
CA GLN A 40 20.60 -1.88 -6.10
C GLN A 40 19.96 -0.51 -6.28
N GLU A 41 20.49 0.30 -7.16
CA GLU A 41 19.90 1.65 -7.39
C GLU A 41 19.96 1.99 -8.87
N GLN A 42 18.84 2.41 -9.43
CA GLN A 42 18.84 2.76 -10.89
C GLN A 42 19.31 1.56 -11.70
N TYR A 43 18.79 0.39 -11.42
CA TYR A 43 19.21 -0.82 -12.17
C TYR A 43 18.90 -0.63 -13.66
N ASP A 44 17.77 -0.03 -13.97
CA ASP A 44 17.42 0.18 -15.40
C ASP A 44 18.12 1.44 -15.92
N SER A 45 17.97 1.73 -17.18
CA SER A 45 18.63 2.95 -17.74
C SER A 45 17.59 3.77 -18.52
N TYR A 46 17.54 5.05 -18.28
CA TYR A 46 16.55 5.90 -18.99
C TYR A 46 17.29 6.94 -19.85
N ASP A 47 16.82 7.19 -21.04
CA ASP A 47 17.50 8.19 -21.91
C ASP A 47 17.22 9.60 -21.39
N ILE A 48 17.81 10.60 -21.99
CA ILE A 48 17.59 11.99 -21.52
C ILE A 48 16.11 12.36 -21.71
N ARG A 49 15.50 11.87 -22.76
CA ARG A 49 14.07 12.19 -23.00
C ARG A 49 13.27 11.95 -21.71
N SER A 50 13.68 11.02 -20.91
CA SER A 50 12.93 10.74 -19.64
C SER A 50 13.68 11.36 -18.47
N THR A 51 12.99 11.66 -17.41
CA THR A 51 13.66 12.28 -16.22
C THR A 51 14.07 11.18 -15.25
N ARG A 52 13.13 10.64 -14.51
CA ARG A 52 13.48 9.57 -13.53
C ARG A 52 12.60 8.35 -13.79
N SER A 53 13.07 7.18 -13.46
CA SER A 53 12.25 5.95 -13.68
C SER A 53 11.05 5.96 -12.75
N SER A 54 11.12 6.71 -11.68
CA SER A 54 9.99 6.78 -10.72
C SER A 54 8.70 7.11 -11.48
N ASP A 55 8.82 7.67 -12.65
CA ASP A 55 7.60 8.02 -13.43
C ASP A 55 6.75 6.77 -13.65
N GLN A 56 7.33 5.61 -13.47
CA GLN A 56 6.55 4.36 -13.66
C GLN A 56 5.60 4.15 -12.47
N GLN A 57 6.01 4.56 -11.30
CA GLN A 57 5.14 4.37 -10.11
C GLN A 57 3.86 5.20 -10.28
N GLN A 58 3.97 6.39 -10.81
CA GLN A 58 2.76 7.22 -11.01
C GLN A 58 1.64 6.36 -11.59
N ARG A 59 1.99 5.31 -12.28
CA ARG A 59 0.94 4.43 -12.87
C ARG A 59 0.03 3.90 -11.76
N CYS A 60 0.56 3.10 -10.88
CA CYS A 60 -0.28 2.57 -9.77
C CYS A 60 -1.12 3.72 -9.20
N CYS A 61 -0.48 4.65 -8.56
CA CYS A 61 -1.22 5.80 -7.99
C CYS A 61 -2.24 6.32 -9.02
N ASP A 62 -1.83 6.44 -10.25
CA ASP A 62 -2.76 6.94 -11.31
C ASP A 62 -4.03 6.08 -11.28
N GLU A 63 -3.90 4.82 -11.04
CA GLU A 63 -5.10 3.94 -10.99
C GLU A 63 -5.93 4.32 -9.76
N LEU A 64 -5.31 4.42 -8.63
CA LEU A 64 -6.05 4.79 -7.39
C LEU A 64 -6.71 6.15 -7.58
N ASN A 65 -6.35 6.85 -8.62
CA ASN A 65 -6.96 8.19 -8.86
C ASN A 65 -8.38 8.00 -9.39
N GLU A 66 -8.65 6.89 -10.03
CA GLU A 66 -10.02 6.64 -10.56
C GLU A 66 -10.13 5.20 -11.06
N MET A 67 -9.06 4.65 -11.56
CA MET A 67 -9.11 3.25 -12.07
C MET A 67 -9.69 2.33 -10.99
N GLU A 68 -9.07 2.29 -9.85
CA GLU A 68 -9.58 1.42 -8.76
C GLU A 68 -10.74 2.12 -8.04
N ASN A 69 -11.18 3.23 -8.55
CA ASN A 69 -12.31 3.96 -7.91
C ASN A 69 -12.11 3.97 -6.39
N THR A 70 -10.96 4.38 -5.94
CA THR A 70 -10.70 4.41 -4.47
C THR A 70 -11.39 5.63 -3.87
N GLN A 71 -11.45 5.71 -2.56
CA GLN A 71 -12.12 6.87 -1.91
C GLN A 71 -11.66 6.98 -0.46
N GLY A 72 -10.37 7.01 -0.23
CA GLY A 72 -9.85 7.11 1.17
C GLY A 72 -9.56 5.71 1.71
N CYS A 73 -9.90 4.69 0.98
CA CYS A 73 -9.65 3.31 1.47
C CYS A 73 -8.17 2.96 1.25
N MET A 74 -7.41 3.88 0.73
CA MET A 74 -5.97 3.60 0.49
C MET A 74 -5.38 2.88 1.70
N CYS A 75 -5.60 3.39 2.88
CA CYS A 75 -5.05 2.74 4.10
C CYS A 75 -5.27 1.23 4.02
N GLU A 76 -6.49 0.80 3.79
CA GLU A 76 -6.76 -0.66 3.69
C GLU A 76 -5.97 -1.24 2.51
N ALA A 77 -5.60 -0.40 1.57
CA ALA A 77 -4.83 -0.89 0.40
C ALA A 77 -3.40 -1.18 0.82
N LEU A 78 -2.76 -0.25 1.48
CA LEU A 78 -1.36 -0.48 1.93
C LEU A 78 -1.34 -1.66 2.89
N GLN A 79 -2.29 -1.72 3.78
CA GLN A 79 -2.35 -2.85 4.76
C GLN A 79 -2.37 -4.17 4.00
N GLN A 80 -3.12 -4.25 2.94
CA GLN A 80 -3.18 -5.52 2.16
C GLN A 80 -1.87 -5.71 1.39
N ILE A 81 -1.43 -4.69 0.70
CA ILE A 81 -0.15 -4.81 -0.05
C ILE A 81 0.93 -5.36 0.86
N MET A 82 1.26 -4.65 1.91
CA MET A 82 2.31 -5.15 2.85
C MET A 82 1.99 -6.58 3.24
N GLU A 83 0.77 -6.85 3.60
CA GLU A 83 0.39 -8.23 4.00
C GLU A 83 0.43 -9.14 2.77
N ASN A 84 0.51 -8.56 1.60
CA ASN A 84 0.56 -9.38 0.37
C ASN A 84 2.01 -9.77 0.06
N GLN A 85 2.95 -9.06 0.61
CA GLN A 85 4.38 -9.40 0.34
C GLN A 85 5.20 -9.23 1.63
N CYS A 86 4.55 -9.27 2.76
CA CYS A 86 5.30 -9.11 4.04
C CYS A 86 5.58 -10.49 4.64
N ASP A 87 5.01 -11.53 4.08
CA ASP A 87 5.25 -12.89 4.61
C ASP A 87 6.75 -13.14 4.75
N ARG A 88 7.56 -12.42 4.01
CA ARG A 88 9.03 -12.60 4.11
C ARG A 88 9.70 -11.27 4.44
N LEU A 89 8.95 -10.32 4.92
CA LEU A 89 9.54 -9.00 5.27
C LEU A 89 10.66 -9.19 6.29
N GLN A 90 10.39 -9.91 7.34
CA GLN A 90 11.43 -10.15 8.38
C GLN A 90 12.70 -10.69 7.72
N ASP A 91 12.55 -11.57 6.76
CA ASP A 91 13.74 -12.15 6.09
C ASP A 91 14.39 -11.08 5.20
N ARG A 92 13.60 -10.32 4.49
CA ARG A 92 14.17 -9.26 3.62
C ARG A 92 14.79 -8.17 4.48
N GLN A 93 14.33 -8.02 5.69
CA GLN A 93 14.90 -6.97 6.58
C GLN A 93 14.72 -5.60 5.93
N MET A 94 13.55 -5.31 5.43
CA MET A 94 13.32 -3.99 4.78
C MET A 94 12.16 -3.27 5.47
N VAL A 95 11.79 -3.71 6.64
CA VAL A 95 10.66 -3.06 7.36
C VAL A 95 10.94 -1.56 7.49
N GLN A 96 12.19 -1.17 7.46
CA GLN A 96 12.53 0.27 7.57
C GLN A 96 12.29 0.97 6.23
N GLN A 97 13.27 0.93 5.36
CA GLN A 97 13.12 1.58 4.03
C GLN A 97 11.71 1.33 3.51
N PHE A 98 11.23 0.12 3.59
CA PHE A 98 9.86 -0.18 3.09
C PHE A 98 8.85 0.62 3.91
N LYS A 99 9.01 0.65 5.20
CA LYS A 99 8.06 1.43 6.05
C LYS A 99 8.22 2.92 5.74
N ARG A 100 9.40 3.33 5.36
CA ARG A 100 9.63 4.77 5.04
C ARG A 100 8.97 5.09 3.71
N GLU A 101 9.23 4.31 2.70
CA GLU A 101 8.60 4.57 1.38
C GLU A 101 7.10 4.36 1.50
N LEU A 102 6.70 3.41 2.32
CA LEU A 102 5.25 3.15 2.50
C LEU A 102 4.58 4.38 3.10
N MET A 103 5.18 4.98 4.09
CA MET A 103 4.57 6.19 4.71
C MET A 103 4.28 7.23 3.63
N SER A 104 5.17 7.41 2.69
CA SER A 104 4.93 8.41 1.62
C SER A 104 4.01 7.81 0.55
N LEU A 105 4.00 6.51 0.42
CA LEU A 105 3.14 5.86 -0.60
C LEU A 105 1.76 6.52 -0.61
N PRO A 106 1.13 6.69 0.56
CA PRO A 106 -0.19 7.31 0.67
C PRO A 106 -0.13 8.80 0.32
N GLN A 107 1.06 9.30 0.10
CA GLN A 107 1.20 10.73 -0.25
C GLN A 107 1.28 10.87 -1.77
N GLN A 108 2.08 10.06 -2.41
CA GLN A 108 2.20 10.15 -3.89
C GLN A 108 0.82 10.33 -4.51
N CYS A 109 -0.21 9.86 -3.85
CA CYS A 109 -1.59 10.02 -4.39
C CYS A 109 -2.27 11.21 -3.71
N ASN A 110 -1.79 11.60 -2.57
CA ASN A 110 -2.40 12.75 -1.84
C ASN A 110 -3.69 12.30 -1.17
N PHE A 111 -3.98 11.02 -1.19
CA PHE A 111 -5.21 10.51 -0.53
C PHE A 111 -4.97 10.38 0.97
N ARG A 112 -3.83 10.80 1.45
CA ARG A 112 -3.55 10.71 2.91
C ARG A 112 -4.73 11.29 3.69
N ALA A 113 -5.08 10.66 4.78
CA ALA A 113 -6.21 11.17 5.60
C ALA A 113 -5.68 11.77 6.91
N PRO A 114 -6.57 12.36 7.72
CA PRO A 114 -6.20 12.98 9.00
C PRO A 114 -5.81 11.92 10.03
N GLN A 115 -5.85 10.67 9.68
CA GLN A 115 -5.48 9.60 10.65
C GLN A 115 -4.36 8.75 10.05
N ARG A 116 -3.50 8.23 10.88
CA ARG A 116 -2.38 7.39 10.37
C ARG A 116 -2.76 5.91 10.48
N CYS A 117 -2.53 5.14 9.45
CA CYS A 117 -2.89 3.70 9.51
C CYS A 117 -2.30 3.07 10.78
N ASP A 118 -1.20 3.58 11.25
CA ASP A 118 -0.59 3.02 12.48
C ASP A 118 -1.26 3.64 13.71
N LEU A 119 -2.15 2.92 14.34
CA LEU A 119 -2.84 3.47 15.54
C LEU A 119 -2.25 2.84 16.80
N ASP A 120 -1.91 3.65 17.78
CA ASP A 120 -1.31 3.09 19.02
C ASP A 120 -2.32 2.16 19.69
N VAL A 121 -3.58 2.51 19.67
CA VAL A 121 -4.61 1.64 20.30
C VAL A 121 -4.65 0.29 19.58
N SER A 122 -4.60 0.31 18.27
CA SER A 122 -4.64 -0.96 17.51
C SER A 122 -3.68 -0.89 16.32
N GLY A 123 -3.01 -1.96 16.01
CA GLY A 123 -2.07 -1.95 14.86
C GLY A 123 -1.65 -3.38 14.52
N GLY A 124 -0.78 -3.54 13.55
CA GLY A 124 -0.34 -4.91 13.18
C GLY A 124 0.67 -4.81 12.03
N ARG A 125 1.93 -4.75 12.34
CA ARG A 125 2.96 -4.66 11.26
C ARG A 125 2.88 -5.90 10.38
N CYS A 126 2.78 -7.05 10.97
CA CYS A 126 2.70 -8.30 10.15
C CYS A 126 2.36 -9.49 11.06
N SER A 127 1.11 -9.63 11.41
CA SER A 127 0.71 -10.76 12.29
C SER A 127 -0.79 -11.03 12.13
N GLY A 1 -35.78 4.93 17.95
CA GLY A 1 -35.80 3.52 17.49
C GLY A 1 -34.60 2.77 18.09
N PRO A 2 -34.65 1.43 18.08
CA PRO A 2 -33.58 0.58 18.61
C PRO A 2 -32.32 0.65 17.75
N MET A 3 -31.18 0.36 18.32
CA MET A 3 -29.92 0.40 17.53
C MET A 3 -29.99 -0.65 16.41
N ARG A 4 -30.69 -1.72 16.63
CA ARG A 4 -30.80 -2.77 15.58
C ARG A 4 -31.20 -2.13 14.25
N ARG A 5 -32.14 -1.23 14.28
CA ARG A 5 -32.57 -0.56 13.02
C ARG A 5 -31.39 0.17 12.39
N GLU A 6 -30.51 0.69 13.20
CA GLU A 6 -29.33 1.42 12.64
C GLU A 6 -28.44 0.44 11.88
N ARG A 7 -28.43 -0.80 12.28
CA ARG A 7 -27.58 -1.81 11.58
C ARG A 7 -28.03 -1.92 10.12
N GLY A 8 -29.29 -1.78 9.86
CA GLY A 8 -29.78 -1.88 8.45
C GLY A 8 -29.06 -0.84 7.60
N ARG A 9 -28.60 0.23 8.19
CA ARG A 9 -27.89 1.27 7.40
C ARG A 9 -26.69 0.65 6.68
N GLN A 10 -26.03 -0.26 7.33
CA GLN A 10 -24.84 -0.91 6.69
C GLN A 10 -25.28 -1.61 5.39
N GLY A 11 -26.45 -2.20 5.39
CA GLY A 11 -26.92 -2.89 4.17
C GLY A 11 -26.99 -1.90 3.01
N ASP A 12 -27.20 -0.64 3.30
CA ASP A 12 -27.27 0.37 2.21
C ASP A 12 -25.97 0.35 1.41
N SER A 13 -24.86 0.16 2.05
CA SER A 13 -23.56 0.13 1.31
C SER A 13 -22.89 -1.23 1.52
N SER A 14 -22.19 -1.71 0.53
CA SER A 14 -21.51 -3.03 0.68
C SER A 14 -20.32 -2.89 1.63
N SER A 15 -19.81 -3.99 2.12
CA SER A 15 -18.65 -3.90 3.05
C SER A 15 -17.45 -3.30 2.33
N CYS A 16 -16.56 -2.68 3.06
CA CYS A 16 -15.37 -2.06 2.41
C CYS A 16 -14.29 -3.12 2.21
N GLU A 17 -14.26 -4.10 3.06
CA GLU A 17 -13.23 -5.18 2.93
C GLU A 17 -13.35 -5.84 1.56
N ARG A 18 -14.55 -5.96 1.05
CA ARG A 18 -14.74 -6.59 -0.28
C ARG A 18 -14.17 -5.67 -1.37
N GLN A 19 -14.00 -4.42 -1.05
CA GLN A 19 -13.45 -3.47 -2.07
C GLN A 19 -11.92 -3.58 -2.09
N VAL A 20 -11.33 -3.93 -0.98
CA VAL A 20 -9.85 -4.07 -0.93
C VAL A 20 -9.43 -5.30 -1.72
N ASP A 21 -10.20 -6.36 -1.65
CA ASP A 21 -9.84 -7.59 -2.39
C ASP A 21 -9.58 -7.25 -3.86
N ARG A 22 -10.10 -6.14 -4.32
CA ARG A 22 -9.88 -5.75 -5.74
C ARG A 22 -8.55 -5.00 -5.87
N VAL A 23 -8.05 -4.48 -4.77
CA VAL A 23 -6.76 -3.74 -4.83
C VAL A 23 -5.74 -4.56 -5.62
N ASN A 24 -5.14 -5.53 -4.98
CA ASN A 24 -4.13 -6.36 -5.69
C ASN A 24 -3.09 -5.45 -6.35
N LEU A 25 -2.32 -4.76 -5.56
CA LEU A 25 -1.28 -3.85 -6.14
C LEU A 25 0.09 -4.51 -6.04
N LYS A 26 0.28 -5.61 -6.71
CA LYS A 26 1.60 -6.30 -6.65
C LYS A 26 2.69 -5.41 -7.23
N PRO A 27 2.40 -4.70 -8.34
CA PRO A 27 3.37 -3.81 -8.98
C PRO A 27 3.70 -2.60 -8.11
N CYS A 28 2.75 -2.07 -7.40
CA CYS A 28 3.02 -0.90 -6.52
C CYS A 28 4.00 -1.34 -5.42
N GLU A 29 3.62 -2.30 -4.63
CA GLU A 29 4.53 -2.77 -3.55
C GLU A 29 5.89 -3.10 -4.17
N GLN A 30 5.91 -3.51 -5.40
CA GLN A 30 7.20 -3.85 -6.06
C GLN A 30 7.94 -2.57 -6.43
N HIS A 31 7.24 -1.46 -6.53
CA HIS A 31 7.92 -0.18 -6.87
C HIS A 31 8.53 0.37 -5.60
N ILE A 32 8.03 -0.05 -4.47
CA ILE A 32 8.57 0.43 -3.17
C ILE A 32 9.77 -0.42 -2.79
N MET A 33 9.64 -1.72 -2.86
CA MET A 33 10.77 -2.62 -2.50
C MET A 33 11.93 -2.36 -3.47
N GLN A 34 11.61 -2.05 -4.70
CA GLN A 34 12.70 -1.78 -5.70
C GLN A 34 13.53 -0.58 -5.25
N ARG A 35 12.89 0.49 -4.84
CA ARG A 35 13.65 1.69 -4.40
C ARG A 35 14.36 1.40 -3.07
N ILE A 36 13.64 0.89 -2.11
CA ILE A 36 14.27 0.59 -0.78
C ILE A 36 15.23 -0.60 -0.92
N MET A 37 14.99 -1.47 -1.86
CA MET A 37 15.89 -2.65 -2.03
C MET A 37 16.73 -2.46 -3.30
N GLY A 38 16.67 -1.30 -3.89
CA GLY A 38 17.47 -1.06 -5.13
C GLY A 38 18.93 -0.82 -4.75
N GLU A 39 19.17 0.02 -3.77
CA GLU A 39 20.58 0.30 -3.36
C GLU A 39 21.16 -0.94 -2.69
N GLN A 40 20.34 -1.84 -2.23
CA GLN A 40 20.86 -3.06 -1.56
C GLN A 40 21.52 -3.96 -2.61
N GLU A 41 20.98 -4.02 -3.79
CA GLU A 41 21.58 -4.88 -4.85
C GLU A 41 22.19 -3.99 -5.93
N GLN A 42 23.36 -4.34 -6.41
CA GLN A 42 24.01 -3.51 -7.47
C GLN A 42 23.23 -3.69 -8.78
N TYR A 43 22.80 -4.88 -9.08
CA TYR A 43 22.04 -5.10 -10.34
C TYR A 43 20.86 -4.12 -10.41
N ASP A 44 20.17 -3.94 -9.32
CA ASP A 44 19.01 -3.01 -9.32
C ASP A 44 19.47 -1.63 -9.82
N SER A 45 20.63 -1.20 -9.43
CA SER A 45 21.13 0.13 -9.87
C SER A 45 21.16 0.17 -11.41
N TYR A 46 20.78 1.26 -12.00
CA TYR A 46 20.79 1.36 -13.47
C TYR A 46 21.74 2.47 -13.92
N ASP A 47 22.31 2.36 -15.09
CA ASP A 47 23.24 3.42 -15.56
C ASP A 47 22.45 4.58 -16.16
N ILE A 48 21.15 4.54 -16.04
CA ILE A 48 20.31 5.64 -16.60
C ILE A 48 19.51 6.30 -15.47
N ARG A 49 19.10 7.53 -15.67
CA ARG A 49 18.32 8.22 -14.60
C ARG A 49 17.02 7.45 -14.34
N SER A 50 16.35 7.02 -15.39
CA SER A 50 15.09 6.27 -15.19
C SER A 50 14.85 5.37 -16.41
N THR A 51 14.00 4.38 -16.26
CA THR A 51 13.72 3.47 -17.41
C THR A 51 12.26 3.61 -17.82
N ARG A 52 11.95 3.27 -19.05
CA ARG A 52 10.54 3.39 -19.52
C ARG A 52 9.63 2.60 -18.57
N SER A 53 10.03 1.42 -18.17
CA SER A 53 9.18 0.62 -17.26
C SER A 53 8.89 1.42 -16.00
N SER A 54 9.82 2.22 -15.56
CA SER A 54 9.60 3.03 -14.33
C SER A 54 8.34 3.88 -14.50
N ASP A 55 8.16 4.46 -15.65
CA ASP A 55 6.94 5.30 -15.89
C ASP A 55 5.69 4.47 -15.64
N GLN A 56 5.78 3.18 -15.81
CA GLN A 56 4.58 2.31 -15.59
C GLN A 56 4.25 2.29 -14.09
N GLN A 57 5.23 2.10 -13.26
CA GLN A 57 4.95 2.07 -11.79
C GLN A 57 4.16 3.33 -11.40
N GLN A 58 4.58 4.48 -11.86
CA GLN A 58 3.85 5.72 -11.51
C GLN A 58 2.35 5.55 -11.79
N ARG A 59 2.02 4.70 -12.74
CA ARG A 59 0.59 4.49 -13.07
C ARG A 59 -0.16 4.02 -11.82
N CYS A 60 0.48 3.22 -11.00
CA CYS A 60 -0.19 2.74 -9.76
C CYS A 60 -0.92 3.91 -9.10
N CYS A 61 -0.24 4.66 -8.30
CA CYS A 61 -0.90 5.82 -7.63
C CYS A 61 -1.79 6.55 -8.64
N ASP A 62 -1.31 6.71 -9.85
CA ASP A 62 -2.11 7.41 -10.89
C ASP A 62 -3.45 6.69 -11.04
N GLU A 63 -3.47 5.40 -10.90
CA GLU A 63 -4.74 4.64 -11.04
C GLU A 63 -5.65 5.00 -9.86
N LEU A 64 -5.13 4.97 -8.66
CA LEU A 64 -5.96 5.30 -7.47
C LEU A 64 -6.36 6.77 -7.53
N ASN A 65 -5.82 7.51 -8.46
CA ASN A 65 -6.18 8.95 -8.58
C ASN A 65 -7.50 9.07 -9.36
N GLU A 66 -7.77 8.14 -10.23
CA GLU A 66 -9.04 8.19 -11.01
C GLU A 66 -10.14 7.48 -10.22
N MET A 67 -9.82 6.39 -9.58
CA MET A 67 -10.84 5.66 -8.79
C MET A 67 -11.01 6.34 -7.43
N GLU A 68 -11.31 7.62 -7.43
CA GLU A 68 -11.48 8.34 -6.14
C GLU A 68 -12.28 7.48 -5.17
N ASN A 69 -13.11 6.61 -5.67
CA ASN A 69 -13.92 5.75 -4.76
C ASN A 69 -12.98 4.99 -3.81
N THR A 70 -11.74 4.85 -4.18
CA THR A 70 -10.77 4.12 -3.30
C THR A 70 -10.70 4.83 -1.94
N GLN A 71 -10.93 6.12 -1.92
CA GLN A 71 -10.87 6.87 -0.64
C GLN A 71 -11.70 6.14 0.41
N GLY A 72 -12.64 5.33 0.00
CA GLY A 72 -13.49 4.59 0.97
C GLY A 72 -12.61 4.07 2.12
N CYS A 73 -11.61 3.29 1.80
CA CYS A 73 -10.73 2.75 2.87
C CYS A 73 -9.29 2.66 2.35
N MET A 74 -8.71 3.77 1.99
CA MET A 74 -7.30 3.74 1.49
C MET A 74 -6.42 2.95 2.47
N CYS A 75 -6.50 3.26 3.73
CA CYS A 75 -5.67 2.53 4.72
C CYS A 75 -5.82 1.02 4.49
N GLU A 76 -7.03 0.55 4.39
CA GLU A 76 -7.23 -0.91 4.16
C GLU A 76 -6.58 -1.31 2.83
N ALA A 77 -6.39 -0.35 1.96
CA ALA A 77 -5.75 -0.67 0.65
C ALA A 77 -4.24 -0.77 0.85
N LEU A 78 -3.63 0.27 1.35
CA LEU A 78 -2.16 0.22 1.57
C LEU A 78 -1.85 -0.94 2.52
N GLN A 79 -2.60 -1.05 3.59
CA GLN A 79 -2.36 -2.16 4.55
C GLN A 79 -2.39 -3.49 3.81
N GLN A 80 -3.33 -3.66 2.92
CA GLN A 80 -3.41 -4.93 2.16
C GLN A 80 -2.13 -5.13 1.37
N ILE A 81 -1.63 -4.09 0.77
CA ILE A 81 -0.36 -4.21 -0.02
C ILE A 81 0.71 -4.87 0.86
N MET A 82 1.06 -4.24 1.95
CA MET A 82 2.09 -4.83 2.84
C MET A 82 1.77 -6.30 3.08
N GLU A 83 0.55 -6.59 3.44
CA GLU A 83 0.16 -8.00 3.70
C GLU A 83 0.16 -8.78 2.38
N ASN A 84 0.21 -8.08 1.28
CA ASN A 84 0.22 -8.77 -0.04
C ASN A 84 1.64 -9.23 -0.36
N GLN A 85 2.63 -8.62 0.22
CA GLN A 85 4.03 -9.03 -0.05
C GLN A 85 4.95 -8.55 1.08
N CYS A 86 4.50 -8.62 2.30
CA CYS A 86 5.34 -8.16 3.44
C CYS A 86 6.29 -9.29 3.85
N ASP A 87 6.04 -10.49 3.40
CA ASP A 87 6.92 -11.63 3.77
C ASP A 87 8.39 -11.23 3.56
N ARG A 88 8.64 -10.26 2.71
CA ARG A 88 10.03 -9.82 2.47
C ARG A 88 10.47 -8.86 3.59
N LEU A 89 9.52 -8.27 4.26
CA LEU A 89 9.88 -7.32 5.35
C LEU A 89 10.76 -8.04 6.38
N GLN A 90 10.78 -9.34 6.36
CA GLN A 90 11.62 -10.09 7.32
C GLN A 90 13.00 -9.45 7.41
N ASP A 91 13.42 -8.77 6.37
CA ASP A 91 14.76 -8.12 6.38
C ASP A 91 14.66 -6.80 7.14
N ARG A 92 15.44 -6.63 8.18
CA ARG A 92 15.39 -5.37 8.96
C ARG A 92 15.51 -4.17 8.01
N GLN A 93 16.03 -4.39 6.83
CA GLN A 93 16.16 -3.27 5.86
C GLN A 93 14.78 -2.89 5.31
N MET A 94 14.04 -3.85 4.82
CA MET A 94 12.70 -3.55 4.27
C MET A 94 11.83 -2.90 5.35
N VAL A 95 11.56 -3.62 6.41
CA VAL A 95 10.71 -3.05 7.50
C VAL A 95 10.99 -1.56 7.67
N GLN A 96 12.23 -1.17 7.68
CA GLN A 96 12.58 0.26 7.84
C GLN A 96 12.41 0.98 6.50
N GLN A 97 13.38 0.90 5.65
CA GLN A 97 13.30 1.58 4.32
C GLN A 97 11.88 1.40 3.76
N PHE A 98 11.37 0.21 3.76
CA PHE A 98 10.00 -0.01 3.22
C PHE A 98 9.00 0.81 4.03
N LYS A 99 9.14 0.82 5.33
CA LYS A 99 8.19 1.61 6.16
C LYS A 99 8.37 3.10 5.86
N ARG A 100 9.58 3.54 5.73
CA ARG A 100 9.82 4.97 5.44
C ARG A 100 9.35 5.27 4.01
N GLU A 101 9.68 4.41 3.08
CA GLU A 101 9.23 4.63 1.68
C GLU A 101 7.73 4.37 1.61
N LEU A 102 7.27 3.33 2.24
CA LEU A 102 5.81 3.02 2.22
C LEU A 102 5.04 4.18 2.84
N MET A 103 5.67 4.92 3.73
CA MET A 103 4.96 6.06 4.36
C MET A 103 4.86 7.21 3.36
N SER A 104 5.71 7.23 2.39
CA SER A 104 5.66 8.32 1.37
C SER A 104 4.60 7.99 0.32
N LEU A 105 4.42 6.73 0.02
CA LEU A 105 3.41 6.34 -1.01
C LEU A 105 2.07 7.01 -0.69
N PRO A 106 1.61 6.90 0.56
CA PRO A 106 0.33 7.49 0.98
C PRO A 106 0.40 9.02 0.96
N GLN A 107 1.55 9.56 0.66
CA GLN A 107 1.69 11.04 0.62
C GLN A 107 1.66 11.50 -0.85
N GLN A 108 2.40 10.83 -1.70
CA GLN A 108 2.42 11.21 -3.14
C GLN A 108 0.98 11.26 -3.66
N CYS A 109 0.08 10.52 -3.07
CA CYS A 109 -1.33 10.53 -3.55
C CYS A 109 -2.22 11.21 -2.49
N ASN A 110 -1.68 11.44 -1.33
CA ASN A 110 -2.50 12.09 -0.26
C ASN A 110 -3.67 11.18 0.11
N PHE A 111 -3.42 9.92 0.32
CA PHE A 111 -4.53 8.99 0.67
C PHE A 111 -4.87 9.14 2.15
N ARG A 112 -3.90 9.47 2.96
CA ARG A 112 -4.17 9.63 4.41
C ARG A 112 -4.84 10.99 4.67
N ALA A 113 -5.81 11.02 5.53
CA ALA A 113 -6.50 12.31 5.83
C ALA A 113 -6.94 12.33 7.29
N PRO A 114 -6.96 13.53 7.89
CA PRO A 114 -7.36 13.71 9.30
C PRO A 114 -8.86 13.47 9.50
N GLN A 115 -9.59 13.24 8.43
CA GLN A 115 -11.04 13.00 8.57
C GLN A 115 -11.28 11.58 9.08
N ARG A 116 -10.40 10.66 8.76
CA ARG A 116 -10.57 9.27 9.23
C ARG A 116 -9.21 8.56 9.24
N CYS A 117 -9.14 7.40 9.83
CA CYS A 117 -7.85 6.67 9.88
C CYS A 117 -6.86 7.45 10.74
N ASP A 118 -7.33 8.40 11.50
CA ASP A 118 -6.41 9.18 12.37
C ASP A 118 -5.82 8.28 13.45
N LEU A 119 -6.52 7.24 13.81
CA LEU A 119 -5.99 6.32 14.86
C LEU A 119 -5.01 5.33 14.23
N ASP A 120 -5.26 4.94 13.01
CA ASP A 120 -4.34 3.98 12.32
C ASP A 120 -4.13 2.76 13.23
N VAL A 121 -5.15 2.31 13.89
CA VAL A 121 -5.00 1.13 14.79
C VAL A 121 -4.61 -0.09 13.96
N SER A 122 -5.27 -0.31 12.85
CA SER A 122 -4.93 -1.47 12.00
C SER A 122 -3.61 -1.22 11.27
N GLY A 123 -2.89 -2.26 10.93
CA GLY A 123 -1.60 -2.07 10.22
C GLY A 123 -0.45 -2.22 11.20
N GLY A 124 0.74 -2.44 10.72
CA GLY A 124 1.91 -2.61 11.63
C GLY A 124 1.99 -4.06 12.11
N ARG A 125 1.31 -4.95 11.44
CA ARG A 125 1.34 -6.38 11.86
C ARG A 125 2.73 -6.95 11.60
N CYS A 126 3.35 -6.56 10.52
CA CYS A 126 4.71 -7.08 10.21
C CYS A 126 5.67 -6.68 11.32
N SER A 127 5.33 -5.69 12.10
CA SER A 127 6.23 -5.24 13.20
C SER A 127 5.41 -5.05 14.48
N GLY A 1 -20.05 -4.29 27.18
CA GLY A 1 -19.57 -5.67 26.89
C GLY A 1 -18.18 -5.60 26.26
N PRO A 2 -17.18 -6.18 26.94
CA PRO A 2 -15.79 -6.18 26.45
C PRO A 2 -15.62 -7.09 25.23
N MET A 3 -14.77 -6.72 24.31
CA MET A 3 -14.56 -7.57 23.10
C MET A 3 -13.07 -7.86 22.93
N ARG A 4 -12.74 -8.85 22.15
CA ARG A 4 -11.30 -9.18 21.95
C ARG A 4 -10.57 -7.97 21.37
N ARG A 5 -11.25 -7.18 20.58
CA ARG A 5 -10.60 -5.98 19.98
C ARG A 5 -11.26 -4.71 20.54
N GLU A 6 -10.55 -3.61 20.50
CA GLU A 6 -11.15 -2.34 21.01
C GLU A 6 -12.39 -1.99 20.20
N ARG A 7 -12.41 -2.34 18.94
CA ARG A 7 -13.59 -2.02 18.08
C ARG A 7 -14.27 -3.32 17.64
N GLY A 8 -15.57 -3.31 17.53
CA GLY A 8 -16.28 -4.54 17.10
C GLY A 8 -16.36 -4.58 15.57
N ARG A 9 -17.09 -5.51 15.04
CA ARG A 9 -17.20 -5.60 13.55
C ARG A 9 -18.68 -5.58 13.15
N GLN A 10 -19.01 -4.87 12.10
CA GLN A 10 -20.43 -4.81 11.66
C GLN A 10 -20.94 -6.22 11.36
N GLY A 11 -20.08 -7.08 10.90
CA GLY A 11 -20.52 -8.47 10.60
C GLY A 11 -19.30 -9.34 10.31
N ASP A 12 -19.50 -10.55 9.87
CA ASP A 12 -18.34 -11.45 9.57
C ASP A 12 -17.43 -10.76 8.55
N SER A 13 -17.99 -10.02 7.64
CA SER A 13 -17.15 -9.33 6.62
C SER A 13 -17.75 -7.96 6.30
N SER A 14 -16.98 -7.07 5.74
CA SER A 14 -17.52 -5.73 5.40
C SER A 14 -17.56 -5.55 3.88
N SER A 15 -18.40 -4.66 3.40
CA SER A 15 -18.48 -4.46 1.92
C SER A 15 -17.19 -3.80 1.43
N CYS A 16 -16.50 -3.10 2.29
CA CYS A 16 -15.24 -2.43 1.87
C CYS A 16 -14.13 -3.48 1.73
N GLU A 17 -14.16 -4.50 2.53
CA GLU A 17 -13.12 -5.57 2.43
C GLU A 17 -13.19 -6.23 1.06
N ARG A 18 -14.31 -6.13 0.41
CA ARG A 18 -14.44 -6.76 -0.95
C ARG A 18 -13.93 -5.78 -2.00
N GLN A 19 -14.02 -4.50 -1.74
CA GLN A 19 -13.53 -3.51 -2.72
C GLN A 19 -12.01 -3.40 -2.62
N VAL A 20 -11.45 -3.79 -1.50
CA VAL A 20 -9.97 -3.71 -1.34
C VAL A 20 -9.31 -4.85 -2.12
N ASP A 21 -9.97 -5.97 -2.21
CA ASP A 21 -9.37 -7.12 -2.95
C ASP A 21 -9.21 -6.75 -4.42
N ARG A 22 -9.90 -5.73 -4.87
CA ARG A 22 -9.79 -5.33 -6.29
C ARG A 22 -8.65 -4.31 -6.44
N VAL A 23 -8.19 -3.76 -5.35
CA VAL A 23 -7.10 -2.76 -5.42
C VAL A 23 -5.75 -3.45 -5.21
N ASN A 24 -5.48 -4.48 -5.97
CA ASN A 24 -4.18 -5.19 -5.82
C ASN A 24 -3.11 -4.48 -6.65
N LEU A 25 -2.03 -4.08 -6.02
CA LEU A 25 -0.96 -3.37 -6.76
C LEU A 25 0.39 -4.02 -6.45
N LYS A 26 0.67 -5.15 -7.03
CA LYS A 26 1.97 -5.84 -6.77
C LYS A 26 3.13 -4.96 -7.25
N PRO A 27 2.99 -4.29 -8.40
CA PRO A 27 4.05 -3.43 -8.95
C PRO A 27 4.30 -2.20 -8.07
N CYS A 28 3.31 -1.77 -7.34
CA CYS A 28 3.51 -0.58 -6.46
C CYS A 28 4.34 -1.01 -5.25
N GLU A 29 3.93 -2.04 -4.57
CA GLU A 29 4.71 -2.50 -3.39
C GLU A 29 6.08 -2.96 -3.84
N GLN A 30 6.16 -3.64 -4.96
CA GLN A 30 7.47 -4.12 -5.46
C GLN A 30 8.31 -2.92 -5.91
N HIS A 31 7.67 -1.82 -6.22
CA HIS A 31 8.44 -0.62 -6.66
C HIS A 31 9.17 -0.04 -5.46
N ILE A 32 8.50 0.02 -4.33
CA ILE A 32 9.15 0.56 -3.11
C ILE A 32 10.21 -0.41 -2.62
N MET A 33 9.94 -1.69 -2.69
CA MET A 33 10.93 -2.71 -2.23
C MET A 33 12.22 -2.55 -3.03
N GLN A 34 12.11 -2.33 -4.32
CA GLN A 34 13.34 -2.20 -5.15
C GLN A 34 14.09 -0.91 -4.77
N ARG A 35 13.40 0.19 -4.68
CA ARG A 35 14.09 1.46 -4.32
C ARG A 35 14.91 1.27 -3.05
N ILE A 36 14.28 0.90 -1.97
CA ILE A 36 15.02 0.70 -0.69
C ILE A 36 16.25 -0.18 -0.94
N MET A 37 16.20 -1.03 -1.93
CA MET A 37 17.36 -1.92 -2.21
C MET A 37 18.67 -1.11 -2.10
N GLY A 38 18.60 0.17 -2.35
CA GLY A 38 19.83 1.01 -2.26
C GLY A 38 20.66 0.83 -3.54
N GLU A 39 21.21 -0.35 -3.74
CA GLU A 39 22.03 -0.58 -4.95
C GLU A 39 21.17 -0.36 -6.20
N GLN A 40 19.88 -0.52 -6.08
CA GLN A 40 18.99 -0.30 -7.26
C GLN A 40 19.15 1.13 -7.76
N GLU A 41 19.32 2.06 -6.87
CA GLU A 41 19.48 3.48 -7.30
C GLU A 41 20.90 3.96 -6.97
N GLN A 42 21.54 4.61 -7.90
CA GLN A 42 22.93 5.09 -7.64
C GLN A 42 22.90 6.14 -6.53
N TYR A 43 21.89 6.97 -6.51
CA TYR A 43 21.81 8.02 -5.45
C TYR A 43 20.55 7.80 -4.62
N ASP A 44 20.63 7.97 -3.33
CA ASP A 44 19.44 7.78 -2.47
C ASP A 44 18.37 8.80 -2.84
N SER A 45 18.77 9.99 -3.22
CA SER A 45 17.78 11.03 -3.60
C SER A 45 17.92 11.35 -5.08
N TYR A 46 16.90 11.90 -5.69
CA TYR A 46 16.98 12.23 -7.14
C TYR A 46 16.61 13.69 -7.34
N ASP A 47 17.06 14.28 -8.42
CA ASP A 47 16.72 15.71 -8.69
C ASP A 47 15.62 15.79 -9.75
N ILE A 48 15.03 14.68 -10.10
CA ILE A 48 13.95 14.70 -11.13
C ILE A 48 12.60 14.60 -10.43
N ARG A 49 11.62 15.32 -10.91
CA ARG A 49 10.27 15.27 -10.29
C ARG A 49 9.80 13.82 -10.21
N SER A 50 10.16 13.01 -11.17
CA SER A 50 9.72 11.58 -11.14
C SER A 50 10.91 10.69 -11.51
N THR A 51 10.87 9.44 -11.12
CA THR A 51 12.00 8.53 -11.45
C THR A 51 11.46 7.30 -12.19
N ARG A 52 12.31 6.57 -12.86
CA ARG A 52 11.85 5.37 -13.61
C ARG A 52 11.04 4.47 -12.67
N SER A 53 11.55 4.23 -11.49
CA SER A 53 10.82 3.35 -10.52
C SER A 53 9.45 3.98 -10.22
N SER A 54 9.39 5.28 -10.15
CA SER A 54 8.09 5.94 -9.85
C SER A 54 7.10 5.65 -10.97
N ASP A 55 7.59 5.38 -12.15
CA ASP A 55 6.68 5.09 -13.29
C ASP A 55 5.72 3.95 -12.91
N GLN A 56 6.14 3.09 -12.03
CA GLN A 56 5.25 1.96 -11.62
C GLN A 56 4.13 2.50 -10.73
N GLN A 57 4.45 3.38 -9.82
CA GLN A 57 3.40 3.95 -8.92
C GLN A 57 2.38 4.71 -9.76
N GLN A 58 2.80 5.30 -10.85
CA GLN A 58 1.86 6.06 -11.71
C GLN A 58 0.66 5.18 -12.04
N ARG A 59 0.85 3.88 -12.08
CA ARG A 59 -0.28 2.97 -12.40
C ARG A 59 -1.30 3.01 -11.26
N CYS A 60 -0.94 2.52 -10.11
CA CYS A 60 -1.89 2.53 -8.97
C CYS A 60 -2.55 3.91 -8.90
N CYS A 61 -1.78 4.92 -8.61
CA CYS A 61 -2.35 6.29 -8.54
C CYS A 61 -3.20 6.55 -9.77
N ASP A 62 -2.76 6.13 -10.93
CA ASP A 62 -3.54 6.35 -12.16
C ASP A 62 -4.96 5.83 -11.95
N GLU A 63 -5.10 4.69 -11.32
CA GLU A 63 -6.45 4.13 -11.07
C GLU A 63 -7.19 5.05 -10.11
N LEU A 64 -6.56 5.42 -9.02
CA LEU A 64 -7.23 6.33 -8.05
C LEU A 64 -7.62 7.63 -8.76
N ASN A 65 -7.06 7.88 -9.92
CA ASN A 65 -7.42 9.12 -10.65
C ASN A 65 -8.88 9.03 -11.09
N GLU A 66 -9.33 7.86 -11.45
CA GLU A 66 -10.75 7.71 -11.89
C GLU A 66 -11.64 7.58 -10.67
N MET A 67 -11.22 6.81 -9.70
CA MET A 67 -12.05 6.63 -8.47
C MET A 67 -11.83 7.83 -7.53
N GLU A 68 -11.98 9.02 -8.05
CA GLU A 68 -11.78 10.23 -7.20
C GLU A 68 -12.52 10.05 -5.87
N ASN A 69 -13.54 9.22 -5.86
CA ASN A 69 -14.31 9.01 -4.60
C ASN A 69 -13.66 7.88 -3.79
N THR A 70 -12.44 7.54 -4.11
CA THR A 70 -11.75 6.45 -3.36
C THR A 70 -11.22 6.99 -2.03
N GLN A 71 -12.08 7.28 -1.10
CA GLN A 71 -11.62 7.81 0.21
C GLN A 71 -12.15 6.94 1.34
N GLY A 72 -11.52 6.97 2.49
CA GLY A 72 -11.99 6.14 3.62
C GLY A 72 -11.32 4.76 3.55
N CYS A 73 -11.75 3.93 2.64
CA CYS A 73 -11.13 2.57 2.53
C CYS A 73 -9.67 2.71 2.11
N MET A 74 -9.25 3.88 1.71
CA MET A 74 -7.83 4.08 1.29
C MET A 74 -6.92 3.35 2.28
N CYS A 75 -7.07 3.60 3.55
CA CYS A 75 -6.20 2.93 4.55
C CYS A 75 -6.19 1.42 4.28
N GLU A 76 -7.34 0.84 4.11
CA GLU A 76 -7.41 -0.63 3.84
C GLU A 76 -6.66 -0.93 2.55
N ALA A 77 -6.45 0.06 1.72
CA ALA A 77 -5.72 -0.18 0.45
C ALA A 77 -4.22 -0.30 0.74
N LEU A 78 -3.66 0.67 1.41
CA LEU A 78 -2.21 0.61 1.72
C LEU A 78 -1.95 -0.63 2.59
N GLN A 79 -2.81 -0.89 3.54
CA GLN A 79 -2.62 -2.07 4.42
C GLN A 79 -2.59 -3.34 3.56
N GLN A 80 -3.43 -3.40 2.56
CA GLN A 80 -3.44 -4.61 1.68
C GLN A 80 -2.06 -4.77 1.04
N ILE A 81 -1.50 -3.72 0.52
CA ILE A 81 -0.16 -3.81 -0.11
C ILE A 81 0.80 -4.49 0.88
N MET A 82 1.02 -3.89 2.02
CA MET A 82 1.94 -4.50 3.01
C MET A 82 1.54 -5.97 3.23
N GLU A 83 0.28 -6.21 3.44
CA GLU A 83 -0.18 -7.61 3.65
C GLU A 83 -0.09 -8.37 2.34
N ASN A 84 0.15 -7.67 1.26
CA ASN A 84 0.26 -8.35 -0.06
C ASN A 84 1.66 -8.93 -0.22
N GLN A 85 2.64 -8.34 0.42
CA GLN A 85 4.02 -8.87 0.29
C GLN A 85 4.84 -8.55 1.55
N CYS A 86 4.28 -8.79 2.72
CA CYS A 86 5.04 -8.51 3.97
C CYS A 86 5.41 -9.82 4.65
N ASP A 87 4.77 -10.90 4.27
CA ASP A 87 5.10 -12.21 4.91
C ASP A 87 6.61 -12.35 5.04
N ARG A 88 7.34 -12.13 3.98
CA ARG A 88 8.82 -12.25 4.05
C ARG A 88 9.43 -10.85 4.13
N LEU A 89 8.88 -9.99 4.95
CA LEU A 89 9.44 -8.61 5.06
C LEU A 89 10.96 -8.69 5.18
N GLN A 90 11.48 -9.79 5.64
CA GLN A 90 12.97 -9.91 5.77
C GLN A 90 13.45 -8.99 6.90
N ASP A 91 13.73 -9.54 8.05
CA ASP A 91 14.21 -8.70 9.18
C ASP A 91 15.29 -7.73 8.67
N ARG A 92 15.92 -8.04 7.58
CA ARG A 92 16.98 -7.14 7.04
C ARG A 92 16.46 -5.70 7.00
N GLN A 93 17.28 -4.78 6.57
CA GLN A 93 16.84 -3.35 6.51
C GLN A 93 15.45 -3.25 5.89
N MET A 94 15.14 -4.11 4.94
CA MET A 94 13.80 -4.07 4.30
C MET A 94 12.73 -3.60 5.30
N VAL A 95 12.60 -4.28 6.40
CA VAL A 95 11.59 -3.88 7.40
C VAL A 95 11.59 -2.36 7.58
N GLN A 96 12.74 -1.79 7.77
CA GLN A 96 12.82 -0.30 7.96
C GLN A 96 12.68 0.39 6.61
N GLN A 97 13.68 0.29 5.78
CA GLN A 97 13.63 0.95 4.44
C GLN A 97 12.21 0.84 3.86
N PHE A 98 11.61 -0.32 3.94
CA PHE A 98 10.23 -0.47 3.39
C PHE A 98 9.28 0.46 4.14
N LYS A 99 9.26 0.37 5.44
CA LYS A 99 8.36 1.27 6.22
C LYS A 99 8.72 2.73 5.90
N ARG A 100 9.97 3.00 5.71
CA ARG A 100 10.40 4.40 5.39
C ARG A 100 9.81 4.79 4.04
N GLU A 101 10.05 4.02 3.01
CA GLU A 101 9.49 4.37 1.68
C GLU A 101 7.97 4.29 1.76
N LEU A 102 7.45 3.35 2.49
CA LEU A 102 5.97 3.22 2.62
C LEU A 102 5.42 4.49 3.26
N MET A 103 6.24 5.22 3.97
CA MET A 103 5.77 6.47 4.60
C MET A 103 5.54 7.54 3.51
N SER A 104 6.45 7.64 2.59
CA SER A 104 6.29 8.64 1.50
C SER A 104 5.36 8.08 0.42
N LEU A 105 5.25 6.78 0.34
CA LEU A 105 4.36 6.16 -0.68
C LEU A 105 3.02 6.90 -0.72
N PRO A 106 2.41 7.14 0.45
CA PRO A 106 1.12 7.84 0.53
C PRO A 106 1.26 9.31 0.11
N GLN A 107 2.47 9.74 -0.15
CA GLN A 107 2.68 11.14 -0.58
C GLN A 107 2.65 11.21 -2.10
N GLN A 108 3.24 10.26 -2.76
CA GLN A 108 3.25 10.26 -4.25
C GLN A 108 1.91 10.76 -4.78
N CYS A 109 0.85 10.53 -4.05
CA CYS A 109 -0.48 11.00 -4.52
C CYS A 109 -1.34 11.36 -3.30
N ASN A 110 -0.74 11.84 -2.25
CA ASN A 110 -1.53 12.21 -1.03
C ASN A 110 -2.51 11.08 -0.71
N PHE A 111 -2.03 9.86 -0.66
CA PHE A 111 -2.95 8.73 -0.35
C PHE A 111 -3.53 8.91 1.06
N ARG A 112 -2.69 8.96 2.05
CA ARG A 112 -3.19 9.14 3.44
C ARG A 112 -3.62 10.60 3.64
N ALA A 113 -4.38 10.86 4.67
CA ALA A 113 -4.82 12.26 4.92
C ALA A 113 -5.16 12.44 6.40
N PRO A 114 -6.22 11.76 6.88
CA PRO A 114 -6.65 11.83 8.27
C PRO A 114 -5.66 11.13 9.21
N GLN A 115 -5.11 11.84 10.14
CA GLN A 115 -4.13 11.21 11.09
C GLN A 115 -4.84 10.14 11.91
N ARG A 116 -6.12 10.28 12.11
CA ARG A 116 -6.87 9.26 12.90
C ARG A 116 -6.77 7.90 12.21
N CYS A 117 -6.84 7.88 10.91
CA CYS A 117 -6.74 6.58 10.17
C CYS A 117 -5.38 5.94 10.45
N ASP A 118 -5.24 4.68 10.14
CA ASP A 118 -3.93 4.00 10.39
C ASP A 118 -3.57 4.10 11.87
N LEU A 119 -4.52 3.90 12.73
CA LEU A 119 -4.23 3.99 14.20
C LEU A 119 -4.15 2.57 14.78
N ASP A 120 -3.12 2.29 15.54
CA ASP A 120 -2.98 0.93 16.14
C ASP A 120 -3.02 -0.12 15.03
N VAL A 121 -2.26 0.07 14.00
CA VAL A 121 -2.26 -0.93 12.89
C VAL A 121 -0.88 -1.58 12.79
N SER A 122 -0.53 -2.38 13.76
CA SER A 122 0.81 -3.05 13.72
C SER A 122 0.78 -4.19 12.71
N GLY A 123 1.86 -4.42 12.02
CA GLY A 123 1.90 -5.52 11.02
C GLY A 123 2.38 -6.80 11.69
N GLY A 124 2.48 -6.81 12.99
CA GLY A 124 2.95 -8.03 13.71
C GLY A 124 2.17 -9.25 13.19
N ARG A 125 0.91 -9.09 12.90
CA ARG A 125 0.11 -10.23 12.40
C ARG A 125 0.78 -10.81 11.15
N CYS A 126 1.33 -9.97 10.31
CA CYS A 126 2.00 -10.48 9.08
C CYS A 126 3.15 -11.40 9.47
N SER A 127 3.73 -11.20 10.62
CA SER A 127 4.85 -12.07 11.06
C SER A 127 4.29 -13.37 11.63
N GLY A 1 -41.09 -0.32 18.52
CA GLY A 1 -40.60 -0.94 17.25
C GLY A 1 -41.43 -0.43 16.07
N PRO A 2 -41.28 0.86 15.74
CA PRO A 2 -42.01 1.48 14.63
C PRO A 2 -41.51 0.97 13.27
N MET A 3 -42.40 0.87 12.31
CA MET A 3 -41.98 0.40 10.97
C MET A 3 -41.99 1.57 9.98
N ARG A 4 -41.05 1.60 9.07
CA ARG A 4 -41.00 2.71 8.09
C ARG A 4 -40.96 2.14 6.66
N ARG A 5 -41.51 2.83 5.71
CA ARG A 5 -41.51 2.33 4.31
C ARG A 5 -40.06 2.06 3.88
N GLU A 6 -39.13 2.84 4.35
CA GLU A 6 -37.71 2.63 3.97
C GLU A 6 -37.30 1.19 4.30
N ARG A 7 -36.46 0.61 3.50
CA ARG A 7 -36.02 -0.80 3.77
C ARG A 7 -34.51 -0.83 3.98
N GLY A 8 -34.02 -1.82 4.69
CA GLY A 8 -32.56 -1.90 4.93
C GLY A 8 -31.86 -2.45 3.68
N ARG A 9 -30.57 -2.66 3.75
CA ARG A 9 -29.84 -3.19 2.57
C ARG A 9 -29.20 -4.54 2.93
N GLN A 10 -28.96 -5.37 1.95
CA GLN A 10 -28.33 -6.69 2.24
C GLN A 10 -26.81 -6.57 2.11
N GLY A 11 -26.07 -7.36 2.83
CA GLY A 11 -24.59 -7.29 2.74
C GLY A 11 -24.05 -6.37 3.83
N ASP A 12 -24.90 -5.96 4.74
CA ASP A 12 -24.43 -5.06 5.83
C ASP A 12 -23.25 -5.69 6.56
N SER A 13 -23.28 -6.99 6.75
CA SER A 13 -22.15 -7.67 7.44
C SER A 13 -20.85 -7.39 6.69
N SER A 14 -20.93 -7.07 5.43
CA SER A 14 -19.69 -6.79 4.65
C SER A 14 -19.05 -5.50 5.16
N SER A 15 -17.85 -5.23 4.75
CA SER A 15 -17.17 -3.97 5.22
C SER A 15 -16.22 -3.48 4.12
N CYS A 16 -15.86 -2.23 4.18
CA CYS A 16 -14.93 -1.68 3.14
C CYS A 16 -13.79 -2.67 2.90
N GLU A 17 -13.45 -3.45 3.89
CA GLU A 17 -12.35 -4.43 3.72
C GLU A 17 -12.64 -5.33 2.51
N ARG A 18 -13.83 -5.86 2.43
CA ARG A 18 -14.18 -6.74 1.28
C ARG A 18 -13.79 -6.05 -0.02
N GLN A 19 -13.85 -4.75 -0.07
CA GLN A 19 -13.48 -4.02 -1.31
C GLN A 19 -11.96 -3.94 -1.41
N VAL A 20 -11.26 -4.20 -0.34
CA VAL A 20 -9.77 -4.14 -0.39
C VAL A 20 -9.22 -5.48 -0.88
N ASP A 21 -9.87 -6.56 -0.55
CA ASP A 21 -9.39 -7.89 -0.99
C ASP A 21 -9.14 -7.87 -2.50
N ARG A 22 -9.82 -7.01 -3.22
CA ARG A 22 -9.61 -6.95 -4.69
C ARG A 22 -8.38 -6.09 -5.00
N VAL A 23 -8.04 -5.18 -4.12
CA VAL A 23 -6.85 -4.32 -4.37
C VAL A 23 -5.70 -5.18 -4.89
N ASN A 24 -5.06 -5.92 -4.03
CA ASN A 24 -3.94 -6.78 -4.48
C ASN A 24 -2.97 -5.95 -5.32
N LEU A 25 -2.20 -5.10 -4.70
CA LEU A 25 -1.24 -4.28 -5.48
C LEU A 25 0.17 -4.86 -5.33
N LYS A 26 0.38 -6.05 -5.82
CA LYS A 26 1.73 -6.67 -5.71
C LYS A 26 2.76 -5.82 -6.46
N PRO A 27 2.41 -5.29 -7.64
CA PRO A 27 3.32 -4.46 -8.43
C PRO A 27 3.59 -3.11 -7.75
N CYS A 28 2.60 -2.53 -7.15
CA CYS A 28 2.82 -1.22 -6.46
C CYS A 28 3.91 -1.41 -5.39
N GLU A 29 3.70 -2.30 -4.48
CA GLU A 29 4.72 -2.53 -3.41
C GLU A 29 6.03 -3.00 -4.08
N GLN A 30 5.92 -3.79 -5.11
CA GLN A 30 7.14 -4.26 -5.82
C GLN A 30 7.90 -3.05 -6.36
N HIS A 31 7.20 -1.98 -6.62
CA HIS A 31 7.87 -0.77 -7.15
C HIS A 31 8.64 -0.11 -6.01
N ILE A 32 8.04 -0.02 -4.87
CA ILE A 32 8.72 0.59 -3.71
C ILE A 32 9.81 -0.35 -3.20
N MET A 33 9.57 -1.64 -3.32
CA MET A 33 10.59 -2.62 -2.85
C MET A 33 11.86 -2.49 -3.70
N GLN A 34 11.71 -2.22 -4.97
CA GLN A 34 12.92 -2.09 -5.84
C GLN A 34 13.77 -0.91 -5.35
N ARG A 35 13.16 0.13 -4.87
CA ARG A 35 13.95 1.30 -4.39
C ARG A 35 14.65 0.95 -3.07
N ILE A 36 14.01 0.19 -2.23
CA ILE A 36 14.65 -0.18 -0.94
C ILE A 36 15.65 -1.32 -1.16
N MET A 37 15.87 -1.69 -2.39
CA MET A 37 16.84 -2.80 -2.66
C MET A 37 18.23 -2.38 -2.20
N GLY A 38 18.49 -1.10 -2.16
CA GLY A 38 19.84 -0.62 -1.71
C GLY A 38 20.92 -1.19 -2.66
N GLU A 39 21.95 -1.76 -2.11
CA GLU A 39 23.03 -2.31 -2.98
C GLU A 39 22.47 -3.44 -3.84
N GLN A 40 21.43 -4.09 -3.38
CA GLN A 40 20.84 -5.20 -4.18
C GLN A 40 20.53 -4.70 -5.59
N GLU A 41 20.33 -3.43 -5.75
CA GLU A 41 20.03 -2.88 -7.10
C GLU A 41 21.20 -3.18 -8.05
N GLN A 42 20.92 -3.36 -9.31
CA GLN A 42 22.01 -3.66 -10.27
C GLN A 42 22.20 -2.48 -11.23
N TYR A 43 23.41 -2.21 -11.63
CA TYR A 43 23.65 -1.06 -12.56
C TYR A 43 24.32 -1.58 -13.83
N ASP A 44 24.02 -0.98 -14.96
CA ASP A 44 24.65 -1.43 -16.23
C ASP A 44 24.83 -0.23 -17.16
N SER A 45 25.65 -0.38 -18.18
CA SER A 45 25.87 0.75 -19.12
C SER A 45 24.55 1.12 -19.78
N TYR A 46 23.72 0.16 -20.06
CA TYR A 46 22.41 0.46 -20.71
C TYR A 46 21.66 1.49 -19.89
N ASP A 47 21.68 1.37 -18.59
CA ASP A 47 20.97 2.34 -17.73
C ASP A 47 21.77 3.65 -17.65
N ILE A 48 21.18 4.74 -18.02
CA ILE A 48 21.91 6.04 -17.96
C ILE A 48 21.36 6.90 -16.83
N ARG A 49 22.21 7.46 -16.03
CA ARG A 49 21.73 8.31 -14.90
C ARG A 49 20.90 9.48 -15.45
N SER A 50 21.21 9.92 -16.65
CA SER A 50 20.45 11.05 -17.25
C SER A 50 18.95 10.75 -17.21
N THR A 51 18.60 9.48 -17.20
CA THR A 51 17.15 9.12 -17.16
C THR A 51 16.85 8.33 -15.88
N ARG A 52 15.63 8.36 -15.43
CA ARG A 52 15.28 7.62 -14.19
C ARG A 52 13.95 6.87 -14.39
N SER A 53 13.84 5.68 -13.88
CA SER A 53 12.58 4.91 -14.05
C SER A 53 11.64 5.24 -12.89
N SER A 54 12.00 6.17 -12.06
CA SER A 54 11.12 6.53 -10.91
C SER A 54 9.81 7.14 -11.43
N ASP A 55 9.86 7.74 -12.60
CA ASP A 55 8.62 8.35 -13.17
C ASP A 55 7.66 7.25 -13.59
N GLN A 56 8.14 6.04 -13.72
CA GLN A 56 7.24 4.92 -14.12
C GLN A 56 6.40 4.48 -12.93
N GLN A 57 6.92 4.63 -11.75
CA GLN A 57 6.15 4.22 -10.53
C GLN A 57 4.96 5.16 -10.36
N GLN A 58 5.12 6.42 -10.70
CA GLN A 58 3.98 7.37 -10.55
C GLN A 58 2.74 6.76 -11.20
N ARG A 59 2.92 5.83 -12.09
CA ARG A 59 1.74 5.20 -12.76
C ARG A 59 0.84 4.56 -11.71
N CYS A 60 1.37 3.65 -10.93
CA CYS A 60 0.53 3.01 -9.88
C CYS A 60 -0.27 4.09 -9.16
N CYS A 61 0.39 4.87 -8.35
CA CYS A 61 -0.33 5.95 -7.63
C CYS A 61 -1.24 6.70 -8.60
N ASP A 62 -0.75 6.97 -9.78
CA ASP A 62 -1.58 7.70 -10.78
C ASP A 62 -2.90 6.96 -10.98
N GLU A 63 -2.87 5.65 -10.89
CA GLU A 63 -4.13 4.88 -11.07
C GLU A 63 -5.03 5.11 -9.87
N LEU A 64 -4.50 5.01 -8.68
CA LEU A 64 -5.33 5.24 -7.47
C LEU A 64 -5.79 6.70 -7.46
N ASN A 65 -5.28 7.50 -8.36
CA ASN A 65 -5.69 8.93 -8.42
C ASN A 65 -7.05 9.04 -9.09
N GLU A 66 -7.40 8.10 -9.95
CA GLU A 66 -8.72 8.17 -10.62
C GLU A 66 -8.89 7.00 -11.58
N MET A 67 -7.82 6.41 -12.03
CA MET A 67 -7.94 5.25 -12.97
C MET A 67 -8.71 4.12 -12.29
N GLU A 68 -8.38 3.84 -11.06
CA GLU A 68 -9.08 2.74 -10.34
C GLU A 68 -10.42 3.25 -9.81
N ASN A 69 -10.77 4.48 -10.13
CA ASN A 69 -12.06 5.04 -9.64
C ASN A 69 -12.24 4.69 -8.15
N THR A 70 -11.15 4.51 -7.45
CA THR A 70 -11.26 4.16 -6.00
C THR A 70 -11.91 5.32 -5.26
N GLN A 71 -12.92 5.04 -4.48
CA GLN A 71 -13.61 6.12 -3.72
C GLN A 71 -12.75 6.53 -2.52
N GLY A 72 -12.06 5.58 -1.93
CA GLY A 72 -11.20 5.91 -0.76
C GLY A 72 -10.76 4.61 -0.07
N CYS A 73 -10.73 4.59 1.24
CA CYS A 73 -10.31 3.36 1.95
C CYS A 73 -8.86 3.01 1.58
N MET A 74 -8.16 3.94 0.99
CA MET A 74 -6.75 3.66 0.60
C MET A 74 -6.04 2.95 1.75
N CYS A 75 -6.16 3.46 2.95
CA CYS A 75 -5.49 2.81 4.11
C CYS A 75 -5.70 1.29 4.03
N GLU A 76 -6.92 0.85 3.92
CA GLU A 76 -7.17 -0.61 3.84
C GLU A 76 -6.50 -1.16 2.58
N ALA A 77 -6.24 -0.31 1.63
CA ALA A 77 -5.58 -0.77 0.38
C ALA A 77 -4.08 -0.97 0.65
N LEU A 78 -3.43 0.03 1.17
CA LEU A 78 -1.98 -0.12 1.46
C LEU A 78 -1.78 -1.27 2.43
N GLN A 79 -2.61 -1.36 3.43
CA GLN A 79 -2.48 -2.47 4.42
C GLN A 79 -2.54 -3.81 3.69
N GLN A 80 -3.45 -3.96 2.77
CA GLN A 80 -3.56 -5.24 2.02
C GLN A 80 -2.23 -5.50 1.28
N ILE A 81 -1.72 -4.51 0.60
CA ILE A 81 -0.44 -4.70 -0.13
C ILE A 81 0.59 -5.32 0.82
N MET A 82 0.90 -4.64 1.89
CA MET A 82 1.89 -5.20 2.85
C MET A 82 1.56 -6.66 3.13
N GLU A 83 0.34 -6.94 3.47
CA GLU A 83 -0.05 -8.35 3.74
C GLU A 83 0.02 -9.16 2.45
N ASN A 84 0.04 -8.49 1.32
CA ASN A 84 0.10 -9.21 0.02
C ASN A 84 1.53 -9.69 -0.21
N GLN A 85 2.49 -9.09 0.43
CA GLN A 85 3.90 -9.52 0.23
C GLN A 85 4.81 -8.81 1.24
N CYS A 86 4.48 -8.85 2.50
CA CYS A 86 5.34 -8.18 3.52
C CYS A 86 6.30 -9.19 4.13
N ASP A 87 6.25 -10.42 3.69
CA ASP A 87 7.16 -11.45 4.26
C ASP A 87 8.61 -10.97 4.14
N ARG A 88 8.92 -10.19 3.14
CA ARG A 88 10.31 -9.69 2.99
C ARG A 88 10.62 -8.68 4.11
N LEU A 89 9.61 -8.19 4.77
CA LEU A 89 9.84 -7.21 5.86
C LEU A 89 10.49 -7.92 7.05
N GLN A 90 10.50 -9.22 7.03
CA GLN A 90 11.12 -9.97 8.16
C GLN A 90 12.44 -9.30 8.57
N ASP A 91 13.13 -8.72 7.63
CA ASP A 91 14.41 -8.04 7.96
C ASP A 91 14.12 -6.65 8.54
N ARG A 92 14.70 -6.33 9.66
CA ARG A 92 14.45 -5.00 10.28
C ARG A 92 15.11 -3.91 9.43
N GLN A 93 15.85 -4.30 8.42
CA GLN A 93 16.52 -3.29 7.55
C GLN A 93 15.55 -2.85 6.44
N MET A 94 14.76 -3.77 5.94
CA MET A 94 13.80 -3.41 4.86
C MET A 94 12.49 -2.93 5.48
N VAL A 95 11.96 -3.65 6.43
CA VAL A 95 10.68 -3.23 7.07
C VAL A 95 10.71 -1.72 7.31
N GLN A 96 11.87 -1.16 7.49
CA GLN A 96 11.97 0.30 7.73
C GLN A 96 11.81 1.05 6.42
N GLN A 97 12.84 1.06 5.60
CA GLN A 97 12.75 1.76 4.30
C GLN A 97 11.39 1.49 3.66
N PHE A 98 10.97 0.27 3.61
CA PHE A 98 9.65 -0.06 3.00
C PHE A 98 8.57 0.75 3.71
N LYS A 99 8.59 0.77 5.02
CA LYS A 99 7.56 1.54 5.77
C LYS A 99 7.76 3.03 5.50
N ARG A 100 8.97 3.44 5.28
CA ARG A 100 9.22 4.89 5.00
C ARG A 100 8.68 5.23 3.62
N GLU A 101 9.00 4.43 2.62
CA GLU A 101 8.48 4.71 1.26
C GLU A 101 6.97 4.51 1.26
N LEU A 102 6.51 3.49 1.93
CA LEU A 102 5.04 3.23 1.97
C LEU A 102 4.33 4.43 2.58
N MET A 103 4.92 5.07 3.55
CA MET A 103 4.26 6.26 4.15
C MET A 103 4.01 7.30 3.06
N SER A 104 4.88 7.37 2.09
CA SER A 104 4.70 8.37 0.99
C SER A 104 3.69 7.82 -0.04
N LEU A 105 3.61 6.51 -0.17
CA LEU A 105 2.65 5.93 -1.15
C LEU A 105 1.30 6.66 -1.05
N PRO A 106 0.77 6.80 0.17
CA PRO A 106 -0.51 7.47 0.40
C PRO A 106 -0.40 8.97 0.11
N GLN A 107 0.81 9.43 -0.11
CA GLN A 107 1.02 10.88 -0.40
C GLN A 107 1.12 11.07 -1.91
N GLN A 108 1.93 10.27 -2.55
CA GLN A 108 2.09 10.40 -4.02
C GLN A 108 0.72 10.63 -4.68
N CYS A 109 -0.33 10.16 -4.06
CA CYS A 109 -1.68 10.35 -4.64
C CYS A 109 -2.42 11.45 -3.89
N ASN A 110 -1.92 11.85 -2.75
CA ASN A 110 -2.59 12.92 -1.96
C ASN A 110 -3.92 12.39 -1.43
N PHE A 111 -3.96 11.14 -1.06
CA PHE A 111 -5.22 10.55 -0.53
C PHE A 111 -5.40 10.94 0.94
N ARG A 112 -4.54 11.80 1.44
CA ARG A 112 -4.65 12.22 2.87
C ARG A 112 -6.12 12.44 3.21
N ALA A 113 -6.90 12.92 2.29
CA ALA A 113 -8.33 13.16 2.56
C ALA A 113 -8.49 13.98 3.84
N PRO A 114 -9.72 14.35 4.19
CA PRO A 114 -10.02 15.14 5.40
C PRO A 114 -9.82 14.32 6.67
N GLN A 115 -9.43 13.08 6.54
CA GLN A 115 -9.21 12.23 7.75
C GLN A 115 -7.78 11.68 7.75
N ARG A 116 -7.10 11.80 8.85
CA ARG A 116 -5.69 11.29 8.91
C ARG A 116 -5.67 9.83 8.44
N CYS A 117 -6.69 9.08 8.74
CA CYS A 117 -6.72 7.65 8.32
C CYS A 117 -5.36 7.00 8.62
N ASP A 118 -4.87 7.18 9.81
CA ASP A 118 -3.55 6.57 10.16
C ASP A 118 -3.65 5.05 10.04
N LEU A 119 -2.60 4.42 9.58
CA LEU A 119 -2.63 2.93 9.44
C LEU A 119 -2.05 2.29 10.69
N ASP A 120 -2.70 1.26 11.20
CA ASP A 120 -2.18 0.59 12.42
C ASP A 120 -0.76 0.07 12.17
N VAL A 121 -0.50 -0.39 10.97
CA VAL A 121 0.86 -0.92 10.67
C VAL A 121 1.32 -1.84 11.80
N SER A 122 0.40 -2.42 12.51
CA SER A 122 0.79 -3.33 13.63
C SER A 122 1.53 -4.54 13.06
N GLY A 123 1.30 -4.87 11.82
CA GLY A 123 1.98 -6.04 11.22
C GLY A 123 1.51 -7.32 11.90
N GLY A 124 2.40 -8.03 12.55
CA GLY A 124 1.99 -9.28 13.23
C GLY A 124 1.80 -10.39 12.20
N ARG A 125 0.58 -10.75 11.92
CA ARG A 125 0.32 -11.82 10.92
C ARG A 125 1.10 -11.51 9.63
N CYS A 126 1.25 -10.26 9.31
CA CYS A 126 1.99 -9.91 8.06
C CYS A 126 3.35 -10.61 8.06
N SER A 127 4.19 -10.31 9.01
CA SER A 127 5.53 -10.96 9.05
C SER A 127 5.38 -12.39 9.57
N GLY A 1 -23.86 -8.97 29.09
CA GLY A 1 -24.55 -7.73 29.57
C GLY A 1 -24.06 -6.53 28.76
N PRO A 2 -24.76 -5.39 28.87
CA PRO A 2 -24.40 -4.16 28.16
C PRO A 2 -23.11 -3.54 28.71
N MET A 3 -22.71 -3.94 29.88
CA MET A 3 -21.46 -3.38 30.47
C MET A 3 -20.28 -3.61 29.51
N ARG A 4 -20.28 -4.72 28.82
CA ARG A 4 -19.18 -5.00 27.87
C ARG A 4 -19.74 -5.13 26.46
N ARG A 5 -19.08 -4.55 25.49
CA ARG A 5 -19.57 -4.64 24.09
C ARG A 5 -18.40 -4.96 23.16
N GLU A 6 -18.65 -5.71 22.11
CA GLU A 6 -17.55 -6.05 21.16
C GLU A 6 -17.61 -5.10 19.97
N ARG A 7 -16.48 -4.78 19.39
CA ARG A 7 -16.47 -3.87 18.22
C ARG A 7 -17.45 -4.39 17.16
N GLY A 8 -17.52 -5.68 16.99
CA GLY A 8 -18.45 -6.24 15.97
C GLY A 8 -17.75 -6.32 14.61
N ARG A 9 -18.45 -6.73 13.60
CA ARG A 9 -17.83 -6.81 12.25
C ARG A 9 -18.33 -5.66 11.38
N GLN A 10 -18.87 -4.64 11.98
CA GLN A 10 -19.39 -3.49 11.19
C GLN A 10 -18.27 -2.95 10.29
N GLY A 11 -17.05 -2.95 10.77
CA GLY A 11 -15.93 -2.44 9.95
C GLY A 11 -15.86 -3.23 8.63
N ASP A 12 -16.00 -4.52 8.69
CA ASP A 12 -15.94 -5.34 7.44
C ASP A 12 -17.14 -4.99 6.56
N SER A 13 -18.27 -4.72 7.16
CA SER A 13 -19.48 -4.38 6.35
C SER A 13 -19.22 -3.10 5.56
N SER A 14 -18.26 -2.32 5.99
CA SER A 14 -17.96 -1.05 5.26
C SER A 14 -17.58 -1.37 3.81
N SER A 15 -17.76 -0.44 2.91
CA SER A 15 -17.42 -0.70 1.49
C SER A 15 -15.92 -0.95 1.36
N CYS A 16 -15.15 -0.51 2.33
CA CYS A 16 -13.68 -0.71 2.27
C CYS A 16 -13.39 -2.18 1.95
N GLU A 17 -14.27 -3.07 2.31
CA GLU A 17 -14.05 -4.51 2.03
C GLU A 17 -14.15 -4.76 0.52
N ARG A 18 -14.89 -3.93 -0.17
CA ARG A 18 -15.04 -4.12 -1.64
C ARG A 18 -13.68 -3.87 -2.33
N GLN A 19 -12.95 -2.89 -1.88
CA GLN A 19 -11.63 -2.61 -2.50
C GLN A 19 -10.72 -3.82 -2.31
N VAL A 20 -10.87 -4.51 -1.22
CA VAL A 20 -10.02 -5.70 -0.96
C VAL A 20 -10.14 -6.68 -2.13
N ASP A 21 -11.31 -6.83 -2.68
CA ASP A 21 -11.49 -7.77 -3.82
C ASP A 21 -10.97 -7.12 -5.10
N ARG A 22 -10.51 -5.90 -5.02
CA ARG A 22 -9.99 -5.21 -6.22
C ARG A 22 -8.59 -4.67 -5.95
N VAL A 23 -8.09 -4.89 -4.76
CA VAL A 23 -6.71 -4.40 -4.43
C VAL A 23 -5.77 -4.74 -5.58
N ASN A 24 -5.21 -5.92 -5.57
CA ASN A 24 -4.27 -6.31 -6.66
C ASN A 24 -3.29 -5.17 -6.90
N LEU A 25 -2.49 -4.83 -5.92
CA LEU A 25 -1.51 -3.72 -6.11
C LEU A 25 -0.09 -4.29 -6.08
N LYS A 26 0.17 -5.29 -6.88
CA LYS A 26 1.55 -5.88 -6.90
C LYS A 26 2.56 -4.85 -7.42
N PRO A 27 2.18 -4.05 -8.44
CA PRO A 27 3.07 -3.05 -9.02
C PRO A 27 3.40 -1.94 -8.02
N CYS A 28 2.44 -1.54 -7.23
CA CYS A 28 2.72 -0.47 -6.23
C CYS A 28 3.76 -1.00 -5.23
N GLU A 29 3.50 -2.14 -4.65
CA GLU A 29 4.48 -2.72 -3.70
C GLU A 29 5.84 -2.83 -4.39
N GLN A 30 5.84 -3.17 -5.65
CA GLN A 30 7.12 -3.30 -6.39
C GLN A 30 7.80 -1.93 -6.50
N HIS A 31 7.04 -0.87 -6.43
CA HIS A 31 7.65 0.49 -6.53
C HIS A 31 8.28 0.82 -5.18
N ILE A 32 7.78 0.23 -4.13
CA ILE A 32 8.35 0.51 -2.78
C ILE A 32 9.41 -0.54 -2.46
N MET A 33 9.11 -1.79 -2.66
CA MET A 33 10.11 -2.86 -2.37
C MET A 33 11.33 -2.65 -3.27
N GLN A 34 11.11 -2.36 -4.53
CA GLN A 34 12.25 -2.14 -5.46
C GLN A 34 13.00 -0.87 -5.08
N ARG A 35 12.29 0.21 -4.82
CA ARG A 35 12.98 1.47 -4.46
C ARG A 35 13.85 1.24 -3.22
N ILE A 36 13.24 0.97 -2.10
CA ILE A 36 14.04 0.74 -0.86
C ILE A 36 15.24 -0.15 -1.18
N MET A 37 15.13 -0.98 -2.19
CA MET A 37 16.26 -1.88 -2.55
C MET A 37 17.35 -1.06 -3.24
N GLY A 38 16.98 -0.02 -3.94
CA GLY A 38 18.00 0.81 -4.64
C GLY A 38 18.85 1.56 -3.61
N GLU A 39 18.30 1.85 -2.47
CA GLU A 39 19.07 2.59 -1.44
C GLU A 39 20.18 1.69 -0.89
N GLN A 40 20.01 0.40 -0.98
CA GLN A 40 21.05 -0.54 -0.47
C GLN A 40 22.36 -0.30 -1.24
N GLU A 41 22.27 0.03 -2.49
CA GLU A 41 23.50 0.28 -3.28
C GLU A 41 23.65 1.77 -3.56
N GLN A 42 24.84 2.29 -3.44
CA GLN A 42 25.05 3.75 -3.70
C GLN A 42 26.06 3.93 -4.82
N TYR A 43 26.02 5.05 -5.50
CA TYR A 43 26.99 5.28 -6.61
C TYR A 43 27.95 6.40 -6.22
N ASP A 44 29.23 6.14 -6.29
CA ASP A 44 30.22 7.20 -5.93
C ASP A 44 30.18 8.32 -6.95
N SER A 45 29.96 8.00 -8.20
CA SER A 45 29.90 9.04 -9.25
C SER A 45 28.58 9.82 -9.14
N TYR A 46 28.51 10.98 -9.71
CA TYR A 46 27.25 11.78 -9.63
C TYR A 46 26.68 11.96 -11.04
N ASP A 47 25.41 11.68 -11.22
CA ASP A 47 24.79 11.83 -12.56
C ASP A 47 24.45 13.31 -12.81
N ILE A 48 24.92 13.87 -13.88
CA ILE A 48 24.63 15.30 -14.18
C ILE A 48 23.12 15.48 -14.31
N ARG A 49 22.45 14.55 -14.93
CA ARG A 49 20.97 14.68 -15.09
C ARG A 49 20.28 13.59 -14.26
N SER A 50 19.04 13.83 -13.89
CA SER A 50 18.32 12.81 -13.08
C SER A 50 17.14 12.25 -13.89
N THR A 51 17.12 10.97 -14.11
CA THR A 51 16.01 10.37 -14.89
C THR A 51 15.58 9.05 -14.23
N ARG A 52 14.30 8.84 -14.07
CA ARG A 52 13.82 7.57 -13.43
C ARG A 52 12.80 6.90 -14.34
N SER A 53 12.95 5.62 -14.56
CA SER A 53 11.99 4.90 -15.44
C SER A 53 10.80 4.42 -14.61
N SER A 54 10.79 4.75 -13.34
CA SER A 54 9.66 4.32 -12.46
C SER A 54 8.40 5.14 -12.79
N ASP A 55 8.55 6.16 -13.60
CA ASP A 55 7.37 7.00 -13.96
C ASP A 55 6.18 6.09 -14.30
N GLN A 56 6.45 4.89 -14.73
CA GLN A 56 5.33 3.97 -15.07
C GLN A 56 4.67 3.48 -13.79
N GLN A 57 5.44 3.13 -12.80
CA GLN A 57 4.85 2.64 -11.52
C GLN A 57 3.84 3.68 -11.01
N GLN A 58 4.13 4.94 -11.19
CA GLN A 58 3.20 5.99 -10.71
C GLN A 58 1.78 5.69 -11.20
N ARG A 59 1.66 5.04 -12.32
CA ARG A 59 0.31 4.71 -12.85
C ARG A 59 -0.49 3.94 -11.80
N CYS A 60 0.15 3.04 -11.11
CA CYS A 60 -0.57 2.26 -10.06
C CYS A 60 -1.46 3.20 -9.26
N CYS A 61 -0.92 3.82 -8.24
CA CYS A 61 -1.75 4.76 -7.43
C CYS A 61 -2.60 5.63 -8.36
N ASP A 62 -2.06 6.02 -9.49
CA ASP A 62 -2.84 6.86 -10.42
C ASP A 62 -4.08 6.09 -10.90
N GLU A 63 -3.95 4.83 -11.12
CA GLU A 63 -5.11 4.03 -11.58
C GLU A 63 -6.15 3.96 -10.46
N LEU A 64 -5.72 3.58 -9.29
CA LEU A 64 -6.68 3.49 -8.15
C LEU A 64 -7.09 4.91 -7.72
N ASN A 65 -6.56 5.91 -8.37
CA ASN A 65 -6.93 7.31 -8.01
C ASN A 65 -8.05 7.80 -8.92
N GLU A 66 -8.17 7.24 -10.10
CA GLU A 66 -9.24 7.68 -11.03
C GLU A 66 -10.05 6.48 -11.50
N MET A 67 -9.54 5.29 -11.32
CA MET A 67 -10.29 4.08 -11.78
C MET A 67 -11.36 3.72 -10.75
N GLU A 68 -10.96 3.03 -9.70
CA GLU A 68 -11.96 2.63 -8.66
C GLU A 68 -12.31 3.85 -7.80
N ASN A 69 -11.76 5.00 -8.12
CA ASN A 69 -12.08 6.21 -7.32
C ASN A 69 -11.95 5.88 -5.83
N THR A 70 -10.77 5.59 -5.38
CA THR A 70 -10.58 5.26 -3.94
C THR A 70 -10.96 6.47 -3.09
N GLN A 71 -12.19 6.56 -2.66
CA GLN A 71 -12.61 7.71 -1.82
C GLN A 71 -12.20 7.47 -0.37
N GLY A 72 -11.72 6.31 -0.06
CA GLY A 72 -11.31 6.01 1.34
C GLY A 72 -10.92 4.54 1.46
N CYS A 73 -10.53 4.11 2.64
CA CYS A 73 -10.13 2.69 2.82
C CYS A 73 -8.73 2.47 2.24
N MET A 74 -8.16 3.48 1.64
CA MET A 74 -6.80 3.31 1.06
C MET A 74 -5.89 2.63 2.09
N CYS A 75 -5.93 3.06 3.32
CA CYS A 75 -5.07 2.43 4.36
C CYS A 75 -5.27 0.92 4.34
N GLU A 76 -6.50 0.47 4.27
CA GLU A 76 -6.76 -0.99 4.24
C GLU A 76 -6.17 -1.57 2.95
N ALA A 77 -5.98 -0.73 1.96
CA ALA A 77 -5.42 -1.22 0.67
C ALA A 77 -3.91 -1.37 0.82
N LEU A 78 -3.23 -0.32 1.21
CA LEU A 78 -1.76 -0.41 1.39
C LEU A 78 -1.45 -1.50 2.42
N GLN A 79 -2.19 -1.53 3.49
CA GLN A 79 -1.96 -2.57 4.53
C GLN A 79 -2.04 -3.95 3.89
N GLN A 80 -3.03 -4.17 3.07
CA GLN A 80 -3.16 -5.50 2.41
C GLN A 80 -1.88 -5.80 1.64
N ILE A 81 -1.33 -4.84 0.95
CA ILE A 81 -0.08 -5.07 0.19
C ILE A 81 0.97 -5.68 1.13
N MET A 82 1.30 -4.97 2.18
CA MET A 82 2.31 -5.50 3.13
C MET A 82 1.99 -6.96 3.45
N GLU A 83 0.77 -7.24 3.82
CA GLU A 83 0.39 -8.65 4.13
C GLU A 83 0.43 -9.48 2.84
N ASN A 84 0.43 -8.83 1.72
CA ASN A 84 0.46 -9.57 0.42
C ASN A 84 1.88 -10.10 0.19
N GLN A 85 2.87 -9.47 0.78
CA GLN A 85 4.27 -9.95 0.57
C GLN A 85 5.19 -9.33 1.63
N CYS A 86 4.85 -9.46 2.88
CA CYS A 86 5.73 -8.88 3.95
C CYS A 86 6.40 -10.02 4.71
N ASP A 87 5.96 -11.23 4.51
CA ASP A 87 6.58 -12.38 5.22
C ASP A 87 8.11 -12.25 5.16
N ARG A 88 8.64 -12.14 3.97
CA ARG A 88 10.12 -12.01 3.83
C ARG A 88 10.52 -10.54 4.01
N LEU A 89 9.62 -9.73 4.49
CA LEU A 89 9.94 -8.29 4.69
C LEU A 89 11.22 -8.15 5.51
N GLN A 90 11.55 -9.17 6.27
CA GLN A 90 12.80 -9.10 7.09
C GLN A 90 12.87 -7.75 7.81
N ASP A 91 12.26 -7.64 8.95
CA ASP A 91 12.28 -6.34 9.70
C ASP A 91 13.73 -5.99 10.05
N ARG A 92 14.62 -6.92 9.89
CA ARG A 92 16.05 -6.64 10.22
C ARG A 92 16.46 -5.29 9.62
N GLN A 93 15.99 -4.97 8.45
CA GLN A 93 16.36 -3.68 7.83
C GLN A 93 15.31 -3.28 6.78
N MET A 94 14.78 -4.23 6.06
CA MET A 94 13.78 -3.90 5.02
C MET A 94 12.63 -3.09 5.64
N VAL A 95 11.97 -3.64 6.63
CA VAL A 95 10.84 -2.90 7.27
C VAL A 95 11.19 -1.41 7.40
N GLN A 96 12.45 -1.09 7.52
CA GLN A 96 12.84 0.33 7.65
C GLN A 96 12.59 1.06 6.32
N GLN A 97 13.49 0.92 5.39
CA GLN A 97 13.30 1.60 4.08
C GLN A 97 11.86 1.42 3.62
N PHE A 98 11.32 0.24 3.78
CA PHE A 98 9.91 0.01 3.36
C PHE A 98 8.99 0.92 4.18
N LYS A 99 9.15 0.92 5.47
CA LYS A 99 8.30 1.78 6.33
C LYS A 99 8.54 3.24 5.95
N ARG A 100 9.76 3.59 5.64
CA ARG A 100 10.06 4.99 5.24
C ARG A 100 9.40 5.27 3.89
N GLU A 101 9.65 4.44 2.92
CA GLU A 101 9.03 4.66 1.58
C GLU A 101 7.52 4.56 1.73
N LEU A 102 7.06 3.67 2.57
CA LEU A 102 5.59 3.53 2.77
C LEU A 102 5.01 4.86 3.25
N MET A 103 5.67 5.51 4.17
CA MET A 103 5.15 6.81 4.67
C MET A 103 4.97 7.77 3.49
N SER A 104 5.75 7.60 2.46
CA SER A 104 5.63 8.49 1.28
C SER A 104 4.49 7.99 0.37
N LEU A 105 4.27 6.70 0.34
CA LEU A 105 3.19 6.15 -0.52
C LEU A 105 1.90 6.98 -0.36
N PRO A 106 1.50 7.28 0.88
CA PRO A 106 0.28 8.06 1.15
C PRO A 106 0.43 9.50 0.65
N GLN A 107 1.60 9.86 0.20
CA GLN A 107 1.80 11.24 -0.31
C GLN A 107 1.50 11.26 -1.81
N GLN A 108 1.98 10.28 -2.52
CA GLN A 108 1.73 10.23 -3.99
C GLN A 108 0.23 10.41 -4.25
N CYS A 109 -0.59 10.05 -3.30
CA CYS A 109 -2.07 10.21 -3.49
C CYS A 109 -2.70 10.63 -2.16
N ASN A 110 -2.76 9.74 -1.21
CA ASN A 110 -3.37 10.08 0.10
C ASN A 110 -3.72 8.80 0.86
N PHE A 111 -2.98 7.74 0.65
CA PHE A 111 -3.28 6.47 1.36
C PHE A 111 -3.48 6.76 2.85
N ARG A 112 -2.78 7.73 3.37
CA ARG A 112 -2.93 8.06 4.82
C ARG A 112 -4.42 8.30 5.14
N ALA A 113 -5.14 8.83 4.20
CA ALA A 113 -6.59 9.09 4.44
C ALA A 113 -6.74 9.98 5.67
N PRO A 114 -7.94 10.56 5.85
CA PRO A 114 -8.23 11.45 6.99
C PRO A 114 -8.32 10.67 8.30
N GLN A 115 -8.41 9.37 8.22
CA GLN A 115 -8.49 8.55 9.47
C GLN A 115 -7.15 7.86 9.73
N ARG A 116 -6.82 7.65 10.97
CA ARG A 116 -5.53 6.98 11.29
C ARG A 116 -5.71 5.47 11.23
N CYS A 117 -4.62 4.73 11.16
CA CYS A 117 -4.74 3.24 11.12
C CYS A 117 -4.22 2.65 12.42
N ASP A 118 -4.87 1.61 12.90
CA ASP A 118 -4.40 0.97 14.17
C ASP A 118 -3.68 -0.33 13.85
N LEU A 119 -2.46 -0.47 14.31
CA LEU A 119 -1.70 -1.72 14.02
C LEU A 119 -2.28 -2.87 14.85
N ASP A 120 -2.91 -2.55 15.96
CA ASP A 120 -3.50 -3.63 16.81
C ASP A 120 -4.76 -4.17 16.14
N VAL A 121 -5.21 -3.54 15.09
CA VAL A 121 -6.43 -4.02 14.40
C VAL A 121 -6.25 -5.48 13.99
N SER A 122 -5.08 -5.84 13.54
CA SER A 122 -4.84 -7.25 13.13
C SER A 122 -3.79 -7.89 14.05
N GLY A 123 -3.87 -9.18 14.25
CA GLY A 123 -2.88 -9.85 15.14
C GLY A 123 -1.46 -9.46 14.71
N GLY A 124 -1.25 -9.29 13.43
CA GLY A 124 0.11 -8.91 12.95
C GLY A 124 0.98 -10.18 12.86
N ARG A 125 0.44 -11.25 12.38
CA ARG A 125 1.24 -12.51 12.27
C ARG A 125 2.47 -12.25 11.40
N CYS A 126 2.35 -11.41 10.40
CA CYS A 126 3.51 -11.12 9.53
C CYS A 126 4.67 -10.58 10.36
N SER A 127 4.38 -10.07 11.54
CA SER A 127 5.46 -9.53 12.40
C SER A 127 6.25 -8.48 11.62
N GLY A 1 -15.08 -8.84 16.46
CA GLY A 1 -16.18 -8.54 15.51
C GLY A 1 -17.20 -9.68 15.53
N PRO A 2 -18.47 -9.34 15.85
CA PRO A 2 -19.55 -10.33 15.91
C PRO A 2 -19.94 -10.84 14.53
N MET A 3 -19.47 -10.20 13.49
CA MET A 3 -19.82 -10.64 12.11
C MET A 3 -18.60 -11.31 11.47
N ARG A 4 -18.82 -12.26 10.61
CA ARG A 4 -17.68 -12.94 9.94
C ARG A 4 -17.70 -12.64 8.44
N ARG A 5 -16.57 -12.68 7.80
CA ARG A 5 -16.52 -12.38 6.34
C ARG A 5 -17.33 -13.43 5.57
N GLU A 6 -17.55 -14.57 6.17
CA GLU A 6 -18.33 -15.64 5.47
C GLU A 6 -19.78 -15.18 5.31
N ARG A 7 -20.31 -14.49 6.28
CA ARG A 7 -21.72 -14.02 6.17
C ARG A 7 -21.77 -12.50 6.40
N GLY A 8 -22.92 -11.91 6.20
CA GLY A 8 -23.03 -10.44 6.40
C GLY A 8 -22.60 -9.71 5.13
N ARG A 9 -22.63 -10.38 4.00
CA ARG A 9 -22.22 -9.72 2.73
C ARG A 9 -23.02 -8.43 2.54
N GLN A 10 -24.23 -8.39 3.04
CA GLN A 10 -25.05 -7.16 2.88
C GLN A 10 -24.64 -6.13 3.93
N GLY A 11 -24.75 -4.87 3.62
CA GLY A 11 -24.36 -3.83 4.60
C GLY A 11 -23.30 -2.91 3.98
N ASP A 12 -23.41 -1.62 4.20
CA ASP A 12 -22.41 -0.69 3.62
C ASP A 12 -21.02 -1.03 4.18
N SER A 13 -20.92 -1.33 5.44
CA SER A 13 -19.59 -1.67 6.02
C SER A 13 -18.93 -2.75 5.18
N SER A 14 -19.67 -3.71 4.71
CA SER A 14 -19.08 -4.78 3.88
C SER A 14 -18.40 -4.16 2.65
N SER A 15 -18.96 -3.10 2.13
CA SER A 15 -18.36 -2.45 0.94
C SER A 15 -16.87 -2.17 1.20
N CYS A 16 -16.51 -1.97 2.44
CA CYS A 16 -15.08 -1.68 2.77
C CYS A 16 -14.23 -2.90 2.39
N GLU A 17 -14.37 -3.97 3.13
CA GLU A 17 -13.57 -5.20 2.81
C GLU A 17 -13.73 -5.55 1.33
N ARG A 18 -14.77 -5.07 0.71
CA ARG A 18 -14.99 -5.37 -0.73
C ARG A 18 -14.01 -4.56 -1.57
N GLN A 19 -13.51 -3.47 -1.04
CA GLN A 19 -12.55 -2.64 -1.82
C GLN A 19 -11.19 -3.34 -1.85
N VAL A 20 -10.88 -4.09 -0.83
CA VAL A 20 -9.57 -4.79 -0.80
C VAL A 20 -9.51 -5.80 -1.96
N ASP A 21 -10.62 -6.38 -2.30
CA ASP A 21 -10.64 -7.36 -3.42
C ASP A 21 -10.23 -6.66 -4.71
N ARG A 22 -10.32 -5.37 -4.75
CA ARG A 22 -9.93 -4.62 -5.98
C ARG A 22 -8.54 -4.02 -5.80
N VAL A 23 -8.03 -4.04 -4.61
CA VAL A 23 -6.67 -3.47 -4.37
C VAL A 23 -5.67 -4.15 -5.31
N ASN A 24 -5.10 -5.25 -4.89
CA ASN A 24 -4.12 -5.95 -5.76
C ASN A 24 -3.11 -4.95 -6.31
N LEU A 25 -2.43 -4.25 -5.44
CA LEU A 25 -1.43 -3.25 -5.91
C LEU A 25 -0.03 -3.87 -5.88
N LYS A 26 0.18 -4.91 -6.64
CA LYS A 26 1.52 -5.57 -6.65
C LYS A 26 2.56 -4.62 -7.27
N PRO A 27 2.19 -3.88 -8.33
CA PRO A 27 3.12 -2.95 -8.99
C PRO A 27 3.49 -1.78 -8.08
N CYS A 28 2.55 -1.30 -7.30
CA CYS A 28 2.87 -0.18 -6.37
C CYS A 28 3.91 -0.67 -5.35
N GLU A 29 3.59 -1.71 -4.64
CA GLU A 29 4.57 -2.25 -3.65
C GLU A 29 5.91 -2.43 -4.35
N GLN A 30 5.89 -2.72 -5.62
CA GLN A 30 7.15 -2.93 -6.37
C GLN A 30 7.88 -1.58 -6.53
N HIS A 31 7.15 -0.49 -6.53
CA HIS A 31 7.83 0.82 -6.68
C HIS A 31 8.42 1.20 -5.33
N ILE A 32 7.94 0.57 -4.30
CA ILE A 32 8.47 0.85 -2.94
C ILE A 32 9.62 -0.10 -2.63
N MET A 33 9.45 -1.36 -2.95
CA MET A 33 10.53 -2.34 -2.68
C MET A 33 11.78 -1.95 -3.47
N GLN A 34 11.59 -1.42 -4.65
CA GLN A 34 12.77 -1.02 -5.47
C GLN A 34 13.54 0.10 -4.75
N ARG A 35 12.86 1.13 -4.33
CA ARG A 35 13.55 2.25 -3.63
C ARG A 35 14.32 1.72 -2.42
N ILE A 36 13.62 1.24 -1.43
CA ILE A 36 14.31 0.71 -0.22
C ILE A 36 15.49 -0.16 -0.63
N MET A 37 15.35 -0.90 -1.69
CA MET A 37 16.47 -1.77 -2.15
C MET A 37 17.70 -0.91 -2.44
N GLY A 38 17.50 0.28 -2.94
CA GLY A 38 18.66 1.15 -3.25
C GLY A 38 19.44 1.44 -1.98
N GLU A 39 18.77 1.49 -0.85
CA GLU A 39 19.48 1.77 0.43
C GLU A 39 20.18 0.50 0.91
N GLN A 40 19.70 -0.65 0.49
CA GLN A 40 20.34 -1.92 0.93
C GLN A 40 21.72 -2.05 0.27
N GLU A 41 21.85 -1.57 -0.92
CA GLU A 41 23.17 -1.66 -1.62
C GLU A 41 24.23 -0.88 -0.82
N GLN A 42 23.84 0.23 -0.26
CA GLN A 42 24.82 1.04 0.54
C GLN A 42 24.17 1.48 1.85
N TYR A 43 24.89 1.37 2.93
CA TYR A 43 24.31 1.78 4.25
C TYR A 43 24.98 3.08 4.71
N ASP A 44 26.18 3.33 4.27
CA ASP A 44 26.88 4.59 4.68
C ASP A 44 26.08 5.80 4.20
N SER A 45 25.46 5.69 3.06
CA SER A 45 24.67 6.84 2.53
C SER A 45 23.32 6.34 2.00
N TYR A 46 22.29 7.13 2.14
CA TYR A 46 20.95 6.69 1.63
C TYR A 46 20.54 7.59 0.46
N ASP A 47 20.00 7.01 -0.58
CA ASP A 47 19.57 7.83 -1.75
C ASP A 47 18.44 7.12 -2.49
N ILE A 48 17.72 7.83 -3.31
CA ILE A 48 16.61 7.19 -4.07
C ILE A 48 16.96 7.14 -5.55
N ARG A 49 16.77 6.00 -6.17
CA ARG A 49 17.11 5.88 -7.62
C ARG A 49 15.90 5.32 -8.37
N SER A 50 15.66 5.80 -9.55
CA SER A 50 14.49 5.30 -10.34
C SER A 50 14.96 4.91 -11.75
N THR A 51 14.25 4.04 -12.40
CA THR A 51 14.65 3.63 -13.78
C THR A 51 13.52 3.94 -14.76
N ARG A 52 13.84 4.09 -16.02
CA ARG A 52 12.78 4.39 -17.02
C ARG A 52 11.61 3.41 -16.85
N SER A 53 11.91 2.16 -16.69
CA SER A 53 10.82 1.15 -16.52
C SER A 53 9.93 1.55 -15.33
N SER A 54 10.50 2.23 -14.37
CA SER A 54 9.71 2.65 -13.18
C SER A 54 8.49 3.46 -13.65
N ASP A 55 8.64 4.20 -14.71
CA ASP A 55 7.49 5.00 -15.21
C ASP A 55 6.25 4.11 -15.34
N GLN A 56 6.45 2.84 -15.58
CA GLN A 56 5.29 1.92 -15.72
C GLN A 56 4.60 1.76 -14.35
N GLN A 57 5.36 1.59 -13.31
CA GLN A 57 4.75 1.43 -11.95
C GLN A 57 3.90 2.66 -11.64
N GLN A 58 4.28 3.80 -12.15
CA GLN A 58 3.49 5.03 -11.86
C GLN A 58 2.02 4.79 -12.22
N ARG A 59 1.77 4.02 -13.25
CA ARG A 59 0.35 3.74 -13.65
C ARG A 59 -0.43 3.27 -12.43
N CYS A 60 0.18 2.48 -11.58
CA CYS A 60 -0.54 1.99 -10.37
C CYS A 60 -1.29 3.16 -9.74
N CYS A 61 -0.62 3.94 -8.94
CA CYS A 61 -1.29 5.10 -8.29
C CYS A 61 -2.20 5.79 -9.31
N ASP A 62 -1.73 5.96 -10.51
CA ASP A 62 -2.57 6.62 -11.55
C ASP A 62 -3.91 5.90 -11.64
N GLU A 63 -3.91 4.60 -11.51
CA GLU A 63 -5.19 3.85 -11.57
C GLU A 63 -6.01 4.18 -10.32
N LEU A 64 -5.40 4.11 -9.18
CA LEU A 64 -6.14 4.43 -7.92
C LEU A 64 -6.66 5.86 -8.00
N ASN A 65 -6.18 6.63 -8.96
CA ASN A 65 -6.66 8.03 -9.09
C ASN A 65 -8.11 8.02 -9.60
N GLU A 66 -8.49 7.01 -10.33
CA GLU A 66 -9.88 6.95 -10.84
C GLU A 66 -10.10 5.68 -11.67
N MET A 67 -9.06 5.11 -12.21
CA MET A 67 -9.23 3.88 -13.03
C MET A 67 -9.42 2.67 -12.10
N GLU A 68 -8.92 2.75 -10.90
CA GLU A 68 -9.06 1.61 -9.95
C GLU A 68 -10.45 1.63 -9.32
N ASN A 69 -11.28 2.57 -9.70
CA ASN A 69 -12.64 2.64 -9.12
C ASN A 69 -12.56 2.47 -7.60
N THR A 70 -11.83 3.33 -6.94
CA THR A 70 -11.70 3.21 -5.46
C THR A 70 -12.97 3.73 -4.79
N GLN A 71 -13.11 3.52 -3.50
CA GLN A 71 -14.33 4.00 -2.79
C GLN A 71 -13.94 4.50 -1.40
N GLY A 72 -13.13 3.76 -0.70
CA GLY A 72 -12.71 4.18 0.67
C GLY A 72 -11.83 3.11 1.29
N CYS A 73 -11.58 3.21 2.57
CA CYS A 73 -10.72 2.19 3.25
C CYS A 73 -9.29 2.28 2.70
N MET A 74 -8.85 3.47 2.38
CA MET A 74 -7.47 3.63 1.84
C MET A 74 -6.48 2.88 2.75
N CYS A 75 -6.48 3.20 4.01
CA CYS A 75 -5.54 2.50 4.95
C CYS A 75 -5.62 0.99 4.73
N GLU A 76 -6.80 0.45 4.70
CA GLU A 76 -6.93 -1.02 4.49
C GLU A 76 -6.37 -1.38 3.12
N ALA A 77 -6.19 -0.41 2.26
CA ALA A 77 -5.63 -0.70 0.91
C ALA A 77 -4.12 -0.86 1.02
N LEU A 78 -3.44 0.12 1.58
CA LEU A 78 -1.97 0.01 1.71
C LEU A 78 -1.65 -1.18 2.61
N GLN A 79 -2.38 -1.36 3.67
CA GLN A 79 -2.12 -2.50 4.58
C GLN A 79 -2.27 -3.81 3.81
N GLN A 80 -3.24 -3.89 2.94
CA GLN A 80 -3.43 -5.14 2.15
C GLN A 80 -2.19 -5.39 1.30
N ILE A 81 -1.66 -4.37 0.68
CA ILE A 81 -0.45 -4.56 -0.16
C ILE A 81 0.64 -5.25 0.68
N MET A 82 1.00 -4.67 1.79
CA MET A 82 2.05 -5.28 2.66
C MET A 82 1.71 -6.76 2.89
N GLU A 83 0.51 -7.04 3.28
CA GLU A 83 0.12 -8.45 3.54
C GLU A 83 0.07 -9.20 2.20
N ASN A 84 0.14 -8.48 1.10
CA ASN A 84 0.10 -9.14 -0.22
C ASN A 84 1.51 -9.57 -0.62
N GLN A 85 2.51 -8.96 -0.06
CA GLN A 85 3.91 -9.33 -0.40
C GLN A 85 4.87 -8.80 0.66
N CYS A 86 4.50 -8.90 1.92
CA CYS A 86 5.40 -8.40 3.00
C CYS A 86 6.41 -9.49 3.36
N ASP A 87 6.25 -10.67 2.81
CA ASP A 87 7.20 -11.77 3.13
C ASP A 87 8.63 -11.26 2.95
N ARG A 88 8.82 -10.23 2.17
CA ARG A 88 10.18 -9.68 1.95
C ARG A 88 10.62 -8.90 3.18
N LEU A 89 9.68 -8.43 3.96
CA LEU A 89 10.04 -7.65 5.18
C LEU A 89 10.82 -8.55 6.15
N GLN A 90 10.79 -9.83 5.93
CA GLN A 90 11.52 -10.76 6.85
C GLN A 90 12.89 -10.15 7.17
N ASP A 91 13.46 -9.41 6.26
CA ASP A 91 14.78 -8.79 6.51
C ASP A 91 14.61 -7.57 7.41
N ARG A 92 15.33 -7.50 8.50
CA ARG A 92 15.19 -6.33 9.42
C ARG A 92 15.71 -5.07 8.72
N GLN A 93 16.31 -5.21 7.57
CA GLN A 93 16.85 -4.02 6.85
C GLN A 93 15.76 -3.46 5.93
N MET A 94 15.08 -4.31 5.22
CA MET A 94 14.01 -3.82 4.29
C MET A 94 12.79 -3.38 5.11
N VAL A 95 12.35 -4.20 6.02
CA VAL A 95 11.16 -3.83 6.84
C VAL A 95 11.29 -2.37 7.29
N GLN A 96 12.47 -1.96 7.65
CA GLN A 96 12.66 -0.56 8.11
C GLN A 96 12.56 0.39 6.91
N GLN A 97 13.37 0.18 5.92
CA GLN A 97 13.32 1.07 4.71
C GLN A 97 11.92 1.03 4.11
N PHE A 98 11.31 -0.13 4.05
CA PHE A 98 9.95 -0.22 3.48
C PHE A 98 9.00 0.64 4.29
N LYS A 99 9.19 0.69 5.58
CA LYS A 99 8.30 1.54 6.43
C LYS A 99 8.48 3.00 6.04
N ARG A 100 9.70 3.41 5.85
CA ARG A 100 9.96 4.83 5.46
C ARG A 100 9.28 5.11 4.12
N GLU A 101 9.55 4.31 3.13
CA GLU A 101 8.91 4.54 1.81
C GLU A 101 7.40 4.44 1.96
N LEU A 102 6.93 3.52 2.76
CA LEU A 102 5.46 3.37 2.95
C LEU A 102 4.91 4.67 3.56
N MET A 103 5.76 5.43 4.20
CA MET A 103 5.28 6.71 4.80
C MET A 103 5.13 7.75 3.69
N SER A 104 5.99 7.70 2.69
CA SER A 104 5.89 8.67 1.58
C SER A 104 4.82 8.20 0.58
N LEU A 105 4.62 6.92 0.49
CA LEU A 105 3.59 6.39 -0.46
C LEU A 105 2.34 7.25 -0.40
N PRO A 106 1.82 7.48 0.82
CA PRO A 106 0.62 8.31 1.01
C PRO A 106 0.87 9.76 0.65
N GLN A 107 2.10 10.09 0.33
CA GLN A 107 2.43 11.48 -0.07
C GLN A 107 2.46 11.58 -1.58
N GLN A 108 3.13 10.66 -2.23
CA GLN A 108 3.19 10.70 -3.72
C GLN A 108 1.77 10.70 -4.29
N CYS A 109 0.87 10.00 -3.65
CA CYS A 109 -0.53 9.94 -4.15
C CYS A 109 -1.40 10.88 -3.30
N ASN A 110 -0.87 11.40 -2.23
CA ASN A 110 -1.67 12.32 -1.37
C ASN A 110 -2.89 11.56 -0.82
N PHE A 111 -2.69 10.34 -0.39
CA PHE A 111 -3.84 9.56 0.14
C PHE A 111 -4.42 10.28 1.36
N ARG A 112 -3.64 11.08 2.04
CA ARG A 112 -4.14 11.81 3.22
C ARG A 112 -5.20 12.83 2.77
N ALA A 113 -6.20 13.06 3.57
CA ALA A 113 -7.25 14.05 3.19
C ALA A 113 -8.24 14.20 4.34
N PRO A 114 -8.92 13.12 4.71
CA PRO A 114 -9.91 13.13 5.80
C PRO A 114 -9.24 13.31 7.17
N GLN A 115 -9.90 13.97 8.08
CA GLN A 115 -9.29 14.18 9.43
C GLN A 115 -8.81 12.83 9.98
N ARG A 116 -9.58 11.80 9.80
CA ARG A 116 -9.18 10.46 10.32
C ARG A 116 -9.28 9.43 9.19
N CYS A 117 -8.45 8.42 9.21
CA CYS A 117 -8.51 7.39 8.15
C CYS A 117 -9.51 6.30 8.54
N ASP A 118 -9.26 5.61 9.62
CA ASP A 118 -10.20 4.53 10.05
C ASP A 118 -9.92 4.17 11.51
N LEU A 119 -10.86 3.54 12.17
CA LEU A 119 -10.65 3.17 13.59
C LEU A 119 -9.36 2.36 13.72
N ASP A 120 -9.09 1.50 12.76
CA ASP A 120 -7.84 0.68 12.83
C ASP A 120 -7.81 -0.08 14.16
N VAL A 121 -8.89 -0.68 14.54
CA VAL A 121 -8.92 -1.43 15.83
C VAL A 121 -7.85 -2.54 15.80
N SER A 122 -7.62 -3.12 14.65
CA SER A 122 -6.59 -4.20 14.56
C SER A 122 -5.61 -3.87 13.43
N GLY A 123 -4.36 -4.16 13.62
CA GLY A 123 -3.37 -3.88 12.56
C GLY A 123 -3.29 -5.06 11.59
N GLY A 124 -2.41 -5.00 10.63
CA GLY A 124 -2.29 -6.13 9.65
C GLY A 124 -1.66 -7.33 10.35
N ARG A 125 -2.10 -8.52 10.04
CA ARG A 125 -1.52 -9.73 10.67
C ARG A 125 -0.05 -9.85 10.30
N CYS A 126 0.30 -9.55 9.08
CA CYS A 126 1.73 -9.64 8.66
C CYS A 126 2.57 -8.73 9.55
N SER A 127 2.00 -7.68 10.07
CA SER A 127 2.77 -6.75 10.94
C SER A 127 2.30 -6.91 12.38
N GLY A 1 -29.21 16.51 6.96
CA GLY A 1 -30.48 17.28 6.89
C GLY A 1 -30.98 17.31 5.44
N PRO A 2 -30.74 18.42 4.74
CA PRO A 2 -31.17 18.58 3.34
C PRO A 2 -30.37 17.68 2.40
N MET A 3 -30.98 17.20 1.35
CA MET A 3 -30.25 16.32 0.40
C MET A 3 -29.59 15.17 1.17
N ARG A 4 -30.17 14.77 2.26
CA ARG A 4 -29.58 13.64 3.05
C ARG A 4 -29.35 12.44 2.14
N ARG A 5 -30.29 12.17 1.26
CA ARG A 5 -30.13 11.00 0.34
C ARG A 5 -30.47 11.43 -1.08
N GLU A 6 -29.73 10.96 -2.05
CA GLU A 6 -30.02 11.33 -3.47
C GLU A 6 -30.79 10.21 -4.15
N ARG A 7 -31.74 10.55 -4.98
CA ARG A 7 -32.53 9.50 -5.67
C ARG A 7 -31.57 8.55 -6.41
N GLY A 8 -30.52 9.07 -6.96
CA GLY A 8 -29.55 8.19 -7.69
C GLY A 8 -28.77 7.36 -6.69
N ARG A 9 -27.79 6.61 -7.15
CA ARG A 9 -26.99 5.77 -6.22
C ARG A 9 -25.51 6.15 -6.33
N GLN A 10 -24.82 6.17 -5.23
CA GLN A 10 -23.37 6.53 -5.28
C GLN A 10 -22.62 5.49 -6.11
N GLY A 11 -23.03 4.26 -6.05
CA GLY A 11 -22.33 3.20 -6.84
C GLY A 11 -21.29 2.52 -5.96
N ASP A 12 -21.19 2.91 -4.72
CA ASP A 12 -20.19 2.28 -3.81
C ASP A 12 -20.64 0.86 -3.46
N SER A 13 -19.72 -0.05 -3.31
CA SER A 13 -20.10 -1.46 -2.97
C SER A 13 -20.71 -1.48 -1.57
N SER A 14 -21.36 -2.55 -1.22
CA SER A 14 -21.99 -2.64 0.13
C SER A 14 -20.91 -2.51 1.20
N SER A 15 -19.77 -3.12 0.99
CA SER A 15 -18.68 -3.04 2.00
C SER A 15 -17.46 -2.37 1.37
N CYS A 16 -16.98 -1.30 1.96
CA CYS A 16 -15.79 -0.60 1.39
C CYS A 16 -14.65 -1.59 1.25
N GLU A 17 -14.48 -2.49 2.19
CA GLU A 17 -13.39 -3.49 2.10
C GLU A 17 -13.36 -4.09 0.70
N ARG A 18 -14.49 -4.20 0.06
CA ARG A 18 -14.52 -4.77 -1.31
C ARG A 18 -13.63 -3.95 -2.23
N GLN A 19 -13.36 -2.73 -1.88
CA GLN A 19 -12.49 -1.88 -2.74
C GLN A 19 -11.04 -2.33 -2.56
N VAL A 20 -10.70 -2.82 -1.40
CA VAL A 20 -9.31 -3.28 -1.16
C VAL A 20 -8.97 -4.40 -2.16
N ASP A 21 -9.88 -5.30 -2.38
CA ASP A 21 -9.60 -6.40 -3.36
C ASP A 21 -9.03 -5.81 -4.64
N ARG A 22 -9.32 -4.56 -4.90
CA ARG A 22 -8.81 -3.92 -6.15
C ARG A 22 -7.43 -3.31 -5.88
N VAL A 23 -7.09 -3.14 -4.63
CA VAL A 23 -5.76 -2.54 -4.29
C VAL A 23 -4.64 -3.47 -4.78
N ASN A 24 -4.97 -4.70 -5.08
CA ASN A 24 -3.92 -5.64 -5.57
C ASN A 24 -3.04 -4.94 -6.60
N LEU A 25 -1.75 -5.00 -6.44
CA LEU A 25 -0.85 -4.34 -7.43
C LEU A 25 0.59 -4.84 -7.23
N LYS A 26 0.98 -5.82 -8.00
CA LYS A 26 2.35 -6.37 -7.87
C LYS A 26 3.40 -5.30 -8.21
N PRO A 27 3.13 -4.45 -9.22
CA PRO A 27 4.07 -3.39 -9.63
C PRO A 27 4.25 -2.34 -8.53
N CYS A 28 3.24 -2.06 -7.77
CA CYS A 28 3.38 -1.04 -6.68
C CYS A 28 4.25 -1.62 -5.58
N GLU A 29 3.84 -2.72 -5.01
CA GLU A 29 4.65 -3.34 -3.93
C GLU A 29 6.09 -3.46 -4.43
N GLN A 30 6.27 -3.73 -5.69
CA GLN A 30 7.64 -3.86 -6.25
C GLN A 30 8.28 -2.47 -6.34
N HIS A 31 7.48 -1.44 -6.33
CA HIS A 31 8.04 -0.06 -6.41
C HIS A 31 8.67 0.27 -5.05
N ILE A 32 8.13 -0.31 -4.01
CA ILE A 32 8.68 -0.05 -2.66
C ILE A 32 9.75 -1.10 -2.34
N MET A 33 9.47 -2.34 -2.62
CA MET A 33 10.47 -3.42 -2.34
C MET A 33 11.75 -3.15 -3.13
N GLN A 34 11.61 -2.85 -4.40
CA GLN A 34 12.81 -2.58 -5.23
C GLN A 34 13.49 -1.29 -4.76
N ARG A 35 12.72 -0.26 -4.53
CA ARG A 35 13.32 1.03 -4.07
C ARG A 35 14.03 0.82 -2.72
N ILE A 36 13.29 0.47 -1.71
CA ILE A 36 13.90 0.25 -0.37
C ILE A 36 15.03 -0.77 -0.49
N MET A 37 14.97 -1.64 -1.47
CA MET A 37 16.05 -2.65 -1.63
C MET A 37 17.07 -2.15 -2.64
N GLY A 38 17.05 -0.88 -2.95
CA GLY A 38 18.03 -0.33 -3.93
C GLY A 38 19.45 -0.56 -3.42
N GLU A 39 19.62 -0.62 -2.13
CA GLU A 39 20.99 -0.84 -1.57
C GLU A 39 21.36 -2.32 -1.71
N GLN A 40 20.38 -3.18 -1.78
CA GLN A 40 20.68 -4.64 -1.92
C GLN A 40 20.45 -5.06 -3.37
N GLU A 41 20.09 -4.15 -4.23
CA GLU A 41 19.85 -4.51 -5.65
C GLU A 41 20.98 -3.94 -6.52
N GLN A 42 21.46 -4.71 -7.46
CA GLN A 42 22.56 -4.22 -8.33
C GLN A 42 22.03 -4.00 -9.75
N TYR A 43 22.57 -3.04 -10.45
CA TYR A 43 22.10 -2.77 -11.83
C TYR A 43 22.45 -3.95 -12.74
N ASP A 44 23.46 -4.71 -12.36
CA ASP A 44 23.86 -5.87 -13.21
C ASP A 44 22.69 -6.84 -13.34
N SER A 45 21.87 -6.96 -12.32
CA SER A 45 20.71 -7.88 -12.38
C SER A 45 19.75 -7.42 -13.49
N TYR A 46 19.58 -6.14 -13.64
CA TYR A 46 18.66 -5.63 -14.70
C TYR A 46 19.20 -6.03 -16.07
N ASP A 47 20.49 -6.04 -16.24
CA ASP A 47 21.07 -6.43 -17.56
C ASP A 47 20.56 -7.81 -17.95
N ILE A 48 20.50 -8.72 -17.02
CA ILE A 48 20.01 -10.09 -17.35
C ILE A 48 18.60 -10.01 -17.94
N ARG A 49 17.71 -9.33 -17.28
CA ARG A 49 16.32 -9.21 -17.80
C ARG A 49 15.84 -7.76 -17.68
N SER A 50 15.03 -7.32 -18.60
CA SER A 50 14.53 -5.91 -18.53
C SER A 50 13.51 -5.79 -17.41
N THR A 51 13.28 -4.59 -16.94
CA THR A 51 12.29 -4.40 -15.84
C THR A 51 11.22 -3.40 -16.28
N ARG A 52 10.08 -3.43 -15.64
CA ARG A 52 8.99 -2.48 -16.03
C ARG A 52 9.45 -1.05 -15.77
N SER A 53 9.08 -0.13 -16.61
CA SER A 53 9.49 1.29 -16.41
C SER A 53 8.93 1.81 -15.09
N SER A 54 9.62 2.69 -14.44
CA SER A 54 9.13 3.24 -13.14
C SER A 54 7.85 4.04 -13.39
N ASP A 55 7.66 4.51 -14.60
CA ASP A 55 6.43 5.30 -14.89
C ASP A 55 5.20 4.42 -14.68
N GLN A 56 5.34 3.14 -14.82
CA GLN A 56 4.18 2.23 -14.62
C GLN A 56 3.66 2.36 -13.18
N GLN A 57 4.54 2.43 -12.23
CA GLN A 57 4.10 2.56 -10.81
C GLN A 57 3.16 3.75 -10.68
N GLN A 58 3.45 4.83 -11.37
CA GLN A 58 2.57 6.02 -11.28
C GLN A 58 1.11 5.60 -11.54
N ARG A 59 0.92 4.49 -12.19
CA ARG A 59 -0.46 4.02 -12.47
C ARG A 59 -1.22 3.83 -11.16
N CYS A 60 -0.56 3.31 -10.16
CA CYS A 60 -1.25 3.12 -8.85
C CYS A 60 -2.08 4.35 -8.53
N CYS A 61 -1.47 5.35 -7.97
CA CYS A 61 -2.21 6.59 -7.64
C CYS A 61 -3.15 6.94 -8.79
N ASP A 62 -2.69 6.81 -10.00
CA ASP A 62 -3.55 7.13 -11.17
C ASP A 62 -4.85 6.32 -11.08
N GLU A 63 -4.77 5.10 -10.63
CA GLU A 63 -6.00 4.28 -10.50
C GLU A 63 -6.87 4.85 -9.39
N LEU A 64 -6.31 5.06 -8.24
CA LEU A 64 -7.11 5.63 -7.11
C LEU A 64 -7.63 7.01 -7.50
N ASN A 65 -7.11 7.57 -8.56
CA ASN A 65 -7.58 8.91 -9.00
C ASN A 65 -8.95 8.78 -9.65
N GLU A 66 -9.23 7.64 -10.22
CA GLU A 66 -10.57 7.45 -10.88
C GLU A 66 -11.55 6.90 -9.85
N MET A 67 -11.11 6.00 -9.01
CA MET A 67 -12.03 5.42 -7.99
C MET A 67 -12.17 6.41 -6.81
N GLU A 68 -12.56 7.62 -7.09
CA GLU A 68 -12.72 8.62 -6.00
C GLU A 68 -13.45 7.96 -4.81
N ASN A 69 -14.22 6.96 -5.07
CA ASN A 69 -14.96 6.29 -3.96
C ASN A 69 -13.96 5.81 -2.90
N THR A 70 -12.71 5.74 -3.24
CA THR A 70 -11.69 5.29 -2.25
C THR A 70 -11.71 6.21 -1.03
N GLN A 71 -11.45 5.68 0.13
CA GLN A 71 -11.44 6.53 1.36
C GLN A 71 -10.53 5.90 2.41
N GLY A 72 -10.92 5.95 3.66
CA GLY A 72 -10.06 5.35 4.72
C GLY A 72 -9.55 3.99 4.25
N CYS A 73 -10.37 3.23 3.60
CA CYS A 73 -9.94 1.88 3.12
C CYS A 73 -8.53 1.99 2.53
N MET A 74 -8.22 3.10 1.90
CA MET A 74 -6.86 3.25 1.30
C MET A 74 -5.81 2.75 2.29
N CYS A 75 -5.83 3.23 3.50
CA CYS A 75 -4.83 2.77 4.50
C CYS A 75 -4.75 1.25 4.47
N GLU A 76 -5.88 0.59 4.52
CA GLU A 76 -5.87 -0.90 4.49
C GLU A 76 -5.30 -1.37 3.15
N ALA A 77 -5.24 -0.49 2.19
CA ALA A 77 -4.69 -0.88 0.86
C ALA A 77 -3.16 -0.93 0.94
N LEU A 78 -2.56 0.11 1.42
CA LEU A 78 -1.07 0.13 1.52
C LEU A 78 -0.63 -0.95 2.52
N GLN A 79 -1.35 -1.10 3.59
CA GLN A 79 -0.99 -2.14 4.60
C GLN A 79 -1.07 -3.51 3.94
N GLN A 80 -2.03 -3.72 3.09
CA GLN A 80 -2.17 -5.04 2.41
C GLN A 80 -0.89 -5.31 1.62
N ILE A 81 -0.42 -4.34 0.88
CA ILE A 81 0.83 -4.55 0.09
C ILE A 81 1.92 -5.06 1.03
N MET A 82 2.17 -4.38 2.11
CA MET A 82 3.22 -4.84 3.06
C MET A 82 3.06 -6.34 3.28
N GLU A 83 1.88 -6.78 3.59
CA GLU A 83 1.66 -8.23 3.81
C GLU A 83 1.80 -8.98 2.49
N ASN A 84 1.26 -8.43 1.44
CA ASN A 84 1.39 -9.11 0.11
C ASN A 84 2.83 -9.58 -0.07
N GLN A 85 3.75 -8.93 0.57
CA GLN A 85 5.19 -9.35 0.44
C GLN A 85 5.67 -9.88 1.79
N CYS A 86 5.08 -9.43 2.86
CA CYS A 86 5.51 -9.92 4.21
C CYS A 86 4.74 -9.18 5.30
N ASP A 87 3.70 -9.78 5.80
CA ASP A 87 2.89 -9.11 6.87
C ASP A 87 3.78 -8.90 8.11
N ARG A 88 4.61 -9.86 8.42
CA ARG A 88 5.49 -9.73 9.60
C ARG A 88 6.95 -9.58 9.13
N LEU A 89 7.24 -8.53 8.42
CA LEU A 89 8.63 -8.34 7.92
C LEU A 89 9.62 -8.60 9.07
N GLN A 90 9.19 -8.44 10.29
CA GLN A 90 10.10 -8.69 11.44
C GLN A 90 11.05 -7.50 11.59
N ASP A 91 10.82 -6.66 12.55
CA ASP A 91 11.70 -5.48 12.75
C ASP A 91 13.16 -5.90 12.55
N ARG A 92 13.68 -5.68 11.37
CA ARG A 92 15.10 -6.06 11.10
C ARG A 92 15.81 -4.91 10.39
N GLN A 93 15.50 -4.68 9.15
CA GLN A 93 16.16 -3.57 8.41
C GLN A 93 15.31 -3.18 7.20
N MET A 94 14.76 -4.13 6.51
CA MET A 94 13.91 -3.81 5.32
C MET A 94 12.55 -3.29 5.78
N VAL A 95 11.94 -3.97 6.71
CA VAL A 95 10.60 -3.51 7.21
C VAL A 95 10.65 -2.02 7.53
N GLN A 96 11.81 -1.49 7.81
CA GLN A 96 11.91 -0.04 8.12
C GLN A 96 11.76 0.77 6.84
N GLN A 97 12.82 0.92 6.09
CA GLN A 97 12.74 1.71 4.83
C GLN A 97 11.40 1.41 4.15
N PHE A 98 10.99 0.17 4.15
CA PHE A 98 9.70 -0.18 3.50
C PHE A 98 8.59 0.69 4.09
N LYS A 99 8.47 0.72 5.38
CA LYS A 99 7.42 1.56 6.01
C LYS A 99 7.70 3.03 5.69
N ARG A 100 8.95 3.37 5.49
CA ARG A 100 9.28 4.79 5.17
C ARG A 100 8.80 5.10 3.75
N GLU A 101 9.15 4.28 2.80
CA GLU A 101 8.68 4.53 1.41
C GLU A 101 7.17 4.31 1.37
N LEU A 102 6.71 3.27 2.01
CA LEU A 102 5.26 3.00 2.04
C LEU A 102 4.53 4.21 2.61
N MET A 103 5.07 4.80 3.65
CA MET A 103 4.41 5.99 4.26
C MET A 103 4.18 7.04 3.18
N SER A 104 5.02 7.07 2.18
CA SER A 104 4.85 8.07 1.09
C SER A 104 3.80 7.57 0.09
N LEU A 105 3.66 6.28 -0.04
CA LEU A 105 2.66 5.72 -0.99
C LEU A 105 1.33 6.46 -0.83
N PRO A 106 0.85 6.63 0.40
CA PRO A 106 -0.42 7.33 0.67
C PRO A 106 -0.32 8.80 0.32
N GLN A 107 0.87 9.27 0.03
CA GLN A 107 1.04 10.70 -0.34
C GLN A 107 0.87 10.85 -1.85
N GLN A 108 1.48 9.98 -2.62
CA GLN A 108 1.35 10.07 -4.10
C GLN A 108 -0.05 10.55 -4.48
N CYS A 109 -1.03 10.23 -3.69
CA CYS A 109 -2.42 10.67 -4.01
C CYS A 109 -2.83 11.82 -3.08
N ASN A 110 -2.17 11.97 -1.97
CA ASN A 110 -2.51 13.06 -1.03
C ASN A 110 -3.93 12.83 -0.49
N PHE A 111 -4.28 11.61 -0.21
CA PHE A 111 -5.65 11.32 0.31
C PHE A 111 -5.69 11.64 1.80
N ARG A 112 -5.37 12.85 2.16
CA ARG A 112 -5.38 13.23 3.61
C ARG A 112 -6.81 13.17 4.15
N ALA A 113 -7.78 12.98 3.29
CA ALA A 113 -9.19 12.91 3.76
C ALA A 113 -9.26 12.07 5.04
N PRO A 114 -9.06 10.75 4.92
CA PRO A 114 -9.09 9.84 6.07
C PRO A 114 -7.90 10.06 7.01
N GLN A 115 -8.11 10.72 8.11
CA GLN A 115 -6.99 10.97 9.06
C GLN A 115 -6.61 9.66 9.75
N ARG A 116 -7.57 8.82 10.02
CA ARG A 116 -7.27 7.53 10.70
C ARG A 116 -7.93 6.39 9.94
N CYS A 117 -7.41 5.20 10.06
CA CYS A 117 -8.01 4.03 9.34
C CYS A 117 -7.97 2.80 10.23
N ASP A 118 -8.72 1.79 9.90
CA ASP A 118 -8.72 0.54 10.73
C ASP A 118 -8.77 -0.68 9.82
N LEU A 119 -8.27 -1.79 10.27
CA LEU A 119 -8.29 -3.01 9.42
C LEU A 119 -9.22 -4.06 10.05
N ASP A 120 -9.97 -4.75 9.25
CA ASP A 120 -10.90 -5.78 9.80
C ASP A 120 -10.11 -6.79 10.63
N VAL A 121 -8.95 -7.20 10.15
CA VAL A 121 -8.13 -8.17 10.92
C VAL A 121 -6.95 -8.62 10.05
N SER A 122 -5.78 -8.08 10.31
CA SER A 122 -4.59 -8.48 9.51
C SER A 122 -4.27 -9.96 9.76
N GLY A 123 -3.60 -10.60 8.84
CA GLY A 123 -3.26 -12.03 9.03
C GLY A 123 -2.14 -12.42 8.06
N GLY A 124 -1.78 -13.68 8.03
CA GLY A 124 -0.71 -14.11 7.11
C GLY A 124 0.66 -13.77 7.71
N ARG A 125 1.54 -14.73 7.80
CA ARG A 125 2.89 -14.46 8.37
C ARG A 125 3.63 -13.46 7.48
N CYS A 126 3.97 -13.86 6.28
CA CYS A 126 4.69 -12.93 5.37
C CYS A 126 3.92 -12.82 4.05
N SER A 127 2.63 -13.03 4.08
CA SER A 127 1.83 -12.94 2.84
C SER A 127 0.43 -12.42 3.17
N GLY A 1 -15.56 -24.07 -1.83
CA GLY A 1 -15.78 -24.70 -3.16
C GLY A 1 -17.14 -24.26 -3.72
N PRO A 2 -17.34 -24.46 -5.04
CA PRO A 2 -18.60 -24.08 -5.70
C PRO A 2 -19.77 -24.98 -5.27
N MET A 3 -19.47 -26.13 -4.73
CA MET A 3 -20.57 -27.04 -4.28
C MET A 3 -21.43 -26.34 -3.24
N ARG A 4 -20.85 -25.49 -2.45
CA ARG A 4 -21.64 -24.77 -1.41
C ARG A 4 -22.77 -23.98 -2.08
N ARG A 5 -22.52 -23.45 -3.25
CA ARG A 5 -23.58 -22.67 -3.95
C ARG A 5 -23.82 -23.28 -5.33
N GLU A 6 -25.05 -23.51 -5.68
CA GLU A 6 -25.36 -24.10 -7.01
C GLU A 6 -24.94 -23.11 -8.11
N ARG A 7 -25.13 -21.84 -7.88
CA ARG A 7 -24.75 -20.83 -8.91
C ARG A 7 -23.99 -19.68 -8.24
N GLY A 8 -23.14 -19.01 -8.98
CA GLY A 8 -22.36 -17.88 -8.38
C GLY A 8 -23.33 -16.82 -7.87
N ARG A 9 -23.02 -16.21 -6.76
CA ARG A 9 -23.92 -15.15 -6.22
C ARG A 9 -23.13 -13.85 -6.02
N GLN A 10 -23.81 -12.74 -6.09
CA GLN A 10 -23.09 -11.43 -5.92
C GLN A 10 -23.44 -10.84 -4.55
N GLY A 11 -22.56 -10.05 -3.99
CA GLY A 11 -22.84 -9.45 -2.66
C GLY A 11 -23.97 -8.43 -2.79
N ASP A 12 -24.85 -8.37 -1.83
CA ASP A 12 -25.98 -7.40 -1.89
C ASP A 12 -25.42 -5.97 -1.93
N SER A 13 -24.38 -5.72 -1.17
CA SER A 13 -23.79 -4.36 -1.15
C SER A 13 -22.26 -4.46 -1.22
N SER A 14 -21.62 -3.40 -1.65
CA SER A 14 -20.13 -3.44 -1.73
C SER A 14 -19.53 -3.02 -0.39
N SER A 15 -18.27 -3.29 -0.18
CA SER A 15 -17.63 -2.92 1.11
C SER A 15 -16.14 -2.63 0.88
N CYS A 16 -15.48 -2.08 1.85
CA CYS A 16 -14.03 -1.79 1.69
C CYS A 16 -13.27 -3.08 1.46
N GLU A 17 -13.37 -4.02 2.37
CA GLU A 17 -12.66 -5.31 2.20
C GLU A 17 -12.89 -5.85 0.78
N ARG A 18 -13.98 -5.47 0.17
CA ARG A 18 -14.25 -5.96 -1.22
C ARG A 18 -13.35 -5.23 -2.20
N GLN A 19 -12.88 -4.07 -1.84
CA GLN A 19 -11.97 -3.33 -2.77
C GLN A 19 -10.61 -4.01 -2.77
N VAL A 20 -10.25 -4.62 -1.67
CA VAL A 20 -8.93 -5.32 -1.60
C VAL A 20 -8.84 -6.30 -2.77
N ASP A 21 -9.90 -7.00 -3.06
CA ASP A 21 -9.85 -7.96 -4.20
C ASP A 21 -9.36 -7.23 -5.44
N ARG A 22 -9.46 -5.93 -5.46
CA ARG A 22 -8.99 -5.16 -6.65
C ARG A 22 -8.13 -3.99 -6.19
N VAL A 23 -7.26 -4.22 -5.24
CA VAL A 23 -6.39 -3.11 -4.74
C VAL A 23 -5.13 -3.03 -5.61
N ASN A 24 -4.89 -4.01 -6.43
CA ASN A 24 -3.67 -3.98 -7.28
C ASN A 24 -2.46 -3.65 -6.40
N LEU A 25 -1.76 -4.65 -5.95
CA LEU A 25 -0.58 -4.39 -5.08
C LEU A 25 0.72 -4.54 -5.88
N LYS A 26 0.82 -5.54 -6.71
CA LYS A 26 2.06 -5.74 -7.51
C LYS A 26 2.60 -4.40 -8.02
N PRO A 27 1.74 -3.54 -8.58
CA PRO A 27 2.18 -2.23 -9.12
C PRO A 27 2.73 -1.31 -8.04
N CYS A 28 1.98 -1.02 -7.02
CA CYS A 28 2.49 -0.12 -5.95
C CYS A 28 3.54 -0.86 -5.11
N GLU A 29 3.15 -1.95 -4.50
CA GLU A 29 4.13 -2.71 -3.67
C GLU A 29 5.47 -2.84 -4.41
N GLN A 30 5.43 -3.14 -5.68
CA GLN A 30 6.70 -3.28 -6.44
C GLN A 30 7.45 -1.94 -6.47
N HIS A 31 6.75 -0.84 -6.48
CA HIS A 31 7.44 0.47 -6.51
C HIS A 31 8.07 0.74 -5.14
N ILE A 32 7.62 0.06 -4.13
CA ILE A 32 8.20 0.27 -2.78
C ILE A 32 9.14 -0.88 -2.41
N MET A 33 8.72 -2.09 -2.62
CA MET A 33 9.60 -3.24 -2.29
C MET A 33 10.86 -3.19 -3.15
N GLN A 34 10.70 -2.93 -4.42
CA GLN A 34 11.89 -2.87 -5.31
C GLN A 34 12.72 -1.62 -4.98
N ARG A 35 12.08 -0.49 -4.78
CA ARG A 35 12.84 0.74 -4.45
C ARG A 35 13.76 0.48 -3.27
N ILE A 36 13.21 0.22 -2.12
CA ILE A 36 14.06 -0.03 -0.91
C ILE A 36 15.24 -0.93 -1.30
N MET A 37 15.04 -1.81 -2.24
CA MET A 37 16.15 -2.71 -2.65
C MET A 37 17.09 -1.97 -3.61
N GLY A 38 16.56 -1.03 -4.35
CA GLY A 38 17.43 -0.28 -5.31
C GLY A 38 18.10 0.89 -4.58
N GLU A 39 18.07 0.88 -3.28
CA GLU A 39 18.72 1.99 -2.50
C GLU A 39 20.23 1.77 -2.48
N GLN A 40 20.66 0.53 -2.57
CA GLN A 40 22.12 0.25 -2.54
C GLN A 40 22.79 0.93 -3.74
N GLU A 41 22.14 0.93 -4.88
CA GLU A 41 22.73 1.57 -6.08
C GLU A 41 21.85 2.74 -6.52
N GLN A 42 22.41 3.66 -7.26
CA GLN A 42 21.60 4.83 -7.72
C GLN A 42 21.30 4.69 -9.21
N TYR A 43 20.06 4.88 -9.59
CA TYR A 43 19.71 4.75 -11.03
C TYR A 43 20.42 5.83 -11.83
N ASP A 44 20.88 6.87 -11.18
CA ASP A 44 21.59 7.96 -11.91
C ASP A 44 20.65 8.58 -12.95
N SER A 45 19.44 8.90 -12.54
CA SER A 45 18.48 9.51 -13.50
C SER A 45 18.18 10.95 -13.07
N TYR A 46 17.84 11.80 -14.00
CA TYR A 46 17.55 13.22 -13.65
C TYR A 46 16.07 13.50 -13.90
N ASP A 47 15.48 14.37 -13.12
CA ASP A 47 14.04 14.69 -13.32
C ASP A 47 13.80 15.14 -14.75
N ILE A 48 14.78 15.78 -15.35
CA ILE A 48 14.60 16.25 -16.76
C ILE A 48 14.26 15.06 -17.65
N ARG A 49 14.85 13.92 -17.40
CA ARG A 49 14.56 12.73 -18.23
C ARG A 49 14.19 11.55 -17.33
N SER A 50 13.10 10.89 -17.62
CA SER A 50 12.70 9.73 -16.77
C SER A 50 12.67 8.46 -17.62
N THR A 51 12.92 7.32 -17.02
CA THR A 51 12.91 6.05 -17.80
C THR A 51 11.46 5.61 -18.03
N ARG A 52 11.22 4.86 -19.07
CA ARG A 52 9.83 4.40 -19.35
C ARG A 52 9.40 3.41 -18.26
N SER A 53 10.32 2.63 -17.77
CA SER A 53 9.96 1.64 -16.71
C SER A 53 9.45 2.38 -15.47
N SER A 54 9.94 3.58 -15.24
CA SER A 54 9.47 4.35 -14.06
C SER A 54 8.03 4.80 -14.28
N ASP A 55 7.61 4.88 -15.50
CA ASP A 55 6.21 5.32 -15.78
C ASP A 55 5.24 4.21 -15.37
N GLN A 56 5.72 3.00 -15.25
CA GLN A 56 4.82 1.88 -14.84
C GLN A 56 4.42 2.05 -13.37
N GLN A 57 5.38 2.28 -12.51
CA GLN A 57 5.06 2.46 -11.06
C GLN A 57 4.19 3.72 -10.89
N GLN A 58 4.50 4.76 -11.61
CA GLN A 58 3.71 6.01 -11.49
C GLN A 58 2.23 5.72 -11.78
N ARG A 59 1.95 4.60 -12.41
CA ARG A 59 0.54 4.26 -12.72
C ARG A 59 -0.22 4.01 -11.42
N CYS A 60 0.37 3.29 -10.51
CA CYS A 60 -0.32 3.01 -9.22
C CYS A 60 -1.01 4.29 -8.74
N CYS A 61 -0.28 5.16 -8.12
CA CYS A 61 -0.89 6.44 -7.64
C CYS A 61 -1.84 6.97 -8.70
N ASP A 62 -1.42 6.97 -9.94
CA ASP A 62 -2.30 7.47 -11.03
C ASP A 62 -3.64 6.74 -10.99
N GLU A 63 -3.62 5.46 -10.75
CA GLU A 63 -4.90 4.71 -10.67
C GLU A 63 -5.66 5.17 -9.44
N LEU A 64 -5.00 5.21 -8.31
CA LEU A 64 -5.68 5.67 -7.06
C LEU A 64 -6.23 7.07 -7.28
N ASN A 65 -5.82 7.73 -8.35
CA ASN A 65 -6.33 9.10 -8.62
C ASN A 65 -7.79 9.02 -9.06
N GLU A 66 -8.19 7.92 -9.63
CA GLU A 66 -9.60 7.78 -10.09
C GLU A 66 -9.84 6.39 -10.68
N MET A 67 -8.82 5.77 -11.19
CA MET A 67 -9.00 4.41 -11.78
C MET A 67 -9.31 3.39 -10.68
N GLU A 68 -8.69 3.54 -9.54
CA GLU A 68 -8.95 2.58 -8.43
C GLU A 68 -10.27 2.93 -7.74
N ASN A 69 -10.97 3.92 -8.24
CA ASN A 69 -12.26 4.31 -7.60
C ASN A 69 -12.08 4.33 -6.08
N THR A 70 -10.90 4.70 -5.62
CA THR A 70 -10.66 4.74 -4.16
C THR A 70 -11.88 5.29 -3.43
N GLN A 71 -12.24 4.72 -2.32
CA GLN A 71 -13.43 5.22 -1.57
C GLN A 71 -12.96 5.89 -0.27
N GLY A 72 -11.74 5.67 0.12
CA GLY A 72 -11.22 6.30 1.37
C GLY A 72 -10.69 5.22 2.30
N CYS A 73 -10.77 3.97 1.90
CA CYS A 73 -10.27 2.86 2.77
C CYS A 73 -8.83 2.54 2.39
N MET A 74 -8.07 3.52 1.98
CA MET A 74 -6.66 3.27 1.61
C MET A 74 -5.99 2.43 2.69
N CYS A 75 -6.19 2.78 3.94
CA CYS A 75 -5.57 1.99 5.04
C CYS A 75 -5.74 0.50 4.76
N GLU A 76 -6.96 0.07 4.54
CA GLU A 76 -7.19 -1.38 4.26
C GLU A 76 -6.43 -1.75 2.98
N ALA A 77 -6.18 -0.80 2.14
CA ALA A 77 -5.44 -1.09 0.89
C ALA A 77 -3.95 -1.18 1.21
N LEU A 78 -3.39 -0.15 1.77
CA LEU A 78 -1.95 -0.19 2.12
C LEU A 78 -1.72 -1.34 3.09
N GLN A 79 -2.52 -1.43 4.13
CA GLN A 79 -2.36 -2.54 5.11
C GLN A 79 -2.33 -3.87 4.36
N GLN A 80 -3.16 -4.02 3.37
CA GLN A 80 -3.17 -5.30 2.60
C GLN A 80 -1.82 -5.48 1.91
N ILE A 81 -1.36 -4.48 1.20
CA ILE A 81 -0.04 -4.61 0.52
C ILE A 81 0.96 -5.24 1.48
N MET A 82 1.27 -4.57 2.55
CA MET A 82 2.23 -5.12 3.54
C MET A 82 1.98 -6.61 3.73
N GLU A 83 0.79 -6.98 4.07
CA GLU A 83 0.48 -8.42 4.28
C GLU A 83 0.55 -9.16 2.94
N ASN A 84 0.16 -8.52 1.87
CA ASN A 84 0.21 -9.18 0.55
C ASN A 84 1.62 -9.74 0.32
N GLN A 85 2.60 -9.18 0.98
CA GLN A 85 3.99 -9.68 0.81
C GLN A 85 4.68 -9.73 2.18
N CYS A 86 3.95 -9.49 3.24
CA CYS A 86 4.57 -9.52 4.60
C CYS A 86 3.68 -8.74 5.58
N ASP A 87 2.84 -9.43 6.30
CA ASP A 87 1.96 -8.73 7.27
C ASP A 87 2.82 -8.01 8.32
N ARG A 88 3.84 -8.66 8.83
CA ARG A 88 4.70 -8.01 9.85
C ARG A 88 6.16 -8.39 9.60
N LEU A 89 6.75 -7.86 8.57
CA LEU A 89 8.18 -8.20 8.28
C LEU A 89 9.10 -7.35 9.16
N GLN A 90 8.55 -6.65 10.11
CA GLN A 90 9.39 -5.80 11.00
C GLN A 90 10.67 -6.54 11.37
N ASP A 91 10.64 -7.85 11.38
CA ASP A 91 11.85 -8.63 11.73
C ASP A 91 12.99 -8.27 10.77
N ARG A 92 12.70 -8.16 9.50
CA ARG A 92 13.77 -7.82 8.52
C ARG A 92 13.97 -6.29 8.49
N GLN A 93 15.11 -5.85 8.04
CA GLN A 93 15.36 -4.38 7.99
C GLN A 93 14.49 -3.76 6.90
N MET A 94 14.33 -4.45 5.80
CA MET A 94 13.48 -3.91 4.69
C MET A 94 12.24 -3.22 5.29
N VAL A 95 11.81 -3.66 6.44
CA VAL A 95 10.62 -3.03 7.07
C VAL A 95 10.86 -1.53 7.24
N GLN A 96 12.09 -1.15 7.45
CA GLN A 96 12.40 0.30 7.63
C GLN A 96 12.30 1.01 6.29
N GLN A 97 13.30 0.88 5.45
CA GLN A 97 13.26 1.55 4.12
C GLN A 97 11.86 1.37 3.54
N PHE A 98 11.29 0.21 3.66
CA PHE A 98 9.93 -0.02 3.11
C PHE A 98 8.94 0.88 3.86
N LYS A 99 8.90 0.76 5.16
CA LYS A 99 7.98 1.62 5.94
C LYS A 99 8.27 3.09 5.63
N ARG A 100 9.50 3.38 5.32
CA ARG A 100 9.86 4.79 4.99
C ARG A 100 9.25 5.17 3.65
N GLU A 101 9.56 4.45 2.61
CA GLU A 101 8.96 4.77 1.28
C GLU A 101 7.44 4.73 1.40
N LEU A 102 6.93 3.85 2.21
CA LEU A 102 5.45 3.77 2.37
C LEU A 102 4.93 5.13 2.81
N MET A 103 5.57 5.75 3.77
CA MET A 103 5.11 7.08 4.23
C MET A 103 5.03 8.03 3.03
N SER A 104 5.85 7.81 2.03
CA SER A 104 5.82 8.68 0.83
C SER A 104 4.68 8.25 -0.10
N LEU A 105 4.38 6.98 -0.14
CA LEU A 105 3.29 6.50 -1.03
C LEU A 105 2.08 7.43 -0.93
N PRO A 106 1.65 7.78 0.30
CA PRO A 106 0.51 8.67 0.50
C PRO A 106 0.80 10.08 0.00
N GLN A 107 2.02 10.31 -0.42
CA GLN A 107 2.38 11.67 -0.94
C GLN A 107 2.13 11.69 -2.45
N GLN A 108 2.59 10.69 -3.15
CA GLN A 108 2.39 10.66 -4.63
C GLN A 108 0.90 10.88 -4.93
N CYS A 109 0.04 10.63 -3.97
CA CYS A 109 -1.41 10.81 -4.21
C CYS A 109 -1.97 11.83 -3.20
N ASN A 110 -1.11 12.41 -2.41
CA ASN A 110 -1.58 13.41 -1.40
C ASN A 110 -2.46 12.71 -0.36
N PHE A 111 -2.43 11.40 -0.32
CA PHE A 111 -3.26 10.67 0.68
C PHE A 111 -2.59 10.76 2.05
N ARG A 112 -2.31 11.96 2.51
CA ARG A 112 -1.67 12.11 3.84
C ARG A 112 -2.32 11.17 4.84
N ALA A 113 -3.61 10.98 4.74
CA ALA A 113 -4.32 10.08 5.68
C ALA A 113 -4.13 10.58 7.11
N PRO A 114 -5.25 10.78 7.84
CA PRO A 114 -5.22 11.26 9.22
C PRO A 114 -4.67 10.20 10.18
N GLN A 115 -4.70 8.96 9.79
CA GLN A 115 -4.17 7.88 10.68
C GLN A 115 -3.22 6.98 9.89
N ARG A 116 -2.30 6.35 10.56
CA ARG A 116 -1.34 5.46 9.85
C ARG A 116 -1.69 4.00 10.16
N CYS A 117 -2.78 3.77 10.85
CA CYS A 117 -3.16 2.36 11.18
C CYS A 117 -2.01 1.69 11.93
N ASP A 118 -2.02 1.75 13.23
CA ASP A 118 -0.93 1.11 14.01
C ASP A 118 -1.41 -0.23 14.57
N LEU A 119 -2.43 -0.79 13.99
CA LEU A 119 -2.95 -2.09 14.49
C LEU A 119 -2.28 -3.23 13.72
N ASP A 120 -1.60 -4.11 14.42
CA ASP A 120 -0.93 -5.24 13.73
C ASP A 120 -1.65 -6.54 14.09
N VAL A 121 -2.91 -6.47 14.43
CA VAL A 121 -3.66 -7.69 14.79
C VAL A 121 -3.62 -8.68 13.61
N SER A 122 -3.38 -8.19 12.43
CA SER A 122 -3.33 -9.09 11.24
C SER A 122 -2.01 -9.85 11.22
N GLY A 123 -1.94 -10.93 10.49
CA GLY A 123 -0.67 -11.71 10.43
C GLY A 123 -0.33 -11.99 8.96
N GLY A 124 0.88 -12.40 8.70
CA GLY A 124 1.27 -12.70 7.30
C GLY A 124 2.19 -13.93 7.27
N ARG A 125 2.95 -14.10 6.22
CA ARG A 125 3.87 -15.27 6.14
C ARG A 125 5.16 -14.96 6.89
N CYS A 126 5.72 -13.80 6.68
CA CYS A 126 6.98 -13.44 7.38
C CYS A 126 6.66 -12.78 8.72
N SER A 127 5.48 -13.02 9.24
CA SER A 127 5.10 -12.41 10.55
C SER A 127 6.21 -12.64 11.56
#